data_6XNJ
# 
_entry.id   6XNJ 
# 
_audit_conform.dict_name       mmcif_pdbx.dic 
_audit_conform.dict_version    5.398 
_audit_conform.dict_location   http://mmcif.pdb.org/dictionaries/ascii/mmcif_pdbx.dic 
# 
loop_
_database_2.database_id 
_database_2.database_code 
_database_2.pdbx_database_accession 
_database_2.pdbx_DOI 
PDB   6XNJ         pdb_00006xnj 10.2210/pdb6xnj/pdb 
WWPDB D_1000250449 ?            ?                   
# 
loop_
_pdbx_audit_revision_history.ordinal 
_pdbx_audit_revision_history.data_content_type 
_pdbx_audit_revision_history.major_revision 
_pdbx_audit_revision_history.minor_revision 
_pdbx_audit_revision_history.revision_date 
1 'Structure model' 1 0 2020-08-12 
2 'Structure model' 1 1 2023-10-18 
3 'Structure model' 1 2 2024-11-06 
# 
_pdbx_audit_revision_details.ordinal             1 
_pdbx_audit_revision_details.revision_ordinal    1 
_pdbx_audit_revision_details.data_content_type   'Structure model' 
_pdbx_audit_revision_details.provider            repository 
_pdbx_audit_revision_details.type                'Initial release' 
_pdbx_audit_revision_details.description         ? 
_pdbx_audit_revision_details.details             ? 
# 
loop_
_pdbx_audit_revision_group.ordinal 
_pdbx_audit_revision_group.revision_ordinal 
_pdbx_audit_revision_group.data_content_type 
_pdbx_audit_revision_group.group 
1 2 'Structure model' 'Data collection'        
2 2 'Structure model' 'Database references'    
3 2 'Structure model' 'Refinement description' 
4 3 'Structure model' 'Structure summary'      
# 
loop_
_pdbx_audit_revision_category.ordinal 
_pdbx_audit_revision_category.revision_ordinal 
_pdbx_audit_revision_category.data_content_type 
_pdbx_audit_revision_category.category 
1 2 'Structure model' chem_comp_atom                
2 2 'Structure model' chem_comp_bond                
3 2 'Structure model' database_2                    
4 2 'Structure model' pdbx_initial_refinement_model 
5 3 'Structure model' pdbx_entry_details            
6 3 'Structure model' pdbx_modification_feature     
# 
loop_
_pdbx_audit_revision_item.ordinal 
_pdbx_audit_revision_item.revision_ordinal 
_pdbx_audit_revision_item.data_content_type 
_pdbx_audit_revision_item.item 
1 2 'Structure model' '_database_2.pdbx_DOI'                         
2 2 'Structure model' '_database_2.pdbx_database_accession'          
3 3 'Structure model' '_pdbx_entry_details.has_protein_modification' 
# 
_pdbx_database_status.status_code                     REL 
_pdbx_database_status.status_code_sf                  REL 
_pdbx_database_status.status_code_mr                  ? 
_pdbx_database_status.entry_id                        6XNJ 
_pdbx_database_status.recvd_initial_deposition_date   2020-07-03 
_pdbx_database_status.SG_entry                        Y 
_pdbx_database_status.deposit_site                    RCSB 
_pdbx_database_status.process_site                    RCSB 
_pdbx_database_status.status_code_cs                  ? 
_pdbx_database_status.status_code_nmr_data            ? 
_pdbx_database_status.methods_development_category    ? 
_pdbx_database_status.pdb_format_compatible           Y 
# 
_pdbx_database_related.db_name        TargetTrack 
_pdbx_database_related.db_id          CSGID-IDP91570 
_pdbx_database_related.content_type   unspecified 
_pdbx_database_related.details        . 
# 
loop_
_audit_author.name 
_audit_author.pdbx_ordinal 
_audit_author.identifier_ORCID 
'Stogios, P.J.'                                                 1 ? 
'Skarina, T.'                                                   2 ? 
'Popov, G.'                                                     3 ? 
'Chang, C.'                                                     4 ? 
'Savchenko, A.'                                                 5 ? 
'Joachimiak, A.'                                                6 ? 
'Satchell, K.J.F.'                                              7 ? 
'Center for Structural Genomics of Infectious Diseases (CSGID)' 8 ? 
# 
_citation.abstract                  ? 
_citation.abstract_id_CAS           ? 
_citation.book_id_ISBN              ? 
_citation.book_publisher            ? 
_citation.book_publisher_city       ? 
_citation.book_title                ? 
_citation.coordinate_linkage        ? 
_citation.country                   ? 
_citation.database_id_Medline       ? 
_citation.details                   ? 
_citation.id                        primary 
_citation.journal_abbrev            'To Be Published' 
_citation.journal_id_ASTM           ? 
_citation.journal_id_CSD            0353 
_citation.journal_id_ISSN           ? 
_citation.journal_full              ? 
_citation.journal_issue             ? 
_citation.journal_volume            ? 
_citation.language                  ? 
_citation.page_first                ? 
_citation.page_last                 ? 
_citation.title                     
'Crystal structure of the PDZ domain of human GOPC in complex with a peptide of E. coli O157:H7 str. Sakai effector NleG8' 
_citation.year                      ? 
_citation.database_id_CSD           ? 
_citation.pdbx_database_id_DOI      ? 
_citation.pdbx_database_id_PubMed   ? 
_citation.unpublished_flag          ? 
# 
_citation_author.citation_id        primary 
_citation_author.name               'Popov, G.' 
_citation_author.ordinal            1 
_citation_author.identifier_ORCID   ? 
# 
loop_
_entity.id 
_entity.type 
_entity.src_method 
_entity.pdbx_description 
_entity.formula_weight 
_entity.pdbx_number_of_molecules 
_entity.pdbx_ec 
_entity.pdbx_mutation 
_entity.pdbx_fragment 
_entity.details 
1 polymer     man 'Golgi-associated PDZ and coiled-coil motif-containing protein' 9725.110 1   ? ? ? ? 
2 polymer     man 'NleG8 peptide'                                                 1133.342 1   ? ? ? ? 
3 non-polymer syn 'SULFATE ION'                                                   96.063   2   ? ? ? ? 
4 water       nat water                                                           18.015   169 ? ? ? ? 
# 
_entity_name_com.entity_id   1 
_entity_name_com.name        'CFTR-associated ligand,Fused in glioblastoma,PDZ protein interacting specifically with TC10,PIST' 
# 
loop_
_entity_poly.entity_id 
_entity_poly.type 
_entity_poly.nstd_linkage 
_entity_poly.nstd_monomer 
_entity_poly.pdbx_seq_one_letter_code 
_entity_poly.pdbx_seq_one_letter_code_can 
_entity_poly.pdbx_strand_id 
_entity_poly.pdbx_target_identifier 
1 'polypeptide(L)' no no 
;SQGVGPIRKVLLLKEDHEGLGISITGGKEHGVPILISEIHPGQPADRCGGLHVGDAILAVNGVNLRDTKHKEAVTILSQQ
RGEIEFEVVYV
;
;SQGVGPIRKVLLLKEDHEGLGISITGGKEHGVPILISEIHPGQPADRCGGLHVGDAILAVNGVNLRDTKHKEAVTILSQQ
RGEIEFEVVYV
;
A ?              
2 'polypeptide(L)' no no LATQNICTRI                                                                                     LATQNICTRI 
B CSGID-IDP91570 
# 
loop_
_pdbx_entity_nonpoly.entity_id 
_pdbx_entity_nonpoly.name 
_pdbx_entity_nonpoly.comp_id 
3 'SULFATE ION' SO4 
4 water         HOH 
# 
loop_
_entity_poly_seq.entity_id 
_entity_poly_seq.num 
_entity_poly_seq.mon_id 
_entity_poly_seq.hetero 
1 1  SER n 
1 2  GLN n 
1 3  GLY n 
1 4  VAL n 
1 5  GLY n 
1 6  PRO n 
1 7  ILE n 
1 8  ARG n 
1 9  LYS n 
1 10 VAL n 
1 11 LEU n 
1 12 LEU n 
1 13 LEU n 
1 14 LYS n 
1 15 GLU n 
1 16 ASP n 
1 17 HIS n 
1 18 GLU n 
1 19 GLY n 
1 20 LEU n 
1 21 GLY n 
1 22 ILE n 
1 23 SER n 
1 24 ILE n 
1 25 THR n 
1 26 GLY n 
1 27 GLY n 
1 28 LYS n 
1 29 GLU n 
1 30 HIS n 
1 31 GLY n 
1 32 VAL n 
1 33 PRO n 
1 34 ILE n 
1 35 LEU n 
1 36 ILE n 
1 37 SER n 
1 38 GLU n 
1 39 ILE n 
1 40 HIS n 
1 41 PRO n 
1 42 GLY n 
1 43 GLN n 
1 44 PRO n 
1 45 ALA n 
1 46 ASP n 
1 47 ARG n 
1 48 CYS n 
1 49 GLY n 
1 50 GLY n 
1 51 LEU n 
1 52 HIS n 
1 53 VAL n 
1 54 GLY n 
1 55 ASP n 
1 56 ALA n 
1 57 ILE n 
1 58 LEU n 
1 59 ALA n 
1 60 VAL n 
1 61 ASN n 
1 62 GLY n 
1 63 VAL n 
1 64 ASN n 
1 65 LEU n 
1 66 ARG n 
1 67 ASP n 
1 68 THR n 
1 69 LYS n 
1 70 HIS n 
1 71 LYS n 
1 72 GLU n 
1 73 ALA n 
1 74 VAL n 
1 75 THR n 
1 76 ILE n 
1 77 LEU n 
1 78 SER n 
1 79 GLN n 
1 80 GLN n 
1 81 ARG n 
1 82 GLY n 
1 83 GLU n 
1 84 ILE n 
1 85 GLU n 
1 86 PHE n 
1 87 GLU n 
1 88 VAL n 
1 89 VAL n 
1 90 TYR n 
1 91 VAL n 
2 1  LEU n 
2 2  ALA n 
2 3  THR n 
2 4  GLN n 
2 5  ASN n 
2 6  ILE n 
2 7  CYS n 
2 8  THR n 
2 9  ARG n 
2 10 ILE n 
# 
loop_
_entity_src_gen.entity_id 
_entity_src_gen.pdbx_src_id 
_entity_src_gen.pdbx_alt_source_flag 
_entity_src_gen.pdbx_seq_type 
_entity_src_gen.pdbx_beg_seq_num 
_entity_src_gen.pdbx_end_seq_num 
_entity_src_gen.gene_src_common_name 
_entity_src_gen.gene_src_genus 
_entity_src_gen.pdbx_gene_src_gene 
_entity_src_gen.gene_src_species 
_entity_src_gen.gene_src_strain 
_entity_src_gen.gene_src_tissue 
_entity_src_gen.gene_src_tissue_fraction 
_entity_src_gen.gene_src_details 
_entity_src_gen.pdbx_gene_src_fragment 
_entity_src_gen.pdbx_gene_src_scientific_name 
_entity_src_gen.pdbx_gene_src_ncbi_taxonomy_id 
_entity_src_gen.pdbx_gene_src_variant 
_entity_src_gen.pdbx_gene_src_cell_line 
_entity_src_gen.pdbx_gene_src_atcc 
_entity_src_gen.pdbx_gene_src_organ 
_entity_src_gen.pdbx_gene_src_organelle 
_entity_src_gen.pdbx_gene_src_cell 
_entity_src_gen.pdbx_gene_src_cellular_location 
_entity_src_gen.host_org_common_name 
_entity_src_gen.pdbx_host_org_scientific_name 
_entity_src_gen.pdbx_host_org_ncbi_taxonomy_id 
_entity_src_gen.host_org_genus 
_entity_src_gen.pdbx_host_org_gene 
_entity_src_gen.pdbx_host_org_organ 
_entity_src_gen.host_org_species 
_entity_src_gen.pdbx_host_org_tissue 
_entity_src_gen.pdbx_host_org_tissue_fraction 
_entity_src_gen.pdbx_host_org_strain 
_entity_src_gen.pdbx_host_org_variant 
_entity_src_gen.pdbx_host_org_cell_line 
_entity_src_gen.pdbx_host_org_atcc 
_entity_src_gen.pdbx_host_org_culture_collection 
_entity_src_gen.pdbx_host_org_cell 
_entity_src_gen.pdbx_host_org_organelle 
_entity_src_gen.pdbx_host_org_cellular_location 
_entity_src_gen.pdbx_host_org_vector_type 
_entity_src_gen.pdbx_host_org_vector 
_entity_src_gen.host_org_details 
_entity_src_gen.expression_system_id 
_entity_src_gen.plasmid_name 
_entity_src_gen.plasmid_details 
_entity_src_gen.pdbx_description 
1 1 sample 'Biological sequence' 1 91 Human ? 'GOPC, CAL, FIG' ? ?                      ? ? ? ? 'Homo sapiens' 9606   ? ? ? ? ? ? 
? ? 'Escherichia coli BL21(DE3)' 469008 ? ? ? ? ? ? 'BL21(DE3)' -Magic ? ? ? ? ? ? plasmid ? ? ? pMCSG53 ? ? 
2 1 sample 'Biological sequence' 1 10 ?     ? NleG8            ? 'O157:H7 strain Sakai' ? ? ? ? 
'Escherichia coli O157:H7 str. Sakai' 386585 ? ? ? ? ? ? ? ? 'Escherichia coli'           562    ? ? ? ? ? ? ?           ?      ? 
? ? ? ? ? ?       ? ? ? ?       ? ? 
# 
loop_
_chem_comp.id 
_chem_comp.type 
_chem_comp.mon_nstd_flag 
_chem_comp.name 
_chem_comp.pdbx_synonyms 
_chem_comp.formula 
_chem_comp.formula_weight 
ALA 'L-peptide linking' y ALANINE         ? 'C3 H7 N O2'     89.093  
ARG 'L-peptide linking' y ARGININE        ? 'C6 H15 N4 O2 1' 175.209 
ASN 'L-peptide linking' y ASPARAGINE      ? 'C4 H8 N2 O3'    132.118 
ASP 'L-peptide linking' y 'ASPARTIC ACID' ? 'C4 H7 N O4'     133.103 
CYS 'L-peptide linking' y CYSTEINE        ? 'C3 H7 N O2 S'   121.158 
GLN 'L-peptide linking' y GLUTAMINE       ? 'C5 H10 N2 O3'   146.144 
GLU 'L-peptide linking' y 'GLUTAMIC ACID' ? 'C5 H9 N O4'     147.129 
GLY 'peptide linking'   y GLYCINE         ? 'C2 H5 N O2'     75.067  
HIS 'L-peptide linking' y HISTIDINE       ? 'C6 H10 N3 O2 1' 156.162 
HOH non-polymer         . WATER           ? 'H2 O'           18.015  
ILE 'L-peptide linking' y ISOLEUCINE      ? 'C6 H13 N O2'    131.173 
LEU 'L-peptide linking' y LEUCINE         ? 'C6 H13 N O2'    131.173 
LYS 'L-peptide linking' y LYSINE          ? 'C6 H15 N2 O2 1' 147.195 
PHE 'L-peptide linking' y PHENYLALANINE   ? 'C9 H11 N O2'    165.189 
PRO 'L-peptide linking' y PROLINE         ? 'C5 H9 N O2'     115.130 
SER 'L-peptide linking' y SERINE          ? 'C3 H7 N O3'     105.093 
SO4 non-polymer         . 'SULFATE ION'   ? 'O4 S -2'        96.063  
THR 'L-peptide linking' y THREONINE       ? 'C4 H9 N O3'     119.119 
TYR 'L-peptide linking' y TYROSINE        ? 'C9 H11 N O3'    181.189 
VAL 'L-peptide linking' y VALINE          ? 'C5 H11 N O2'    117.146 
# 
loop_
_pdbx_poly_seq_scheme.asym_id 
_pdbx_poly_seq_scheme.entity_id 
_pdbx_poly_seq_scheme.seq_id 
_pdbx_poly_seq_scheme.mon_id 
_pdbx_poly_seq_scheme.ndb_seq_num 
_pdbx_poly_seq_scheme.pdb_seq_num 
_pdbx_poly_seq_scheme.auth_seq_num 
_pdbx_poly_seq_scheme.pdb_mon_id 
_pdbx_poly_seq_scheme.auth_mon_id 
_pdbx_poly_seq_scheme.pdb_strand_id 
_pdbx_poly_seq_scheme.pdb_ins_code 
_pdbx_poly_seq_scheme.hetero 
A 1 1  SER 1  272 ?   ?   ?   A . n 
A 1 2  GLN 2  273 ?   ?   ?   A . n 
A 1 3  GLY 3  274 ?   ?   ?   A . n 
A 1 4  VAL 4  275 ?   ?   ?   A . n 
A 1 5  GLY 5  276 276 GLY GLY A . n 
A 1 6  PRO 6  277 277 PRO PRO A . n 
A 1 7  ILE 7  278 278 ILE ILE A . n 
A 1 8  ARG 8  279 279 ARG ARG A . n 
A 1 9  LYS 9  280 280 LYS LYS A . n 
A 1 10 VAL 10 281 281 VAL VAL A . n 
A 1 11 LEU 11 282 282 LEU LEU A . n 
A 1 12 LEU 12 283 283 LEU LEU A . n 
A 1 13 LEU 13 284 284 LEU LEU A . n 
A 1 14 LYS 14 285 285 LYS LYS A . n 
A 1 15 GLU 15 286 286 GLU GLU A . n 
A 1 16 ASP 16 287 287 ASP ASP A . n 
A 1 17 HIS 17 288 288 HIS HIS A . n 
A 1 18 GLU 18 289 289 GLU GLU A . n 
A 1 19 GLY 19 290 290 GLY GLY A . n 
A 1 20 LEU 20 291 291 LEU LEU A . n 
A 1 21 GLY 21 292 292 GLY GLY A . n 
A 1 22 ILE 22 293 293 ILE ILE A . n 
A 1 23 SER 23 294 294 SER SER A . n 
A 1 24 ILE 24 295 295 ILE ILE A . n 
A 1 25 THR 25 296 296 THR THR A . n 
A 1 26 GLY 26 297 297 GLY GLY A . n 
A 1 27 GLY 27 298 298 GLY GLY A . n 
A 1 28 LYS 28 299 299 LYS LYS A . n 
A 1 29 GLU 29 300 300 GLU GLU A . n 
A 1 30 HIS 30 301 301 HIS HIS A . n 
A 1 31 GLY 31 302 302 GLY GLY A . n 
A 1 32 VAL 32 303 303 VAL VAL A . n 
A 1 33 PRO 33 304 304 PRO PRO A . n 
A 1 34 ILE 34 305 305 ILE ILE A . n 
A 1 35 LEU 35 306 306 LEU LEU A . n 
A 1 36 ILE 36 307 307 ILE ILE A . n 
A 1 37 SER 37 308 308 SER SER A . n 
A 1 38 GLU 38 309 309 GLU GLU A . n 
A 1 39 ILE 39 310 310 ILE ILE A . n 
A 1 40 HIS 40 311 311 HIS HIS A . n 
A 1 41 PRO 41 312 312 PRO PRO A . n 
A 1 42 GLY 42 313 313 GLY GLY A . n 
A 1 43 GLN 43 314 314 GLN GLN A . n 
A 1 44 PRO 44 315 315 PRO PRO A . n 
A 1 45 ALA 45 316 316 ALA ALA A . n 
A 1 46 ASP 46 317 317 ASP ASP A . n 
A 1 47 ARG 47 318 318 ARG ARG A . n 
A 1 48 CYS 48 319 319 CYS CYS A . n 
A 1 49 GLY 49 320 320 GLY GLY A . n 
A 1 50 GLY 50 321 321 GLY GLY A . n 
A 1 51 LEU 51 322 322 LEU LEU A . n 
A 1 52 HIS 52 323 323 HIS HIS A . n 
A 1 53 VAL 53 324 324 VAL VAL A . n 
A 1 54 GLY 54 325 325 GLY GLY A . n 
A 1 55 ASP 55 326 326 ASP ASP A . n 
A 1 56 ALA 56 327 327 ALA ALA A . n 
A 1 57 ILE 57 328 328 ILE ILE A . n 
A 1 58 LEU 58 329 329 LEU LEU A . n 
A 1 59 ALA 59 330 330 ALA ALA A . n 
A 1 60 VAL 60 331 331 VAL VAL A . n 
A 1 61 ASN 61 332 332 ASN ASN A . n 
A 1 62 GLY 62 333 333 GLY GLY A . n 
A 1 63 VAL 63 334 334 VAL VAL A . n 
A 1 64 ASN 64 335 335 ASN ASN A . n 
A 1 65 LEU 65 336 336 LEU LEU A . n 
A 1 66 ARG 66 337 337 ARG ARG A . n 
A 1 67 ASP 67 338 338 ASP ASP A . n 
A 1 68 THR 68 339 339 THR THR A . n 
A 1 69 LYS 69 340 340 LYS LYS A . n 
A 1 70 HIS 70 341 341 HIS HIS A . n 
A 1 71 LYS 71 342 342 LYS LYS A . n 
A 1 72 GLU 72 343 343 GLU GLU A . n 
A 1 73 ALA 73 344 344 ALA ALA A . n 
A 1 74 VAL 74 345 345 VAL VAL A . n 
A 1 75 THR 75 346 346 THR THR A . n 
A 1 76 ILE 76 347 347 ILE ILE A . n 
A 1 77 LEU 77 348 348 LEU LEU A . n 
A 1 78 SER 78 349 349 SER SER A . n 
A 1 79 GLN 79 350 350 GLN GLN A . n 
A 1 80 GLN 80 351 351 GLN GLN A . n 
A 1 81 ARG 81 352 352 ARG ARG A . n 
A 1 82 GLY 82 353 353 GLY GLY A . n 
A 1 83 GLU 83 354 354 GLU GLU A . n 
A 1 84 ILE 84 355 355 ILE ILE A . n 
A 1 85 GLU 85 356 356 GLU GLU A . n 
A 1 86 PHE 86 357 357 PHE PHE A . n 
A 1 87 GLU 87 358 358 GLU GLU A . n 
A 1 88 VAL 88 359 359 VAL VAL A . n 
A 1 89 VAL 89 360 360 VAL VAL A . n 
A 1 90 TYR 90 361 361 TYR TYR A . n 
A 1 91 VAL 91 362 362 VAL VAL A . n 
B 2 1  LEU 1  206 ?   ?   ?   B . n 
B 2 2  ALA 2  207 ?   ?   ?   B . n 
B 2 3  THR 3  208 208 THR THR B . n 
B 2 4  GLN 4  209 209 GLN GLN B . n 
B 2 5  ASN 5  210 210 ASN ASN B . n 
B 2 6  ILE 6  211 211 ILE ILE B . n 
B 2 7  CYS 7  212 212 CYS CYS B . n 
B 2 8  THR 8  213 213 THR THR B . n 
B 2 9  ARG 9  214 214 ARG ARG B . n 
B 2 10 ILE 10 215 215 ILE ILE B . n 
# 
loop_
_pdbx_nonpoly_scheme.asym_id 
_pdbx_nonpoly_scheme.entity_id 
_pdbx_nonpoly_scheme.mon_id 
_pdbx_nonpoly_scheme.ndb_seq_num 
_pdbx_nonpoly_scheme.pdb_seq_num 
_pdbx_nonpoly_scheme.auth_seq_num 
_pdbx_nonpoly_scheme.pdb_mon_id 
_pdbx_nonpoly_scheme.auth_mon_id 
_pdbx_nonpoly_scheme.pdb_strand_id 
_pdbx_nonpoly_scheme.pdb_ins_code 
C 3 SO4 1   401 1   SO4 SO4 A . 
D 3 SO4 1   301 2   SO4 SO4 B . 
E 4 HOH 1   501 71  HOH HOH A . 
E 4 HOH 2   502 10  HOH HOH A . 
E 4 HOH 3   503 82  HOH HOH A . 
E 4 HOH 4   504 45  HOH HOH A . 
E 4 HOH 5   505 95  HOH HOH A . 
E 4 HOH 6   506 38  HOH HOH A . 
E 4 HOH 7   507 23  HOH HOH A . 
E 4 HOH 8   508 56  HOH HOH A . 
E 4 HOH 9   509 61  HOH HOH A . 
E 4 HOH 10  510 67  HOH HOH A . 
E 4 HOH 11  511 164 HOH HOH A . 
E 4 HOH 12  512 5   HOH HOH A . 
E 4 HOH 13  513 149 HOH HOH A . 
E 4 HOH 14  514 42  HOH HOH A . 
E 4 HOH 15  515 7   HOH HOH A . 
E 4 HOH 16  516 13  HOH HOH A . 
E 4 HOH 17  517 55  HOH HOH A . 
E 4 HOH 18  518 26  HOH HOH A . 
E 4 HOH 19  519 174 HOH HOH A . 
E 4 HOH 20  520 25  HOH HOH A . 
E 4 HOH 21  521 4   HOH HOH A . 
E 4 HOH 22  522 66  HOH HOH A . 
E 4 HOH 23  523 36  HOH HOH A . 
E 4 HOH 24  524 91  HOH HOH A . 
E 4 HOH 25  525 6   HOH HOH A . 
E 4 HOH 26  526 1   HOH HOH A . 
E 4 HOH 27  527 97  HOH HOH A . 
E 4 HOH 28  528 21  HOH HOH A . 
E 4 HOH 29  529 93  HOH HOH A . 
E 4 HOH 30  530 20  HOH HOH A . 
E 4 HOH 31  531 44  HOH HOH A . 
E 4 HOH 32  532 96  HOH HOH A . 
E 4 HOH 33  533 8   HOH HOH A . 
E 4 HOH 34  534 32  HOH HOH A . 
E 4 HOH 35  535 105 HOH HOH A . 
E 4 HOH 36  536 2   HOH HOH A . 
E 4 HOH 37  537 59  HOH HOH A . 
E 4 HOH 38  538 76  HOH HOH A . 
E 4 HOH 39  539 46  HOH HOH A . 
E 4 HOH 40  540 84  HOH HOH A . 
E 4 HOH 41  541 73  HOH HOH A . 
E 4 HOH 42  542 53  HOH HOH A . 
E 4 HOH 43  543 3   HOH HOH A . 
E 4 HOH 44  544 29  HOH HOH A . 
E 4 HOH 45  545 136 HOH HOH A . 
E 4 HOH 46  546 9   HOH HOH A . 
E 4 HOH 47  547 58  HOH HOH A . 
E 4 HOH 48  548 11  HOH HOH A . 
E 4 HOH 49  549 34  HOH HOH A . 
E 4 HOH 50  550 39  HOH HOH A . 
E 4 HOH 51  551 28  HOH HOH A . 
E 4 HOH 52  552 57  HOH HOH A . 
E 4 HOH 53  553 74  HOH HOH A . 
E 4 HOH 54  554 49  HOH HOH A . 
E 4 HOH 55  555 72  HOH HOH A . 
E 4 HOH 56  556 37  HOH HOH A . 
E 4 HOH 57  557 154 HOH HOH A . 
E 4 HOH 58  558 108 HOH HOH A . 
E 4 HOH 59  559 17  HOH HOH A . 
E 4 HOH 60  560 89  HOH HOH A . 
E 4 HOH 61  561 109 HOH HOH A . 
E 4 HOH 62  562 35  HOH HOH A . 
E 4 HOH 63  563 54  HOH HOH A . 
E 4 HOH 64  564 81  HOH HOH A . 
E 4 HOH 65  565 107 HOH HOH A . 
E 4 HOH 66  566 48  HOH HOH A . 
E 4 HOH 67  567 31  HOH HOH A . 
E 4 HOH 68  568 156 HOH HOH A . 
E 4 HOH 69  569 78  HOH HOH A . 
E 4 HOH 70  570 27  HOH HOH A . 
E 4 HOH 71  571 135 HOH HOH A . 
E 4 HOH 72  572 22  HOH HOH A . 
E 4 HOH 73  573 16  HOH HOH A . 
E 4 HOH 74  574 60  HOH HOH A . 
E 4 HOH 75  575 139 HOH HOH A . 
E 4 HOH 76  576 122 HOH HOH A . 
E 4 HOH 77  577 161 HOH HOH A . 
E 4 HOH 78  578 165 HOH HOH A . 
E 4 HOH 79  579 127 HOH HOH A . 
E 4 HOH 80  580 64  HOH HOH A . 
E 4 HOH 81  581 33  HOH HOH A . 
E 4 HOH 82  582 116 HOH HOH A . 
E 4 HOH 83  583 134 HOH HOH A . 
E 4 HOH 84  584 124 HOH HOH A . 
E 4 HOH 85  585 14  HOH HOH A . 
E 4 HOH 86  586 77  HOH HOH A . 
E 4 HOH 87  587 119 HOH HOH A . 
E 4 HOH 88  588 88  HOH HOH A . 
E 4 HOH 89  589 101 HOH HOH A . 
E 4 HOH 90  590 132 HOH HOH A . 
E 4 HOH 91  591 85  HOH HOH A . 
E 4 HOH 92  592 152 HOH HOH A . 
E 4 HOH 93  593 123 HOH HOH A . 
E 4 HOH 94  594 30  HOH HOH A . 
E 4 HOH 95  595 153 HOH HOH A . 
E 4 HOH 96  596 148 HOH HOH A . 
E 4 HOH 97  597 75  HOH HOH A . 
E 4 HOH 98  598 83  HOH HOH A . 
E 4 HOH 99  599 12  HOH HOH A . 
E 4 HOH 100 600 151 HOH HOH A . 
E 4 HOH 101 601 43  HOH HOH A . 
E 4 HOH 102 602 157 HOH HOH A . 
E 4 HOH 103 603 90  HOH HOH A . 
E 4 HOH 104 604 145 HOH HOH A . 
E 4 HOH 105 605 99  HOH HOH A . 
E 4 HOH 106 606 150 HOH HOH A . 
E 4 HOH 107 607 110 HOH HOH A . 
E 4 HOH 108 608 113 HOH HOH A . 
E 4 HOH 109 609 102 HOH HOH A . 
E 4 HOH 110 610 162 HOH HOH A . 
E 4 HOH 111 611 106 HOH HOH A . 
E 4 HOH 112 612 167 HOH HOH A . 
E 4 HOH 113 613 130 HOH HOH A . 
E 4 HOH 114 614 158 HOH HOH A . 
E 4 HOH 115 615 133 HOH HOH A . 
E 4 HOH 116 616 18  HOH HOH A . 
E 4 HOH 117 617 173 HOH HOH A . 
E 4 HOH 118 618 94  HOH HOH A . 
E 4 HOH 119 619 114 HOH HOH A . 
E 4 HOH 120 620 171 HOH HOH A . 
E 4 HOH 121 621 104 HOH HOH A . 
E 4 HOH 122 622 170 HOH HOH A . 
E 4 HOH 123 623 86  HOH HOH A . 
E 4 HOH 124 624 47  HOH HOH A . 
E 4 HOH 125 625 169 HOH HOH A . 
E 4 HOH 126 626 147 HOH HOH A . 
E 4 HOH 127 627 117 HOH HOH A . 
E 4 HOH 128 628 172 HOH HOH A . 
E 4 HOH 129 629 51  HOH HOH A . 
E 4 HOH 130 630 155 HOH HOH A . 
E 4 HOH 131 631 166 HOH HOH A . 
E 4 HOH 132 632 159 HOH HOH A . 
E 4 HOH 133 633 131 HOH HOH A . 
E 4 HOH 134 634 121 HOH HOH A . 
E 4 HOH 135 635 129 HOH HOH A . 
E 4 HOH 136 636 19  HOH HOH A . 
E 4 HOH 137 637 168 HOH HOH A . 
E 4 HOH 138 638 120 HOH HOH A . 
E 4 HOH 139 639 140 HOH HOH A . 
E 4 HOH 140 640 100 HOH HOH A . 
E 4 HOH 141 641 144 HOH HOH A . 
E 4 HOH 142 642 92  HOH HOH A . 
E 4 HOH 143 643 177 HOH HOH A . 
E 4 HOH 144 644 115 HOH HOH A . 
E 4 HOH 145 645 103 HOH HOH A . 
E 4 HOH 146 646 65  HOH HOH A . 
E 4 HOH 147 647 118 HOH HOH A . 
F 4 HOH 1   401 79  HOH HOH B . 
F 4 HOH 2   402 24  HOH HOH B . 
F 4 HOH 3   403 62  HOH HOH B . 
F 4 HOH 4   404 176 HOH HOH B . 
F 4 HOH 5   405 175 HOH HOH B . 
F 4 HOH 6   406 41  HOH HOH B . 
F 4 HOH 7   407 52  HOH HOH B . 
F 4 HOH 8   408 160 HOH HOH B . 
F 4 HOH 9   409 50  HOH HOH B . 
F 4 HOH 10  410 70  HOH HOH B . 
F 4 HOH 11  411 111 HOH HOH B . 
F 4 HOH 12  412 80  HOH HOH B . 
F 4 HOH 13  413 15  HOH HOH B . 
F 4 HOH 14  414 68  HOH HOH B . 
F 4 HOH 15  415 69  HOH HOH B . 
F 4 HOH 16  416 146 HOH HOH B . 
F 4 HOH 17  417 137 HOH HOH B . 
F 4 HOH 18  418 142 HOH HOH B . 
F 4 HOH 19  419 112 HOH HOH B . 
F 4 HOH 20  420 138 HOH HOH B . 
F 4 HOH 21  421 63  HOH HOH B . 
F 4 HOH 22  422 128 HOH HOH B . 
# 
loop_
_software.citation_id 
_software.classification 
_software.compiler_name 
_software.compiler_version 
_software.contact_author 
_software.contact_author_email 
_software.date 
_software.description 
_software.dependencies 
_software.hardware 
_software.language 
_software.location 
_software.mods 
_software.name 
_software.os 
_software.os_version 
_software.type 
_software.version 
_software.pdbx_ordinal 
? refinement       ? ? ? ? ? ? ? ? ? ? ? PHENIX   ? ? ? 1.15_3448 1 
? 'data reduction' ? ? ? ? ? ? ? ? ? ? ? HKL-3000 ? ? ? .         2 
? 'data scaling'   ? ? ? ? ? ? ? ? ? ? ? HKL-3000 ? ? ? .         3 
? phasing          ? ? ? ? ? ? ? ? ? ? ? PHENIX   ? ? ? .         4 
? 'model building' ? ? ? ? ? ? ? ? ? ? ? PHENIX   ? ? ? .         5 
? 'model building' ? ? ? ? ? ? ? ? ? ? ? Coot     ? ? ? .         6 
# 
_cell.angle_alpha                  90.000 
_cell.angle_alpha_esd              ? 
_cell.angle_beta                   90.000 
_cell.angle_beta_esd               ? 
_cell.angle_gamma                  120.000 
_cell.angle_gamma_esd              ? 
_cell.entry_id                     6XNJ 
_cell.details                      ? 
_cell.formula_units_Z              ? 
_cell.length_a                     68.759 
_cell.length_a_esd                 ? 
_cell.length_b                     68.759 
_cell.length_b_esd                 ? 
_cell.length_c                     59.941 
_cell.length_c_esd                 ? 
_cell.volume                       245422.129 
_cell.volume_esd                   ? 
_cell.Z_PDB                        6 
_cell.reciprocal_angle_alpha       ? 
_cell.reciprocal_angle_beta        ? 
_cell.reciprocal_angle_gamma       ? 
_cell.reciprocal_angle_alpha_esd   ? 
_cell.reciprocal_angle_beta_esd    ? 
_cell.reciprocal_angle_gamma_esd   ? 
_cell.reciprocal_length_a          ? 
_cell.reciprocal_length_b          ? 
_cell.reciprocal_length_c          ? 
_cell.reciprocal_length_a_esd      ? 
_cell.reciprocal_length_b_esd      ? 
_cell.reciprocal_length_c_esd      ? 
_cell.pdbx_unique_axis             ? 
# 
_symmetry.entry_id                         6XNJ 
_symmetry.cell_setting                     ? 
_symmetry.Int_Tables_number                154 
_symmetry.space_group_name_Hall            
;P 32 2"
;
_symmetry.space_group_name_H-M             'P 32 2 1' 
_symmetry.pdbx_full_space_group_name_H-M   ? 
# 
_exptl.absorpt_coefficient_mu     ? 
_exptl.absorpt_correction_T_max   ? 
_exptl.absorpt_correction_T_min   ? 
_exptl.absorpt_correction_type    ? 
_exptl.absorpt_process_details    ? 
_exptl.entry_id                   6XNJ 
_exptl.crystals_number            1 
_exptl.details                    ? 
_exptl.method                     'X-RAY DIFFRACTION' 
_exptl.method_details             ? 
# 
_exptl_crystal.colour                      ? 
_exptl_crystal.density_diffrn              ? 
_exptl_crystal.density_Matthews            3.77 
_exptl_crystal.density_method              ? 
_exptl_crystal.density_percent_sol         67.35 
_exptl_crystal.description                 ? 
_exptl_crystal.F_000                       ? 
_exptl_crystal.id                          1 
_exptl_crystal.preparation                 ? 
_exptl_crystal.size_max                    ? 
_exptl_crystal.size_mid                    ? 
_exptl_crystal.size_min                    ? 
_exptl_crystal.size_rad                    ? 
_exptl_crystal.colour_lustre               ? 
_exptl_crystal.colour_modifier             ? 
_exptl_crystal.colour_primary              ? 
_exptl_crystal.density_meas                ? 
_exptl_crystal.density_meas_esd            ? 
_exptl_crystal.density_meas_gt             ? 
_exptl_crystal.density_meas_lt             ? 
_exptl_crystal.density_meas_temp           ? 
_exptl_crystal.density_meas_temp_esd       ? 
_exptl_crystal.density_meas_temp_gt        ? 
_exptl_crystal.density_meas_temp_lt        ? 
_exptl_crystal.pdbx_crystal_image_url      ? 
_exptl_crystal.pdbx_crystal_image_format   ? 
_exptl_crystal.pdbx_mosaicity              ? 
_exptl_crystal.pdbx_mosaicity_esd          ? 
# 
_exptl_crystal_grow.apparatus       ? 
_exptl_crystal_grow.atmosphere      ? 
_exptl_crystal_grow.crystal_id      1 
_exptl_crystal_grow.details         ? 
_exptl_crystal_grow.method          'VAPOR DIFFUSION, SITTING DROP' 
_exptl_crystal_grow.method_ref      ? 
_exptl_crystal_grow.pH              7.5 
_exptl_crystal_grow.pressure        ? 
_exptl_crystal_grow.pressure_esd    ? 
_exptl_crystal_grow.seeding         ? 
_exptl_crystal_grow.seeding_ref     ? 
_exptl_crystal_grow.temp            298 
_exptl_crystal_grow.temp_details    ? 
_exptl_crystal_grow.temp_esd        ? 
_exptl_crystal_grow.time            ? 
_exptl_crystal_grow.pdbx_details    '1.5 M ammonium sulfate, 15% sucrose, 0.1 M Hepes pH 7.5, 2 mM peptide' 
_exptl_crystal_grow.pdbx_pH_range   ? 
# 
_diffrn.ambient_environment              ? 
_diffrn.ambient_temp                     100 
_diffrn.ambient_temp_details             ? 
_diffrn.ambient_temp_esd                 ? 
_diffrn.crystal_id                       1 
_diffrn.crystal_support                  ? 
_diffrn.crystal_treatment                ? 
_diffrn.details                          ? 
_diffrn.id                               1 
_diffrn.ambient_pressure                 ? 
_diffrn.ambient_pressure_esd             ? 
_diffrn.ambient_pressure_gt              ? 
_diffrn.ambient_pressure_lt              ? 
_diffrn.ambient_temp_gt                  ? 
_diffrn.ambient_temp_lt                  ? 
_diffrn.pdbx_serial_crystal_experiment   N 
# 
_diffrn_detector.details                      ? 
_diffrn_detector.detector                     PIXEL 
_diffrn_detector.diffrn_id                    1 
_diffrn_detector.type                         'DECTRIS PILATUS3 S 6M' 
_diffrn_detector.area_resol_mean              ? 
_diffrn_detector.dtime                        ? 
_diffrn_detector.pdbx_frames_total            ? 
_diffrn_detector.pdbx_collection_time_total   ? 
_diffrn_detector.pdbx_collection_date         2020-03-19 
_diffrn_detector.pdbx_frequency               ? 
# 
_diffrn_radiation.collimation                      ? 
_diffrn_radiation.diffrn_id                        1 
_diffrn_radiation.filter_edge                      ? 
_diffrn_radiation.inhomogeneity                    ? 
_diffrn_radiation.monochromator                    ? 
_diffrn_radiation.polarisn_norm                    ? 
_diffrn_radiation.polarisn_ratio                   ? 
_diffrn_radiation.probe                            ? 
_diffrn_radiation.type                             ? 
_diffrn_radiation.xray_symbol                      ? 
_diffrn_radiation.wavelength_id                    1 
_diffrn_radiation.pdbx_monochromatic_or_laue_m_l   M 
_diffrn_radiation.pdbx_wavelength_list             ? 
_diffrn_radiation.pdbx_wavelength                  ? 
_diffrn_radiation.pdbx_diffrn_protocol             'SINGLE WAVELENGTH' 
_diffrn_radiation.pdbx_analyzer                    ? 
_diffrn_radiation.pdbx_scattering_type             x-ray 
# 
_diffrn_radiation_wavelength.id           1 
_diffrn_radiation_wavelength.wavelength   0.97918 
_diffrn_radiation_wavelength.wt           1.0 
# 
_diffrn_source.current                     ? 
_diffrn_source.details                     ? 
_diffrn_source.diffrn_id                   1 
_diffrn_source.power                       ? 
_diffrn_source.size                        ? 
_diffrn_source.source                      SYNCHROTRON 
_diffrn_source.target                      ? 
_diffrn_source.type                        'APS BEAMLINE 19-ID' 
_diffrn_source.voltage                     ? 
_diffrn_source.take-off_angle              ? 
_diffrn_source.pdbx_wavelength_list        0.97918 
_diffrn_source.pdbx_wavelength             ? 
_diffrn_source.pdbx_synchrotron_beamline   19-ID 
_diffrn_source.pdbx_synchrotron_site       APS 
# 
_reflns.B_iso_Wilson_estimate            21.49 
_reflns.entry_id                         6XNJ 
_reflns.data_reduction_details           ? 
_reflns.data_reduction_method            ? 
_reflns.d_resolution_high                1.85 
_reflns.d_resolution_low                 35.00 
_reflns.details                          ? 
_reflns.limit_h_max                      ? 
_reflns.limit_h_min                      ? 
_reflns.limit_k_max                      ? 
_reflns.limit_k_min                      ? 
_reflns.limit_l_max                      ? 
_reflns.limit_l_min                      ? 
_reflns.number_all                       ? 
_reflns.number_obs                       14417 
_reflns.observed_criterion               ? 
_reflns.observed_criterion_F_max         ? 
_reflns.observed_criterion_F_min         ? 
_reflns.observed_criterion_I_max         ? 
_reflns.observed_criterion_I_min         ? 
_reflns.observed_criterion_sigma_F       ? 
_reflns.observed_criterion_sigma_I       ? 
_reflns.percent_possible_obs             99.8 
_reflns.R_free_details                   ? 
_reflns.Rmerge_F_all                     ? 
_reflns.Rmerge_F_obs                     ? 
_reflns.Friedel_coverage                 ? 
_reflns.number_gt                        ? 
_reflns.threshold_expression             ? 
_reflns.pdbx_redundancy                  6.5 
_reflns.pdbx_Rmerge_I_obs                0.093 
_reflns.pdbx_Rmerge_I_all                ? 
_reflns.pdbx_Rsym_value                  ? 
_reflns.pdbx_netI_over_av_sigmaI         ? 
_reflns.pdbx_netI_over_sigmaI            18.11 
_reflns.pdbx_res_netI_over_av_sigmaI_2   ? 
_reflns.pdbx_res_netI_over_sigmaI_2      ? 
_reflns.pdbx_chi_squared                 ? 
_reflns.pdbx_scaling_rejects             ? 
_reflns.pdbx_d_res_high_opt              ? 
_reflns.pdbx_d_res_low_opt               ? 
_reflns.pdbx_d_res_opt_method            ? 
_reflns.phase_calculation_details        ? 
_reflns.pdbx_Rrim_I_all                  ? 
_reflns.pdbx_Rpim_I_all                  0.039 
_reflns.pdbx_d_opt                       ? 
_reflns.pdbx_number_measured_all         ? 
_reflns.pdbx_diffrn_id                   1 
_reflns.pdbx_ordinal                     1 
_reflns.pdbx_CC_half                     1.00 
_reflns.pdbx_CC_star                     ? 
_reflns.pdbx_R_split                     ? 
# 
_reflns_shell.d_res_high                  1.85 
_reflns_shell.d_res_low                   1.88 
_reflns_shell.meanI_over_sigI_all         ? 
_reflns_shell.meanI_over_sigI_obs         2.14 
_reflns_shell.number_measured_all         ? 
_reflns_shell.number_measured_obs         ? 
_reflns_shell.number_possible             ? 
_reflns_shell.number_unique_all           ? 
_reflns_shell.number_unique_obs           723 
_reflns_shell.percent_possible_all        99.9 
_reflns_shell.percent_possible_obs        ? 
_reflns_shell.Rmerge_F_all                ? 
_reflns_shell.Rmerge_F_obs                ? 
_reflns_shell.Rmerge_I_all                ? 
_reflns_shell.Rmerge_I_obs                0.679 
_reflns_shell.meanI_over_sigI_gt          ? 
_reflns_shell.meanI_over_uI_all           ? 
_reflns_shell.meanI_over_uI_gt            ? 
_reflns_shell.number_measured_gt          ? 
_reflns_shell.number_unique_gt            ? 
_reflns_shell.percent_possible_gt         ? 
_reflns_shell.Rmerge_F_gt                 ? 
_reflns_shell.Rmerge_I_gt                 ? 
_reflns_shell.pdbx_redundancy             ? 
_reflns_shell.pdbx_Rsym_value             ? 
_reflns_shell.pdbx_chi_squared            ? 
_reflns_shell.pdbx_netI_over_sigmaI_all   ? 
_reflns_shell.pdbx_netI_over_sigmaI_obs   ? 
_reflns_shell.pdbx_Rrim_I_all             ? 
_reflns_shell.pdbx_Rpim_I_all             0.283 
_reflns_shell.pdbx_rejects                ? 
_reflns_shell.pdbx_ordinal                1 
_reflns_shell.pdbx_diffrn_id              1 
_reflns_shell.pdbx_CC_half                0.967 
_reflns_shell.pdbx_CC_star                ? 
_reflns_shell.pdbx_R_split                ? 
# 
_refine.aniso_B[1][1]                            ? 
_refine.aniso_B[1][2]                            ? 
_refine.aniso_B[1][3]                            ? 
_refine.aniso_B[2][2]                            ? 
_refine.aniso_B[2][3]                            ? 
_refine.aniso_B[3][3]                            ? 
_refine.B_iso_max                                ? 
_refine.B_iso_mean                               29.41 
_refine.B_iso_min                                ? 
_refine.correlation_coeff_Fo_to_Fc               ? 
_refine.correlation_coeff_Fo_to_Fc_free          ? 
_refine.details                                  ? 
_refine.diff_density_max                         ? 
_refine.diff_density_max_esd                     ? 
_refine.diff_density_min                         ? 
_refine.diff_density_min_esd                     ? 
_refine.diff_density_rms                         ? 
_refine.diff_density_rms_esd                     ? 
_refine.entry_id                                 6XNJ 
_refine.pdbx_refine_id                           'X-RAY DIFFRACTION' 
_refine.ls_abs_structure_details                 ? 
_refine.ls_abs_structure_Flack                   ? 
_refine.ls_abs_structure_Flack_esd               ? 
_refine.ls_abs_structure_Rogers                  ? 
_refine.ls_abs_structure_Rogers_esd              ? 
_refine.ls_d_res_high                            1.85 
_refine.ls_d_res_low                             34.38 
_refine.ls_extinction_coef                       ? 
_refine.ls_extinction_coef_esd                   ? 
_refine.ls_extinction_expression                 ? 
_refine.ls_extinction_method                     ? 
_refine.ls_goodness_of_fit_all                   ? 
_refine.ls_goodness_of_fit_all_esd               ? 
_refine.ls_goodness_of_fit_obs                   ? 
_refine.ls_goodness_of_fit_obs_esd               ? 
_refine.ls_hydrogen_treatment                    ? 
_refine.ls_matrix_type                           ? 
_refine.ls_number_constraints                    ? 
_refine.ls_number_parameters                     ? 
_refine.ls_number_reflns_all                     ? 
_refine.ls_number_reflns_obs                     14397 
_refine.ls_number_reflns_R_free                  709 
_refine.ls_number_reflns_R_work                  13688 
_refine.ls_number_restraints                     ? 
_refine.ls_percent_reflns_obs                    99.70 
_refine.ls_percent_reflns_R_free                 4.92 
_refine.ls_R_factor_all                          ? 
_refine.ls_R_factor_obs                          0.1627 
_refine.ls_R_factor_R_free                       0.1951 
_refine.ls_R_factor_R_free_error                 ? 
_refine.ls_R_factor_R_free_error_details         ? 
_refine.ls_R_factor_R_work                       0.1611 
_refine.ls_R_Fsqd_factor_obs                     ? 
_refine.ls_R_I_factor_obs                        ? 
_refine.ls_redundancy_reflns_all                 ? 
_refine.ls_redundancy_reflns_obs                 ? 
_refine.ls_restrained_S_all                      ? 
_refine.ls_restrained_S_obs                      ? 
_refine.ls_shift_over_esd_max                    ? 
_refine.ls_shift_over_esd_mean                   ? 
_refine.ls_structure_factor_coef                 ? 
_refine.ls_weighting_details                     ? 
_refine.ls_weighting_scheme                      ? 
_refine.ls_wR_factor_all                         ? 
_refine.ls_wR_factor_obs                         ? 
_refine.ls_wR_factor_R_free                      ? 
_refine.ls_wR_factor_R_work                      ? 
_refine.occupancy_max                            ? 
_refine.occupancy_min                            ? 
_refine.solvent_model_details                    'FLAT BULK SOLVENT MODEL' 
_refine.solvent_model_param_bsol                 ? 
_refine.solvent_model_param_ksol                 ? 
_refine.pdbx_R_complete                          ? 
_refine.ls_R_factor_gt                           ? 
_refine.ls_goodness_of_fit_gt                    ? 
_refine.ls_goodness_of_fit_ref                   ? 
_refine.ls_shift_over_su_max                     ? 
_refine.ls_shift_over_su_max_lt                  ? 
_refine.ls_shift_over_su_mean                    ? 
_refine.ls_shift_over_su_mean_lt                 ? 
_refine.pdbx_ls_sigma_I                          ? 
_refine.pdbx_ls_sigma_F                          1.36 
_refine.pdbx_ls_sigma_Fsqd                       ? 
_refine.pdbx_data_cutoff_high_absF               ? 
_refine.pdbx_data_cutoff_high_rms_absF           ? 
_refine.pdbx_data_cutoff_low_absF                ? 
_refine.pdbx_isotropic_thermal_model             ? 
_refine.pdbx_ls_cross_valid_method               'FREE R-VALUE' 
_refine.pdbx_method_to_determine_struct          'MOLECULAR REPLACEMENT' 
_refine.pdbx_starting_model                      4e34 
_refine.pdbx_stereochemistry_target_values       'GeoStd + Monomer Library + CDL v1.2' 
_refine.pdbx_R_Free_selection_details            RANDOM 
_refine.pdbx_stereochem_target_val_spec_case     ? 
_refine.pdbx_overall_ESU_R                       ? 
_refine.pdbx_overall_ESU_R_Free                  ? 
_refine.pdbx_solvent_vdw_probe_radii             1.1100 
_refine.pdbx_solvent_ion_probe_radii             ? 
_refine.pdbx_solvent_shrinkage_radii             0.9000 
_refine.pdbx_real_space_R                        ? 
_refine.pdbx_density_correlation                 ? 
_refine.pdbx_pd_number_of_powder_patterns        ? 
_refine.pdbx_pd_number_of_points                 ? 
_refine.pdbx_pd_meas_number_of_points            ? 
_refine.pdbx_pd_proc_ls_prof_R_factor            ? 
_refine.pdbx_pd_proc_ls_prof_wR_factor           ? 
_refine.pdbx_pd_Marquardt_correlation_coeff      ? 
_refine.pdbx_pd_Fsqrd_R_factor                   ? 
_refine.pdbx_pd_ls_matrix_band_width             ? 
_refine.pdbx_overall_phase_error                 17.3201 
_refine.pdbx_overall_SU_R_free_Cruickshank_DPI   ? 
_refine.pdbx_overall_SU_R_free_Blow_DPI          ? 
_refine.pdbx_overall_SU_R_Blow_DPI               ? 
_refine.pdbx_TLS_residual_ADP_flag               ? 
_refine.pdbx_diffrn_id                           1 
_refine.overall_SU_B                             ? 
_refine.overall_SU_ML                            0.1754 
_refine.overall_SU_R_Cruickshank_DPI             ? 
_refine.overall_SU_R_free                        ? 
_refine.overall_FOM_free_R_set                   ? 
_refine.overall_FOM_work_R_set                   ? 
_refine.pdbx_average_fsc_overall                 ? 
_refine.pdbx_average_fsc_work                    ? 
_refine.pdbx_average_fsc_free                    ? 
# 
_refine_hist.pdbx_refine_id                   'X-RAY DIFFRACTION' 
_refine_hist.cycle_id                         LAST 
_refine_hist.details                          ? 
_refine_hist.d_res_high                       1.85 
_refine_hist.d_res_low                        34.38 
_refine_hist.number_atoms_solvent             169 
_refine_hist.number_atoms_total               902 
_refine_hist.number_reflns_all                ? 
_refine_hist.number_reflns_obs                ? 
_refine_hist.number_reflns_R_free             ? 
_refine_hist.number_reflns_R_work             ? 
_refine_hist.R_factor_all                     ? 
_refine_hist.R_factor_obs                     ? 
_refine_hist.R_factor_R_free                  ? 
_refine_hist.R_factor_R_work                  ? 
_refine_hist.pdbx_number_residues_total       ? 
_refine_hist.pdbx_B_iso_mean_ligand           ? 
_refine_hist.pdbx_B_iso_mean_solvent          ? 
_refine_hist.pdbx_number_atoms_protein        723 
_refine_hist.pdbx_number_atoms_nucleic_acid   0 
_refine_hist.pdbx_number_atoms_ligand         10 
_refine_hist.pdbx_number_atoms_lipid          ? 
_refine_hist.pdbx_number_atoms_carb           ? 
_refine_hist.pdbx_pseudo_atom_details         ? 
# 
loop_
_refine_ls_restr.pdbx_refine_id 
_refine_ls_restr.criterion 
_refine_ls_restr.dev_ideal 
_refine_ls_restr.dev_ideal_target 
_refine_ls_restr.number 
_refine_ls_restr.rejects 
_refine_ls_restr.type 
_refine_ls_restr.weight 
_refine_ls_restr.pdbx_restraint_function 
'X-RAY DIFFRACTION' ? 0.0087  ? 753  ? f_bond_d           ? ? 
'X-RAY DIFFRACTION' ? 0.8913  ? 1021 ? f_angle_d          ? ? 
'X-RAY DIFFRACTION' ? 0.0656  ? 119  ? f_chiral_restr     ? ? 
'X-RAY DIFFRACTION' ? 0.0069  ? 133  ? f_plane_restr      ? ? 
'X-RAY DIFFRACTION' ? 23.7794 ? 286  ? f_dihedral_angle_d ? ? 
# 
loop_
_refine_ls_shell.pdbx_refine_id 
_refine_ls_shell.d_res_high 
_refine_ls_shell.d_res_low 
_refine_ls_shell.number_reflns_all 
_refine_ls_shell.number_reflns_obs 
_refine_ls_shell.number_reflns_R_free 
_refine_ls_shell.number_reflns_R_work 
_refine_ls_shell.percent_reflns_obs 
_refine_ls_shell.percent_reflns_R_free 
_refine_ls_shell.R_factor_all 
_refine_ls_shell.R_factor_obs 
_refine_ls_shell.R_factor_R_free 
_refine_ls_shell.R_factor_R_free_error 
_refine_ls_shell.R_factor_R_work 
_refine_ls_shell.redundancy_reflns_all 
_refine_ls_shell.redundancy_reflns_obs 
_refine_ls_shell.wR_factor_all 
_refine_ls_shell.wR_factor_obs 
_refine_ls_shell.wR_factor_R_free 
_refine_ls_shell.wR_factor_R_work 
_refine_ls_shell.pdbx_R_complete 
_refine_ls_shell.pdbx_total_number_of_bins_used 
_refine_ls_shell.pdbx_phase_error 
_refine_ls_shell.pdbx_fsc_work 
_refine_ls_shell.pdbx_fsc_free 
'X-RAY DIFFRACTION' 1.85 1.99  . . 140 2684 99.30 . . . 0.2125 . 0.1935 . . . . . . . . . . . 
'X-RAY DIFFRACTION' 1.99 2.19  . . 144 2691 99.89 . . . 0.2236 . 0.1742 . . . . . . . . . . . 
'X-RAY DIFFRACTION' 2.19 2.51  . . 138 2729 99.83 . . . 0.2185 . 0.1588 . . . . . . . . . . . 
'X-RAY DIFFRACTION' 2.51 3.16  . . 143 2738 99.79 . . . 0.1921 . 0.1738 . . . . . . . . . . . 
'X-RAY DIFFRACTION' 3.16 34.38 . . 144 2846 99.70 . . . 0.1777 . 0.1462 . . . . . . . . . . . 
# 
_struct.entry_id                     6XNJ 
_struct.title                        
'Crystal structure of the PDZ domain of human GOPC in complex with a peptide of E. coli O157:H7 str. Sakai effector NleG8' 
_struct.pdbx_model_details           ? 
_struct.pdbx_formula_weight          ? 
_struct.pdbx_formula_weight_method   ? 
_struct.pdbx_model_type_details      ? 
_struct.pdbx_CASP_flag               N 
# 
_struct_keywords.entry_id        6XNJ 
_struct_keywords.text            
'UBIQUITINATION, EFFECTORS, STRUCTURAL GENOMICS, CENTER FOR STRUCTURAL GENOMICS OF INFECTIOUS DISEASES, CSGID, PROTEIN BINDING' 
_struct_keywords.pdbx_keywords   'PROTEIN BINDING' 
# 
loop_
_struct_asym.id 
_struct_asym.pdbx_blank_PDB_chainid_flag 
_struct_asym.pdbx_modified 
_struct_asym.entity_id 
_struct_asym.details 
A N N 1 ? 
B N N 2 ? 
C N N 3 ? 
D N N 3 ? 
E N N 4 ? 
F N N 4 ? 
# 
loop_
_struct_ref.id 
_struct_ref.db_name 
_struct_ref.db_code 
_struct_ref.pdbx_db_accession 
_struct_ref.pdbx_db_isoform 
_struct_ref.entity_id 
_struct_ref.pdbx_seq_one_letter_code 
_struct_ref.pdbx_align_begin 
1 UNP GOPC_HUMAN Q9HD26 Q9HD26-2 1 
;SQGVGPIRKVLLLKEDHEGLGISITGGKEHGVPILISEIHPGQPADRCGGLHVGDAILAVNGVNLRDTKHKEAVTILSQQ
RGEIEFEVVYV
;
272 
2 PDB 6XNJ       6XNJ   ?        2 ?                                                                                              
1   
# 
loop_
_struct_ref_seq.align_id 
_struct_ref_seq.ref_id 
_struct_ref_seq.pdbx_PDB_id_code 
_struct_ref_seq.pdbx_strand_id 
_struct_ref_seq.seq_align_beg 
_struct_ref_seq.pdbx_seq_align_beg_ins_code 
_struct_ref_seq.seq_align_end 
_struct_ref_seq.pdbx_seq_align_end_ins_code 
_struct_ref_seq.pdbx_db_accession 
_struct_ref_seq.db_align_beg 
_struct_ref_seq.pdbx_db_align_beg_ins_code 
_struct_ref_seq.db_align_end 
_struct_ref_seq.pdbx_db_align_end_ins_code 
_struct_ref_seq.pdbx_auth_seq_align_beg 
_struct_ref_seq.pdbx_auth_seq_align_end 
1 1 6XNJ A 1 ? 91 ? Q9HD26 272 ? 362 ? 272 362 
2 2 6XNJ B 1 ? 10 ? 6XNJ   206 ? 215 ? 206 215 
# 
_pdbx_struct_assembly.id                   1 
_pdbx_struct_assembly.details              author_and_software_defined_assembly 
_pdbx_struct_assembly.method_details       PISA 
_pdbx_struct_assembly.oligomeric_details   dimeric 
_pdbx_struct_assembly.oligomeric_count     2 
# 
loop_
_pdbx_struct_assembly_prop.biol_id 
_pdbx_struct_assembly_prop.type 
_pdbx_struct_assembly_prop.value 
_pdbx_struct_assembly_prop.details 
1 'ABSA (A^2)' 1260 ? 
1 MORE         -23  ? 
1 'SSA (A^2)'  5380 ? 
# 
_pdbx_struct_assembly_gen.assembly_id       1 
_pdbx_struct_assembly_gen.oper_expression   1 
_pdbx_struct_assembly_gen.asym_id_list      A,B,C,D,E,F 
# 
_pdbx_struct_assembly_auth_evidence.id                     1 
_pdbx_struct_assembly_auth_evidence.assembly_id            1 
_pdbx_struct_assembly_auth_evidence.experimental_support   none 
_pdbx_struct_assembly_auth_evidence.details                ? 
# 
_pdbx_struct_oper_list.id                   1 
_pdbx_struct_oper_list.type                 'identity operation' 
_pdbx_struct_oper_list.name                 1_555 
_pdbx_struct_oper_list.symmetry_operation   x,y,z 
_pdbx_struct_oper_list.matrix[1][1]         1.0000000000 
_pdbx_struct_oper_list.matrix[1][2]         0.0000000000 
_pdbx_struct_oper_list.matrix[1][3]         0.0000000000 
_pdbx_struct_oper_list.vector[1]            0.0000000000 
_pdbx_struct_oper_list.matrix[2][1]         0.0000000000 
_pdbx_struct_oper_list.matrix[2][2]         1.0000000000 
_pdbx_struct_oper_list.matrix[2][3]         0.0000000000 
_pdbx_struct_oper_list.vector[2]            0.0000000000 
_pdbx_struct_oper_list.matrix[3][1]         0.0000000000 
_pdbx_struct_oper_list.matrix[3][2]         0.0000000000 
_pdbx_struct_oper_list.matrix[3][3]         1.0000000000 
_pdbx_struct_oper_list.vector[3]            0.0000000000 
# 
loop_
_struct_conf.conf_type_id 
_struct_conf.id 
_struct_conf.pdbx_PDB_helix_id 
_struct_conf.beg_label_comp_id 
_struct_conf.beg_label_asym_id 
_struct_conf.beg_label_seq_id 
_struct_conf.pdbx_beg_PDB_ins_code 
_struct_conf.end_label_comp_id 
_struct_conf.end_label_asym_id 
_struct_conf.end_label_seq_id 
_struct_conf.pdbx_end_PDB_ins_code 
_struct_conf.beg_auth_comp_id 
_struct_conf.beg_auth_asym_id 
_struct_conf.beg_auth_seq_id 
_struct_conf.end_auth_comp_id 
_struct_conf.end_auth_asym_id 
_struct_conf.end_auth_seq_id 
_struct_conf.pdbx_PDB_helix_class 
_struct_conf.details 
_struct_conf.pdbx_PDB_helix_length 
HELX_P HELX_P1 AA1 LYS A 28 ? GLY A 31 ? LYS A 299 GLY A 302 5 ? 4  
HELX_P HELX_P2 AA2 GLN A 43 ? GLY A 49 ? GLN A 314 GLY A 320 1 ? 7  
HELX_P HELX_P3 AA3 LYS A 69 ? GLN A 79 ? LYS A 340 GLN A 350 1 ? 11 
# 
_struct_conf_type.id          HELX_P 
_struct_conf_type.criteria    ? 
_struct_conf_type.reference   ? 
# 
_struct_conn.id                            disulf1 
_struct_conn.conn_type_id                  disulf 
_struct_conn.pdbx_leaving_atom_flag        ? 
_struct_conn.pdbx_PDB_id                   ? 
_struct_conn.ptnr1_label_asym_id           A 
_struct_conn.ptnr1_label_comp_id           CYS 
_struct_conn.ptnr1_label_seq_id            48 
_struct_conn.ptnr1_label_atom_id           SG 
_struct_conn.pdbx_ptnr1_label_alt_id       ? 
_struct_conn.pdbx_ptnr1_PDB_ins_code       ? 
_struct_conn.pdbx_ptnr1_standard_comp_id   ? 
_struct_conn.ptnr1_symmetry                1_555 
_struct_conn.ptnr2_label_asym_id           B 
_struct_conn.ptnr2_label_comp_id           CYS 
_struct_conn.ptnr2_label_seq_id            7 
_struct_conn.ptnr2_label_atom_id           SG 
_struct_conn.pdbx_ptnr2_label_alt_id       ? 
_struct_conn.pdbx_ptnr2_PDB_ins_code       ? 
_struct_conn.ptnr1_auth_asym_id            A 
_struct_conn.ptnr1_auth_comp_id            CYS 
_struct_conn.ptnr1_auth_seq_id             319 
_struct_conn.ptnr2_auth_asym_id            B 
_struct_conn.ptnr2_auth_comp_id            CYS 
_struct_conn.ptnr2_auth_seq_id             212 
_struct_conn.ptnr2_symmetry                2_544 
_struct_conn.pdbx_ptnr3_label_atom_id      ? 
_struct_conn.pdbx_ptnr3_label_seq_id       ? 
_struct_conn.pdbx_ptnr3_label_comp_id      ? 
_struct_conn.pdbx_ptnr3_label_asym_id      ? 
_struct_conn.pdbx_ptnr3_label_alt_id       ? 
_struct_conn.pdbx_ptnr3_PDB_ins_code       ? 
_struct_conn.details                       ? 
_struct_conn.pdbx_dist_value               2.063 
_struct_conn.pdbx_value_order              ? 
_struct_conn.pdbx_role                     ? 
# 
_struct_conn_type.id          disulf 
_struct_conn_type.criteria    ? 
_struct_conn_type.reference   ? 
# 
_pdbx_modification_feature.ordinal                            1 
_pdbx_modification_feature.label_comp_id                      CYS 
_pdbx_modification_feature.label_asym_id                      A 
_pdbx_modification_feature.label_seq_id                       48 
_pdbx_modification_feature.label_alt_id                       ? 
_pdbx_modification_feature.modified_residue_label_comp_id     CYS 
_pdbx_modification_feature.modified_residue_label_asym_id     B 
_pdbx_modification_feature.modified_residue_label_seq_id      7 
_pdbx_modification_feature.modified_residue_label_alt_id      ? 
_pdbx_modification_feature.auth_comp_id                       CYS 
_pdbx_modification_feature.auth_asym_id                       A 
_pdbx_modification_feature.auth_seq_id                        319 
_pdbx_modification_feature.PDB_ins_code                       ? 
_pdbx_modification_feature.symmetry                           1_555 
_pdbx_modification_feature.modified_residue_auth_comp_id      CYS 
_pdbx_modification_feature.modified_residue_auth_asym_id      B 
_pdbx_modification_feature.modified_residue_auth_seq_id       212 
_pdbx_modification_feature.modified_residue_PDB_ins_code      ? 
_pdbx_modification_feature.modified_residue_symmetry          2_544 
_pdbx_modification_feature.comp_id_linking_atom               SG 
_pdbx_modification_feature.modified_residue_id_linking_atom   SG 
_pdbx_modification_feature.modified_residue_id                . 
_pdbx_modification_feature.ref_pcm_id                         . 
_pdbx_modification_feature.ref_comp_id                        . 
_pdbx_modification_feature.type                               None 
_pdbx_modification_feature.category                           'Disulfide bridge' 
# 
loop_
_struct_sheet.id 
_struct_sheet.type 
_struct_sheet.number_strands 
_struct_sheet.details 
AA1 ? 4 ? 
AA2 ? 3 ? 
# 
loop_
_struct_sheet_order.sheet_id 
_struct_sheet_order.range_id_1 
_struct_sheet_order.range_id_2 
_struct_sheet_order.offset 
_struct_sheet_order.sense 
AA1 1 2 ? anti-parallel 
AA1 2 3 ? anti-parallel 
AA1 3 4 ? anti-parallel 
AA2 1 2 ? anti-parallel 
AA2 2 3 ? anti-parallel 
# 
loop_
_struct_sheet_range.sheet_id 
_struct_sheet_range.id 
_struct_sheet_range.beg_label_comp_id 
_struct_sheet_range.beg_label_asym_id 
_struct_sheet_range.beg_label_seq_id 
_struct_sheet_range.pdbx_beg_PDB_ins_code 
_struct_sheet_range.end_label_comp_id 
_struct_sheet_range.end_label_asym_id 
_struct_sheet_range.end_label_seq_id 
_struct_sheet_range.pdbx_end_PDB_ins_code 
_struct_sheet_range.beg_auth_comp_id 
_struct_sheet_range.beg_auth_asym_id 
_struct_sheet_range.beg_auth_seq_id 
_struct_sheet_range.end_auth_comp_id 
_struct_sheet_range.end_auth_asym_id 
_struct_sheet_range.end_auth_seq_id 
AA1 1 ARG A 8  ? LYS A 14 ? ARG A 279 LYS A 285 
AA1 2 GLY A 82 ? TYR A 90 ? GLY A 353 TYR A 361 
AA1 3 ASP A 55 ? VAL A 60 ? ASP A 326 VAL A 331 
AA1 4 VAL A 63 ? ASN A 64 ? VAL A 334 ASN A 335 
AA2 1 VAL A 32 ? ILE A 39 ? VAL A 303 ILE A 310 
AA2 2 ILE A 22 ? GLY A 27 ? ILE A 293 GLY A 298 
AA2 3 CYS B 7  ? ARG B 9  ? CYS B 212 ARG B 214 
# 
loop_
_pdbx_struct_sheet_hbond.sheet_id 
_pdbx_struct_sheet_hbond.range_id_1 
_pdbx_struct_sheet_hbond.range_id_2 
_pdbx_struct_sheet_hbond.range_1_label_atom_id 
_pdbx_struct_sheet_hbond.range_1_label_comp_id 
_pdbx_struct_sheet_hbond.range_1_label_asym_id 
_pdbx_struct_sheet_hbond.range_1_label_seq_id 
_pdbx_struct_sheet_hbond.range_1_PDB_ins_code 
_pdbx_struct_sheet_hbond.range_1_auth_atom_id 
_pdbx_struct_sheet_hbond.range_1_auth_comp_id 
_pdbx_struct_sheet_hbond.range_1_auth_asym_id 
_pdbx_struct_sheet_hbond.range_1_auth_seq_id 
_pdbx_struct_sheet_hbond.range_2_label_atom_id 
_pdbx_struct_sheet_hbond.range_2_label_comp_id 
_pdbx_struct_sheet_hbond.range_2_label_asym_id 
_pdbx_struct_sheet_hbond.range_2_label_seq_id 
_pdbx_struct_sheet_hbond.range_2_PDB_ins_code 
_pdbx_struct_sheet_hbond.range_2_auth_atom_id 
_pdbx_struct_sheet_hbond.range_2_auth_comp_id 
_pdbx_struct_sheet_hbond.range_2_auth_asym_id 
_pdbx_struct_sheet_hbond.range_2_auth_seq_id 
AA1 1 2 N VAL A 10 ? N VAL A 281 O PHE A 86 ? O PHE A 357 
AA1 2 3 O VAL A 89 ? O VAL A 360 N ALA A 56 ? N ALA A 327 
AA1 3 4 N VAL A 60 ? N VAL A 331 O VAL A 63 ? O VAL A 334 
AA2 1 2 O SER A 37 ? O SER A 308 N SER A 23 ? N SER A 294 
AA2 2 3 N ILE A 24 ? N ILE A 295 O THR B 8  ? O THR B 213 
# 
loop_
_struct_site.id 
_struct_site.pdbx_evidence_code 
_struct_site.pdbx_auth_asym_id 
_struct_site.pdbx_auth_comp_id 
_struct_site.pdbx_auth_seq_id 
_struct_site.pdbx_auth_ins_code 
_struct_site.pdbx_num_residues 
_struct_site.details 
AC1 Software A SO4 401 ? 4 'binding site for residue SO4 A 401' 
AC2 Software B SO4 301 ? 7 'binding site for residue SO4 B 301' 
# 
loop_
_struct_site_gen.id 
_struct_site_gen.site_id 
_struct_site_gen.pdbx_num_res 
_struct_site_gen.label_comp_id 
_struct_site_gen.label_asym_id 
_struct_site_gen.label_seq_id 
_struct_site_gen.pdbx_auth_ins_code 
_struct_site_gen.auth_comp_id 
_struct_site_gen.auth_asym_id 
_struct_site_gen.auth_seq_id 
_struct_site_gen.label_atom_id 
_struct_site_gen.label_alt_id 
_struct_site_gen.symmetry 
_struct_site_gen.details 
1  AC1 4 LYS A 9  ? LYS A 280 . ? 3_655 ? 
2  AC1 4 HIS A 52 ? HIS A 323 . ? 1_555 ? 
3  AC1 4 HOH E .  ? HOH A 502 . ? 1_555 ? 
4  AC1 4 HOH E .  ? HOH A 517 . ? 1_555 ? 
5  AC2 7 HIS A 40 ? HIS A 311 . ? 1_555 ? 
6  AC2 7 PRO A 41 ? PRO A 312 . ? 1_555 ? 
7  AC2 7 HOH E .  ? HOH A 604 . ? 1_555 ? 
8  AC2 7 ARG B 9  ? ARG B 214 . ? 1_555 ? 
9  AC2 7 HOH F .  ? HOH B 402 . ? 1_555 ? 
10 AC2 7 HOH F .  ? HOH B 408 . ? 1_555 ? 
11 AC2 7 HOH F .  ? HOH B 409 . ? 1_555 ? 
# 
_pdbx_entry_details.entry_id                   6XNJ 
_pdbx_entry_details.has_ligand_of_interest     N 
_pdbx_entry_details.compound_details           ? 
_pdbx_entry_details.source_details             ? 
_pdbx_entry_details.nonpolymer_details         ? 
_pdbx_entry_details.sequence_details           ? 
_pdbx_entry_details.has_protein_modification   Y 
# 
_pdbx_validate_torsion.id              1 
_pdbx_validate_torsion.PDB_model_num   1 
_pdbx_validate_torsion.auth_comp_id    GLN 
_pdbx_validate_torsion.auth_asym_id    B 
_pdbx_validate_torsion.auth_seq_id     209 
_pdbx_validate_torsion.PDB_ins_code    ? 
_pdbx_validate_torsion.label_alt_id    ? 
_pdbx_validate_torsion.phi             -178.84 
_pdbx_validate_torsion.psi             -46.34 
# 
_pdbx_SG_project.id                    1 
_pdbx_SG_project.project_name          'NIAID, National Institute of Allergy and Infectious Diseases' 
_pdbx_SG_project.full_name_of_center   'Center for Structural Genomics of Infectious Diseases' 
_pdbx_SG_project.initial_of_center     CSGID 
# 
loop_
_pdbx_struct_special_symmetry.id 
_pdbx_struct_special_symmetry.PDB_model_num 
_pdbx_struct_special_symmetry.auth_asym_id 
_pdbx_struct_special_symmetry.auth_comp_id 
_pdbx_struct_special_symmetry.auth_seq_id 
_pdbx_struct_special_symmetry.PDB_ins_code 
_pdbx_struct_special_symmetry.label_asym_id 
_pdbx_struct_special_symmetry.label_comp_id 
_pdbx_struct_special_symmetry.label_seq_id 
1 1 A HOH 514 ? E HOH . 
2 1 A HOH 530 ? E HOH . 
# 
loop_
_space_group_symop.id 
_space_group_symop.operation_xyz 
1 x,y,z          
2 -y,x-y,z+2/3   
3 -x+y,-x,z+1/3  
4 x-y,-y,-z+1/3  
5 -x,-x+y,-z+2/3 
6 y,x,-z         
# 
loop_
_pdbx_refine_tls.id 
_pdbx_refine_tls.pdbx_refine_id 
_pdbx_refine_tls.details 
_pdbx_refine_tls.method 
_pdbx_refine_tls.origin_x 
_pdbx_refine_tls.origin_y 
_pdbx_refine_tls.origin_z 
_pdbx_refine_tls.T[1][1] 
_pdbx_refine_tls.T[1][1]_esd 
_pdbx_refine_tls.T[1][2] 
_pdbx_refine_tls.T[1][2]_esd 
_pdbx_refine_tls.T[1][3] 
_pdbx_refine_tls.T[1][3]_esd 
_pdbx_refine_tls.T[2][2] 
_pdbx_refine_tls.T[2][2]_esd 
_pdbx_refine_tls.T[2][3] 
_pdbx_refine_tls.T[2][3]_esd 
_pdbx_refine_tls.T[3][3] 
_pdbx_refine_tls.T[3][3]_esd 
_pdbx_refine_tls.L[1][1] 
_pdbx_refine_tls.L[1][1]_esd 
_pdbx_refine_tls.L[1][2] 
_pdbx_refine_tls.L[1][2]_esd 
_pdbx_refine_tls.L[1][3] 
_pdbx_refine_tls.L[1][3]_esd 
_pdbx_refine_tls.L[2][2] 
_pdbx_refine_tls.L[2][2]_esd 
_pdbx_refine_tls.L[2][3] 
_pdbx_refine_tls.L[2][3]_esd 
_pdbx_refine_tls.L[3][3] 
_pdbx_refine_tls.L[3][3]_esd 
_pdbx_refine_tls.S[1][1] 
_pdbx_refine_tls.S[1][1]_esd 
_pdbx_refine_tls.S[1][2] 
_pdbx_refine_tls.S[1][2]_esd 
_pdbx_refine_tls.S[1][3] 
_pdbx_refine_tls.S[1][3]_esd 
_pdbx_refine_tls.S[2][1] 
_pdbx_refine_tls.S[2][1]_esd 
_pdbx_refine_tls.S[2][2] 
_pdbx_refine_tls.S[2][2]_esd 
_pdbx_refine_tls.S[2][3] 
_pdbx_refine_tls.S[2][3]_esd 
_pdbx_refine_tls.S[3][1] 
_pdbx_refine_tls.S[3][1]_esd 
_pdbx_refine_tls.S[3][2] 
_pdbx_refine_tls.S[3][2]_esd 
_pdbx_refine_tls.S[3][3] 
_pdbx_refine_tls.S[3][3]_esd 
1 'X-RAY DIFFRACTION' ? refined 6.8639998075  -4.8451218503  -3.0886761026 0.116416760199 ? -0.022115571470 ? -0.018063599480 ? 0.134014224391 ? -0.016641221318 ? 0.154790450641 ? 6.60362775608 ? 4.40389032477   ? -3.82677877205  ? 4.74337621177 ? -0.17157208624 ? 6.01814716659 ? 0.013268792213  ? -0.157163468209 ? -0.167190855918 ? 0.023126000908  ? -0.108383511804 ? 0.062081869020 ? 0.390685475665  ? 0.040306151102  ? 0.052530277876 ? 
2 'X-RAY DIFFRACTION' ? refined 0.8198201852  1.2494161911   1.2371472205  0.137858123432 ? -0.018473321985 ? 0.001929164672  ? 0.138039550175 ? 0.000526074727  ? 0.145846702858 ? 2.92244021298 ? -0.825102356116 ? 0.439267740843  ? 2.25502867236 ? 0.194446319001 ? 3.56963238546 ? -0.122799955581 ? -0.079028341037 ? -0.013303866900 ? 0.051204750382  ? 0.093135057217  ? 0.065127949901 ? -0.044032691329 ? -0.034646155206 ? 0.028125266383 ? 
3 'X-RAY DIFFRACTION' ? refined -2.6493679331 -1.52923155702 -3.6722481078 0.13611996901  ? -0.012423334470 ? -0.034802625776 ? 0.142283970763 ? 0.016198167847  ? 0.068989003298 ? 6.6088975185  ? 0.562044529679  ? -0.882657508943 ? 4.05353735195 ? 0.22697806270  ? 3.71281680794 ? -0.123292515451 ? 0.102781090051  ? 0.008497656708  ? -0.152383386621 ? 0.041022921231  ? 0.119495653198 ? -0.044451591399 ? -0.248456405854 ? 0.112637904610 ? 
4 'X-RAY DIFFRACTION' ? refined -7.6536655911 1.61725836851  8.40574632402 0.216290695309 ? -0.045979367182 ? 0.028489481090  ? 0.298515691740 ? 0.020798675075  ? 0.220587664791 ? 8.94174353203 ? -3.32726623647  ? 0.47776913560   ? 3.63528690399 ? 2.994375506764 ? 4.60656015982 ? -0.133040627245 ? -0.184270019408 ? -0.492048169931 ? 0.446981633713  ? -0.084225393418 ? 0.635110207547 ? 0.220836374985  ? -0.828099756843 ? 0.281209647607 ? 
# 
loop_
_pdbx_refine_tls_group.id 
_pdbx_refine_tls_group.pdbx_refine_id 
_pdbx_refine_tls_group.refine_tls_id 
_pdbx_refine_tls_group.beg_label_asym_id 
_pdbx_refine_tls_group.beg_label_seq_id 
_pdbx_refine_tls_group.beg_auth_asym_id 
_pdbx_refine_tls_group.beg_auth_seq_id 
_pdbx_refine_tls_group.beg_PDB_ins_code 
_pdbx_refine_tls_group.end_label_asym_id 
_pdbx_refine_tls_group.end_label_seq_id 
_pdbx_refine_tls_group.end_auth_asym_id 
_pdbx_refine_tls_group.end_auth_seq_id 
_pdbx_refine_tls_group.end_PDB_ins_code 
_pdbx_refine_tls_group.selection 
_pdbx_refine_tls_group.selection_details 
1 'X-RAY DIFFRACTION' 1 ? ? ? ? ? ? ? ? ? ? ? 'chain A and resid 276:288' 
2 'X-RAY DIFFRACTION' 2 ? ? ? ? ? ? ? ? ? ? ? 'chain A and resid 289:337' 
3 'X-RAY DIFFRACTION' 3 ? ? ? ? ? ? ? ? ? ? ? 'chain A and resid 338:362' 
4 'X-RAY DIFFRACTION' 4 ? ? ? ? ? ? ? ? ? ? ? 'chain B and resid 208:215' 
# 
loop_
_pdbx_distant_solvent_atoms.id 
_pdbx_distant_solvent_atoms.PDB_model_num 
_pdbx_distant_solvent_atoms.auth_atom_id 
_pdbx_distant_solvent_atoms.label_alt_id 
_pdbx_distant_solvent_atoms.auth_asym_id 
_pdbx_distant_solvent_atoms.auth_comp_id 
_pdbx_distant_solvent_atoms.auth_seq_id 
_pdbx_distant_solvent_atoms.PDB_ins_code 
_pdbx_distant_solvent_atoms.neighbor_macromolecule_distance 
_pdbx_distant_solvent_atoms.neighbor_ligand_distance 
1 1 O ? A HOH 647 ? 5.94 . 
2 1 O ? B HOH 422 ? 5.87 . 
# 
loop_
_pdbx_unobs_or_zero_occ_residues.id 
_pdbx_unobs_or_zero_occ_residues.PDB_model_num 
_pdbx_unobs_or_zero_occ_residues.polymer_flag 
_pdbx_unobs_or_zero_occ_residues.occupancy_flag 
_pdbx_unobs_or_zero_occ_residues.auth_asym_id 
_pdbx_unobs_or_zero_occ_residues.auth_comp_id 
_pdbx_unobs_or_zero_occ_residues.auth_seq_id 
_pdbx_unobs_or_zero_occ_residues.PDB_ins_code 
_pdbx_unobs_or_zero_occ_residues.label_asym_id 
_pdbx_unobs_or_zero_occ_residues.label_comp_id 
_pdbx_unobs_or_zero_occ_residues.label_seq_id 
1 1 Y 1 A SER 272 ? A SER 1 
2 1 Y 1 A GLN 273 ? A GLN 2 
3 1 Y 1 A GLY 274 ? A GLY 3 
4 1 Y 1 A VAL 275 ? A VAL 4 
5 1 Y 1 B LEU 206 ? B LEU 1 
6 1 Y 1 B ALA 207 ? B ALA 2 
# 
loop_
_chem_comp_atom.comp_id 
_chem_comp_atom.atom_id 
_chem_comp_atom.type_symbol 
_chem_comp_atom.pdbx_aromatic_flag 
_chem_comp_atom.pdbx_stereo_config 
_chem_comp_atom.pdbx_ordinal 
ALA N    N N N 1   
ALA CA   C N S 2   
ALA C    C N N 3   
ALA O    O N N 4   
ALA CB   C N N 5   
ALA OXT  O N N 6   
ALA H    H N N 7   
ALA H2   H N N 8   
ALA HA   H N N 9   
ALA HB1  H N N 10  
ALA HB2  H N N 11  
ALA HB3  H N N 12  
ALA HXT  H N N 13  
ARG N    N N N 14  
ARG CA   C N S 15  
ARG C    C N N 16  
ARG O    O N N 17  
ARG CB   C N N 18  
ARG CG   C N N 19  
ARG CD   C N N 20  
ARG NE   N N N 21  
ARG CZ   C N N 22  
ARG NH1  N N N 23  
ARG NH2  N N N 24  
ARG OXT  O N N 25  
ARG H    H N N 26  
ARG H2   H N N 27  
ARG HA   H N N 28  
ARG HB2  H N N 29  
ARG HB3  H N N 30  
ARG HG2  H N N 31  
ARG HG3  H N N 32  
ARG HD2  H N N 33  
ARG HD3  H N N 34  
ARG HE   H N N 35  
ARG HH11 H N N 36  
ARG HH12 H N N 37  
ARG HH21 H N N 38  
ARG HH22 H N N 39  
ARG HXT  H N N 40  
ASN N    N N N 41  
ASN CA   C N S 42  
ASN C    C N N 43  
ASN O    O N N 44  
ASN CB   C N N 45  
ASN CG   C N N 46  
ASN OD1  O N N 47  
ASN ND2  N N N 48  
ASN OXT  O N N 49  
ASN H    H N N 50  
ASN H2   H N N 51  
ASN HA   H N N 52  
ASN HB2  H N N 53  
ASN HB3  H N N 54  
ASN HD21 H N N 55  
ASN HD22 H N N 56  
ASN HXT  H N N 57  
ASP N    N N N 58  
ASP CA   C N S 59  
ASP C    C N N 60  
ASP O    O N N 61  
ASP CB   C N N 62  
ASP CG   C N N 63  
ASP OD1  O N N 64  
ASP OD2  O N N 65  
ASP OXT  O N N 66  
ASP H    H N N 67  
ASP H2   H N N 68  
ASP HA   H N N 69  
ASP HB2  H N N 70  
ASP HB3  H N N 71  
ASP HD2  H N N 72  
ASP HXT  H N N 73  
CYS N    N N N 74  
CYS CA   C N R 75  
CYS C    C N N 76  
CYS O    O N N 77  
CYS CB   C N N 78  
CYS SG   S N N 79  
CYS OXT  O N N 80  
CYS H    H N N 81  
CYS H2   H N N 82  
CYS HA   H N N 83  
CYS HB2  H N N 84  
CYS HB3  H N N 85  
CYS HG   H N N 86  
CYS HXT  H N N 87  
GLN N    N N N 88  
GLN CA   C N S 89  
GLN C    C N N 90  
GLN O    O N N 91  
GLN CB   C N N 92  
GLN CG   C N N 93  
GLN CD   C N N 94  
GLN OE1  O N N 95  
GLN NE2  N N N 96  
GLN OXT  O N N 97  
GLN H    H N N 98  
GLN H2   H N N 99  
GLN HA   H N N 100 
GLN HB2  H N N 101 
GLN HB3  H N N 102 
GLN HG2  H N N 103 
GLN HG3  H N N 104 
GLN HE21 H N N 105 
GLN HE22 H N N 106 
GLN HXT  H N N 107 
GLU N    N N N 108 
GLU CA   C N S 109 
GLU C    C N N 110 
GLU O    O N N 111 
GLU CB   C N N 112 
GLU CG   C N N 113 
GLU CD   C N N 114 
GLU OE1  O N N 115 
GLU OE2  O N N 116 
GLU OXT  O N N 117 
GLU H    H N N 118 
GLU H2   H N N 119 
GLU HA   H N N 120 
GLU HB2  H N N 121 
GLU HB3  H N N 122 
GLU HG2  H N N 123 
GLU HG3  H N N 124 
GLU HE2  H N N 125 
GLU HXT  H N N 126 
GLY N    N N N 127 
GLY CA   C N N 128 
GLY C    C N N 129 
GLY O    O N N 130 
GLY OXT  O N N 131 
GLY H    H N N 132 
GLY H2   H N N 133 
GLY HA2  H N N 134 
GLY HA3  H N N 135 
GLY HXT  H N N 136 
HIS N    N N N 137 
HIS CA   C N S 138 
HIS C    C N N 139 
HIS O    O N N 140 
HIS CB   C N N 141 
HIS CG   C Y N 142 
HIS ND1  N Y N 143 
HIS CD2  C Y N 144 
HIS CE1  C Y N 145 
HIS NE2  N Y N 146 
HIS OXT  O N N 147 
HIS H    H N N 148 
HIS H2   H N N 149 
HIS HA   H N N 150 
HIS HB2  H N N 151 
HIS HB3  H N N 152 
HIS HD1  H N N 153 
HIS HD2  H N N 154 
HIS HE1  H N N 155 
HIS HE2  H N N 156 
HIS HXT  H N N 157 
HOH O    O N N 158 
HOH H1   H N N 159 
HOH H2   H N N 160 
ILE N    N N N 161 
ILE CA   C N S 162 
ILE C    C N N 163 
ILE O    O N N 164 
ILE CB   C N S 165 
ILE CG1  C N N 166 
ILE CG2  C N N 167 
ILE CD1  C N N 168 
ILE OXT  O N N 169 
ILE H    H N N 170 
ILE H2   H N N 171 
ILE HA   H N N 172 
ILE HB   H N N 173 
ILE HG12 H N N 174 
ILE HG13 H N N 175 
ILE HG21 H N N 176 
ILE HG22 H N N 177 
ILE HG23 H N N 178 
ILE HD11 H N N 179 
ILE HD12 H N N 180 
ILE HD13 H N N 181 
ILE HXT  H N N 182 
LEU N    N N N 183 
LEU CA   C N S 184 
LEU C    C N N 185 
LEU O    O N N 186 
LEU CB   C N N 187 
LEU CG   C N N 188 
LEU CD1  C N N 189 
LEU CD2  C N N 190 
LEU OXT  O N N 191 
LEU H    H N N 192 
LEU H2   H N N 193 
LEU HA   H N N 194 
LEU HB2  H N N 195 
LEU HB3  H N N 196 
LEU HG   H N N 197 
LEU HD11 H N N 198 
LEU HD12 H N N 199 
LEU HD13 H N N 200 
LEU HD21 H N N 201 
LEU HD22 H N N 202 
LEU HD23 H N N 203 
LEU HXT  H N N 204 
LYS N    N N N 205 
LYS CA   C N S 206 
LYS C    C N N 207 
LYS O    O N N 208 
LYS CB   C N N 209 
LYS CG   C N N 210 
LYS CD   C N N 211 
LYS CE   C N N 212 
LYS NZ   N N N 213 
LYS OXT  O N N 214 
LYS H    H N N 215 
LYS H2   H N N 216 
LYS HA   H N N 217 
LYS HB2  H N N 218 
LYS HB3  H N N 219 
LYS HG2  H N N 220 
LYS HG3  H N N 221 
LYS HD2  H N N 222 
LYS HD3  H N N 223 
LYS HE2  H N N 224 
LYS HE3  H N N 225 
LYS HZ1  H N N 226 
LYS HZ2  H N N 227 
LYS HZ3  H N N 228 
LYS HXT  H N N 229 
PHE N    N N N 230 
PHE CA   C N S 231 
PHE C    C N N 232 
PHE O    O N N 233 
PHE CB   C N N 234 
PHE CG   C Y N 235 
PHE CD1  C Y N 236 
PHE CD2  C Y N 237 
PHE CE1  C Y N 238 
PHE CE2  C Y N 239 
PHE CZ   C Y N 240 
PHE OXT  O N N 241 
PHE H    H N N 242 
PHE H2   H N N 243 
PHE HA   H N N 244 
PHE HB2  H N N 245 
PHE HB3  H N N 246 
PHE HD1  H N N 247 
PHE HD2  H N N 248 
PHE HE1  H N N 249 
PHE HE2  H N N 250 
PHE HZ   H N N 251 
PHE HXT  H N N 252 
PRO N    N N N 253 
PRO CA   C N S 254 
PRO C    C N N 255 
PRO O    O N N 256 
PRO CB   C N N 257 
PRO CG   C N N 258 
PRO CD   C N N 259 
PRO OXT  O N N 260 
PRO H    H N N 261 
PRO HA   H N N 262 
PRO HB2  H N N 263 
PRO HB3  H N N 264 
PRO HG2  H N N 265 
PRO HG3  H N N 266 
PRO HD2  H N N 267 
PRO HD3  H N N 268 
PRO HXT  H N N 269 
SER N    N N N 270 
SER CA   C N S 271 
SER C    C N N 272 
SER O    O N N 273 
SER CB   C N N 274 
SER OG   O N N 275 
SER OXT  O N N 276 
SER H    H N N 277 
SER H2   H N N 278 
SER HA   H N N 279 
SER HB2  H N N 280 
SER HB3  H N N 281 
SER HG   H N N 282 
SER HXT  H N N 283 
SO4 S    S N N 284 
SO4 O1   O N N 285 
SO4 O2   O N N 286 
SO4 O3   O N N 287 
SO4 O4   O N N 288 
THR N    N N N 289 
THR CA   C N S 290 
THR C    C N N 291 
THR O    O N N 292 
THR CB   C N R 293 
THR OG1  O N N 294 
THR CG2  C N N 295 
THR OXT  O N N 296 
THR H    H N N 297 
THR H2   H N N 298 
THR HA   H N N 299 
THR HB   H N N 300 
THR HG1  H N N 301 
THR HG21 H N N 302 
THR HG22 H N N 303 
THR HG23 H N N 304 
THR HXT  H N N 305 
TYR N    N N N 306 
TYR CA   C N S 307 
TYR C    C N N 308 
TYR O    O N N 309 
TYR CB   C N N 310 
TYR CG   C Y N 311 
TYR CD1  C Y N 312 
TYR CD2  C Y N 313 
TYR CE1  C Y N 314 
TYR CE2  C Y N 315 
TYR CZ   C Y N 316 
TYR OH   O N N 317 
TYR OXT  O N N 318 
TYR H    H N N 319 
TYR H2   H N N 320 
TYR HA   H N N 321 
TYR HB2  H N N 322 
TYR HB3  H N N 323 
TYR HD1  H N N 324 
TYR HD2  H N N 325 
TYR HE1  H N N 326 
TYR HE2  H N N 327 
TYR HH   H N N 328 
TYR HXT  H N N 329 
VAL N    N N N 330 
VAL CA   C N S 331 
VAL C    C N N 332 
VAL O    O N N 333 
VAL CB   C N N 334 
VAL CG1  C N N 335 
VAL CG2  C N N 336 
VAL OXT  O N N 337 
VAL H    H N N 338 
VAL H2   H N N 339 
VAL HA   H N N 340 
VAL HB   H N N 341 
VAL HG11 H N N 342 
VAL HG12 H N N 343 
VAL HG13 H N N 344 
VAL HG21 H N N 345 
VAL HG22 H N N 346 
VAL HG23 H N N 347 
VAL HXT  H N N 348 
# 
loop_
_chem_comp_bond.comp_id 
_chem_comp_bond.atom_id_1 
_chem_comp_bond.atom_id_2 
_chem_comp_bond.value_order 
_chem_comp_bond.pdbx_aromatic_flag 
_chem_comp_bond.pdbx_stereo_config 
_chem_comp_bond.pdbx_ordinal 
ALA N   CA   sing N N 1   
ALA N   H    sing N N 2   
ALA N   H2   sing N N 3   
ALA CA  C    sing N N 4   
ALA CA  CB   sing N N 5   
ALA CA  HA   sing N N 6   
ALA C   O    doub N N 7   
ALA C   OXT  sing N N 8   
ALA CB  HB1  sing N N 9   
ALA CB  HB2  sing N N 10  
ALA CB  HB3  sing N N 11  
ALA OXT HXT  sing N N 12  
ARG N   CA   sing N N 13  
ARG N   H    sing N N 14  
ARG N   H2   sing N N 15  
ARG CA  C    sing N N 16  
ARG CA  CB   sing N N 17  
ARG CA  HA   sing N N 18  
ARG C   O    doub N N 19  
ARG C   OXT  sing N N 20  
ARG CB  CG   sing N N 21  
ARG CB  HB2  sing N N 22  
ARG CB  HB3  sing N N 23  
ARG CG  CD   sing N N 24  
ARG CG  HG2  sing N N 25  
ARG CG  HG3  sing N N 26  
ARG CD  NE   sing N N 27  
ARG CD  HD2  sing N N 28  
ARG CD  HD3  sing N N 29  
ARG NE  CZ   sing N N 30  
ARG NE  HE   sing N N 31  
ARG CZ  NH1  sing N N 32  
ARG CZ  NH2  doub N N 33  
ARG NH1 HH11 sing N N 34  
ARG NH1 HH12 sing N N 35  
ARG NH2 HH21 sing N N 36  
ARG NH2 HH22 sing N N 37  
ARG OXT HXT  sing N N 38  
ASN N   CA   sing N N 39  
ASN N   H    sing N N 40  
ASN N   H2   sing N N 41  
ASN CA  C    sing N N 42  
ASN CA  CB   sing N N 43  
ASN CA  HA   sing N N 44  
ASN C   O    doub N N 45  
ASN C   OXT  sing N N 46  
ASN CB  CG   sing N N 47  
ASN CB  HB2  sing N N 48  
ASN CB  HB3  sing N N 49  
ASN CG  OD1  doub N N 50  
ASN CG  ND2  sing N N 51  
ASN ND2 HD21 sing N N 52  
ASN ND2 HD22 sing N N 53  
ASN OXT HXT  sing N N 54  
ASP N   CA   sing N N 55  
ASP N   H    sing N N 56  
ASP N   H2   sing N N 57  
ASP CA  C    sing N N 58  
ASP CA  CB   sing N N 59  
ASP CA  HA   sing N N 60  
ASP C   O    doub N N 61  
ASP C   OXT  sing N N 62  
ASP CB  CG   sing N N 63  
ASP CB  HB2  sing N N 64  
ASP CB  HB3  sing N N 65  
ASP CG  OD1  doub N N 66  
ASP CG  OD2  sing N N 67  
ASP OD2 HD2  sing N N 68  
ASP OXT HXT  sing N N 69  
CYS N   CA   sing N N 70  
CYS N   H    sing N N 71  
CYS N   H2   sing N N 72  
CYS CA  C    sing N N 73  
CYS CA  CB   sing N N 74  
CYS CA  HA   sing N N 75  
CYS C   O    doub N N 76  
CYS C   OXT  sing N N 77  
CYS CB  SG   sing N N 78  
CYS CB  HB2  sing N N 79  
CYS CB  HB3  sing N N 80  
CYS SG  HG   sing N N 81  
CYS OXT HXT  sing N N 82  
GLN N   CA   sing N N 83  
GLN N   H    sing N N 84  
GLN N   H2   sing N N 85  
GLN CA  C    sing N N 86  
GLN CA  CB   sing N N 87  
GLN CA  HA   sing N N 88  
GLN C   O    doub N N 89  
GLN C   OXT  sing N N 90  
GLN CB  CG   sing N N 91  
GLN CB  HB2  sing N N 92  
GLN CB  HB3  sing N N 93  
GLN CG  CD   sing N N 94  
GLN CG  HG2  sing N N 95  
GLN CG  HG3  sing N N 96  
GLN CD  OE1  doub N N 97  
GLN CD  NE2  sing N N 98  
GLN NE2 HE21 sing N N 99  
GLN NE2 HE22 sing N N 100 
GLN OXT HXT  sing N N 101 
GLU N   CA   sing N N 102 
GLU N   H    sing N N 103 
GLU N   H2   sing N N 104 
GLU CA  C    sing N N 105 
GLU CA  CB   sing N N 106 
GLU CA  HA   sing N N 107 
GLU C   O    doub N N 108 
GLU C   OXT  sing N N 109 
GLU CB  CG   sing N N 110 
GLU CB  HB2  sing N N 111 
GLU CB  HB3  sing N N 112 
GLU CG  CD   sing N N 113 
GLU CG  HG2  sing N N 114 
GLU CG  HG3  sing N N 115 
GLU CD  OE1  doub N N 116 
GLU CD  OE2  sing N N 117 
GLU OE2 HE2  sing N N 118 
GLU OXT HXT  sing N N 119 
GLY N   CA   sing N N 120 
GLY N   H    sing N N 121 
GLY N   H2   sing N N 122 
GLY CA  C    sing N N 123 
GLY CA  HA2  sing N N 124 
GLY CA  HA3  sing N N 125 
GLY C   O    doub N N 126 
GLY C   OXT  sing N N 127 
GLY OXT HXT  sing N N 128 
HIS N   CA   sing N N 129 
HIS N   H    sing N N 130 
HIS N   H2   sing N N 131 
HIS CA  C    sing N N 132 
HIS CA  CB   sing N N 133 
HIS CA  HA   sing N N 134 
HIS C   O    doub N N 135 
HIS C   OXT  sing N N 136 
HIS CB  CG   sing N N 137 
HIS CB  HB2  sing N N 138 
HIS CB  HB3  sing N N 139 
HIS CG  ND1  sing Y N 140 
HIS CG  CD2  doub Y N 141 
HIS ND1 CE1  doub Y N 142 
HIS ND1 HD1  sing N N 143 
HIS CD2 NE2  sing Y N 144 
HIS CD2 HD2  sing N N 145 
HIS CE1 NE2  sing Y N 146 
HIS CE1 HE1  sing N N 147 
HIS NE2 HE2  sing N N 148 
HIS OXT HXT  sing N N 149 
HOH O   H1   sing N N 150 
HOH O   H2   sing N N 151 
ILE N   CA   sing N N 152 
ILE N   H    sing N N 153 
ILE N   H2   sing N N 154 
ILE CA  C    sing N N 155 
ILE CA  CB   sing N N 156 
ILE CA  HA   sing N N 157 
ILE C   O    doub N N 158 
ILE C   OXT  sing N N 159 
ILE CB  CG1  sing N N 160 
ILE CB  CG2  sing N N 161 
ILE CB  HB   sing N N 162 
ILE CG1 CD1  sing N N 163 
ILE CG1 HG12 sing N N 164 
ILE CG1 HG13 sing N N 165 
ILE CG2 HG21 sing N N 166 
ILE CG2 HG22 sing N N 167 
ILE CG2 HG23 sing N N 168 
ILE CD1 HD11 sing N N 169 
ILE CD1 HD12 sing N N 170 
ILE CD1 HD13 sing N N 171 
ILE OXT HXT  sing N N 172 
LEU N   CA   sing N N 173 
LEU N   H    sing N N 174 
LEU N   H2   sing N N 175 
LEU CA  C    sing N N 176 
LEU CA  CB   sing N N 177 
LEU CA  HA   sing N N 178 
LEU C   O    doub N N 179 
LEU C   OXT  sing N N 180 
LEU CB  CG   sing N N 181 
LEU CB  HB2  sing N N 182 
LEU CB  HB3  sing N N 183 
LEU CG  CD1  sing N N 184 
LEU CG  CD2  sing N N 185 
LEU CG  HG   sing N N 186 
LEU CD1 HD11 sing N N 187 
LEU CD1 HD12 sing N N 188 
LEU CD1 HD13 sing N N 189 
LEU CD2 HD21 sing N N 190 
LEU CD2 HD22 sing N N 191 
LEU CD2 HD23 sing N N 192 
LEU OXT HXT  sing N N 193 
LYS N   CA   sing N N 194 
LYS N   H    sing N N 195 
LYS N   H2   sing N N 196 
LYS CA  C    sing N N 197 
LYS CA  CB   sing N N 198 
LYS CA  HA   sing N N 199 
LYS C   O    doub N N 200 
LYS C   OXT  sing N N 201 
LYS CB  CG   sing N N 202 
LYS CB  HB2  sing N N 203 
LYS CB  HB3  sing N N 204 
LYS CG  CD   sing N N 205 
LYS CG  HG2  sing N N 206 
LYS CG  HG3  sing N N 207 
LYS CD  CE   sing N N 208 
LYS CD  HD2  sing N N 209 
LYS CD  HD3  sing N N 210 
LYS CE  NZ   sing N N 211 
LYS CE  HE2  sing N N 212 
LYS CE  HE3  sing N N 213 
LYS NZ  HZ1  sing N N 214 
LYS NZ  HZ2  sing N N 215 
LYS NZ  HZ3  sing N N 216 
LYS OXT HXT  sing N N 217 
PHE N   CA   sing N N 218 
PHE N   H    sing N N 219 
PHE N   H2   sing N N 220 
PHE CA  C    sing N N 221 
PHE CA  CB   sing N N 222 
PHE CA  HA   sing N N 223 
PHE C   O    doub N N 224 
PHE C   OXT  sing N N 225 
PHE CB  CG   sing N N 226 
PHE CB  HB2  sing N N 227 
PHE CB  HB3  sing N N 228 
PHE CG  CD1  doub Y N 229 
PHE CG  CD2  sing Y N 230 
PHE CD1 CE1  sing Y N 231 
PHE CD1 HD1  sing N N 232 
PHE CD2 CE2  doub Y N 233 
PHE CD2 HD2  sing N N 234 
PHE CE1 CZ   doub Y N 235 
PHE CE1 HE1  sing N N 236 
PHE CE2 CZ   sing Y N 237 
PHE CE2 HE2  sing N N 238 
PHE CZ  HZ   sing N N 239 
PHE OXT HXT  sing N N 240 
PRO N   CA   sing N N 241 
PRO N   CD   sing N N 242 
PRO N   H    sing N N 243 
PRO CA  C    sing N N 244 
PRO CA  CB   sing N N 245 
PRO CA  HA   sing N N 246 
PRO C   O    doub N N 247 
PRO C   OXT  sing N N 248 
PRO CB  CG   sing N N 249 
PRO CB  HB2  sing N N 250 
PRO CB  HB3  sing N N 251 
PRO CG  CD   sing N N 252 
PRO CG  HG2  sing N N 253 
PRO CG  HG3  sing N N 254 
PRO CD  HD2  sing N N 255 
PRO CD  HD3  sing N N 256 
PRO OXT HXT  sing N N 257 
SER N   CA   sing N N 258 
SER N   H    sing N N 259 
SER N   H2   sing N N 260 
SER CA  C    sing N N 261 
SER CA  CB   sing N N 262 
SER CA  HA   sing N N 263 
SER C   O    doub N N 264 
SER C   OXT  sing N N 265 
SER CB  OG   sing N N 266 
SER CB  HB2  sing N N 267 
SER CB  HB3  sing N N 268 
SER OG  HG   sing N N 269 
SER OXT HXT  sing N N 270 
SO4 S   O1   doub N N 271 
SO4 S   O2   doub N N 272 
SO4 S   O3   sing N N 273 
SO4 S   O4   sing N N 274 
THR N   CA   sing N N 275 
THR N   H    sing N N 276 
THR N   H2   sing N N 277 
THR CA  C    sing N N 278 
THR CA  CB   sing N N 279 
THR CA  HA   sing N N 280 
THR C   O    doub N N 281 
THR C   OXT  sing N N 282 
THR CB  OG1  sing N N 283 
THR CB  CG2  sing N N 284 
THR CB  HB   sing N N 285 
THR OG1 HG1  sing N N 286 
THR CG2 HG21 sing N N 287 
THR CG2 HG22 sing N N 288 
THR CG2 HG23 sing N N 289 
THR OXT HXT  sing N N 290 
TYR N   CA   sing N N 291 
TYR N   H    sing N N 292 
TYR N   H2   sing N N 293 
TYR CA  C    sing N N 294 
TYR CA  CB   sing N N 295 
TYR CA  HA   sing N N 296 
TYR C   O    doub N N 297 
TYR C   OXT  sing N N 298 
TYR CB  CG   sing N N 299 
TYR CB  HB2  sing N N 300 
TYR CB  HB3  sing N N 301 
TYR CG  CD1  doub Y N 302 
TYR CG  CD2  sing Y N 303 
TYR CD1 CE1  sing Y N 304 
TYR CD1 HD1  sing N N 305 
TYR CD2 CE2  doub Y N 306 
TYR CD2 HD2  sing N N 307 
TYR CE1 CZ   doub Y N 308 
TYR CE1 HE1  sing N N 309 
TYR CE2 CZ   sing Y N 310 
TYR CE2 HE2  sing N N 311 
TYR CZ  OH   sing N N 312 
TYR OH  HH   sing N N 313 
TYR OXT HXT  sing N N 314 
VAL N   CA   sing N N 315 
VAL N   H    sing N N 316 
VAL N   H2   sing N N 317 
VAL CA  C    sing N N 318 
VAL CA  CB   sing N N 319 
VAL CA  HA   sing N N 320 
VAL C   O    doub N N 321 
VAL C   OXT  sing N N 322 
VAL CB  CG1  sing N N 323 
VAL CB  CG2  sing N N 324 
VAL CB  HB   sing N N 325 
VAL CG1 HG11 sing N N 326 
VAL CG1 HG12 sing N N 327 
VAL CG1 HG13 sing N N 328 
VAL CG2 HG21 sing N N 329 
VAL CG2 HG22 sing N N 330 
VAL CG2 HG23 sing N N 331 
VAL OXT HXT  sing N N 332 
# 
loop_
_pdbx_audit_support.funding_organization 
_pdbx_audit_support.country 
_pdbx_audit_support.grant_number 
_pdbx_audit_support.ordinal 
'Canadian Institutes of Health Research (CIHR)'                                                   Canada          ? 1 
'National Institutes of Health/National Institute Of Allergy and Infectious Diseases (NIH/NIAID)' 'United States' ? 2 
# 
_pdbx_initial_refinement_model.id               1 
_pdbx_initial_refinement_model.entity_id_list   ? 
_pdbx_initial_refinement_model.type             'experimental model' 
_pdbx_initial_refinement_model.source_name      PDB 
_pdbx_initial_refinement_model.accession_code   4E34 
_pdbx_initial_refinement_model.details          ? 
# 
_space_group.name_H-M_alt     'P 32 2 1' 
_space_group.name_Hall        
;P 32 2"
;
_space_group.IT_number        154 
_space_group.crystal_system   trigonal 
_space_group.id               1 
# 
_atom_sites.entry_id                    6XNJ 
_atom_sites.Cartn_transf_matrix[1][1]   ? 
_atom_sites.Cartn_transf_matrix[1][2]   ? 
_atom_sites.Cartn_transf_matrix[1][3]   ? 
_atom_sites.Cartn_transf_matrix[2][1]   ? 
_atom_sites.Cartn_transf_matrix[2][2]   ? 
_atom_sites.Cartn_transf_matrix[2][3]   ? 
_atom_sites.Cartn_transf_matrix[3][1]   ? 
_atom_sites.Cartn_transf_matrix[3][2]   ? 
_atom_sites.Cartn_transf_matrix[3][3]   ? 
_atom_sites.Cartn_transf_vector[1]      ? 
_atom_sites.Cartn_transf_vector[2]      ? 
_atom_sites.Cartn_transf_vector[3]      ? 
_atom_sites.fract_transf_matrix[1][1]   -0.01099506 
_atom_sites.fract_transf_matrix[1][2]   0.00946215 
_atom_sites.fract_transf_matrix[1][3]   -0.00846250 
_atom_sites.fract_transf_matrix[2][1]   -0.01404643 
_atom_sites.fract_transf_matrix[2][2]   -0.00688326 
_atom_sites.fract_transf_matrix[2][3]   -0.00610929 
_atom_sites.fract_transf_matrix[3][1]   -0.00792742 
_atom_sites.fract_transf_matrix[3][2]   0.00353116 
_atom_sites.fract_transf_matrix[3][3]   0.01424814 
_atom_sites.fract_transf_vector[1]      0.422145 
_atom_sites.fract_transf_vector[2]      -0.196351 
_atom_sites.fract_transf_vector[3]      -0.255066 
_atom_sites.solution_primary            ? 
_atom_sites.solution_secondary          ? 
_atom_sites.solution_hydrogens          ? 
_atom_sites.special_details             ? 
# 
loop_
_atom_type.symbol 
_atom_type.scat_dispersion_real 
_atom_type.scat_dispersion_imag 
_atom_type.scat_Cromer_Mann_a1 
_atom_type.scat_Cromer_Mann_a2 
_atom_type.scat_Cromer_Mann_a3 
_atom_type.scat_Cromer_Mann_a4 
_atom_type.scat_Cromer_Mann_b1 
_atom_type.scat_Cromer_Mann_b2 
_atom_type.scat_Cromer_Mann_b3 
_atom_type.scat_Cromer_Mann_b4 
_atom_type.scat_Cromer_Mann_c 
_atom_type.scat_source 
_atom_type.scat_dispersion_source 
C ? ? 3.54356 2.42580 ? ? 25.62398 1.50364  ? ? 0.0 
;2-Gaussian fit: Grosse-Kunstleve RW, Sauter NK, Adams PD: Newsletter of the IUCr Commission on Crystallographic Computing 2004, 3, 22-31.
;
? 
N ? ? 4.01032 2.96436 ? ? 19.97189 1.75589  ? ? 0.0 
;2-Gaussian fit: Grosse-Kunstleve RW, Sauter NK, Adams PD: Newsletter of the IUCr Commission on Crystallographic Computing 2004, 3, 22-31.
;
? 
O ? ? 4.49882 3.47563 ? ? 15.80542 1.70748  ? ? 0.0 
;2-Gaussian fit: Grosse-Kunstleve RW, Sauter NK, Adams PD: Newsletter of the IUCr Commission on Crystallographic Computing 2004, 3, 22-31.
;
? 
S ? ? 9.55732 6.39887 ? ? 1.23737  29.19336 ? ? 0.0 
;2-Gaussian fit: Grosse-Kunstleve RW, Sauter NK, Adams PD: Newsletter of the IUCr Commission on Crystallographic Computing 2004, 3, 22-31.
;
? 
# 
loop_
_atom_site.group_PDB 
_atom_site.id 
_atom_site.type_symbol 
_atom_site.label_atom_id 
_atom_site.label_alt_id 
_atom_site.label_comp_id 
_atom_site.label_asym_id 
_atom_site.label_entity_id 
_atom_site.label_seq_id 
_atom_site.pdbx_PDB_ins_code 
_atom_site.Cartn_x 
_atom_site.Cartn_y 
_atom_site.Cartn_z 
_atom_site.occupancy 
_atom_site.B_iso_or_equiv 
_atom_site.pdbx_formal_charge 
_atom_site.auth_seq_id 
_atom_site.auth_comp_id 
_atom_site.auth_asym_id 
_atom_site.auth_atom_id 
_atom_site.pdbx_PDB_model_num 
ATOM   1   N N   . GLY A 1 5  ? 7.45625   14.40576  -5.57709  1.000 70.45107 ? 276 GLY A N   1 
ATOM   2   C CA  . GLY A 1 5  ? 8.67572   13.63755  -5.75615  1.000 61.83429 ? 276 GLY A CA  1 
ATOM   3   C C   . GLY A 1 5  ? 8.68463   12.76872  -6.99948  1.000 46.58773 ? 276 GLY A C   1 
ATOM   4   O O   . GLY A 1 5  ? 7.74058   12.80225  -7.79415  1.000 53.25398 ? 276 GLY A O   1 
ATOM   5   N N   . PRO A 1 6  ? 9.76112   12.00631  -7.18343  1.000 42.55980 ? 277 PRO A N   1 
ATOM   6   C CA  . PRO A 1 6  ? 9.82825   11.06359  -8.30697  1.000 33.11132 ? 277 PRO A CA  1 
ATOM   7   C C   . PRO A 1 6  ? 9.03716   9.79932   -8.00759  1.000 30.78836 ? 277 PRO A C   1 
ATOM   8   O O   . PRO A 1 6  ? 9.00400   9.31732   -6.87152  1.000 32.44174 ? 277 PRO A O   1 
ATOM   9   C CB  . PRO A 1 6  ? 11.32084  10.74470  -8.39977  1.000 41.06358 ? 277 PRO A CB  1 
ATOM   10  C CG  . PRO A 1 6  ? 11.75580  10.82070  -6.94834  1.000 41.75836 ? 277 PRO A CG  1 
ATOM   11  C CD  . PRO A 1 6  ? 10.93716  11.90260  -6.30435  1.000 47.42188 ? 277 PRO A CD  1 
ATOM   12  N N   . ILE A 1 7  ? 8.39863   9.25233   -9.03755  1.000 23.63838 ? 278 ILE A N   1 
ATOM   13  C CA  . ILE A 1 7  ? 7.72389   7.97133   -8.88239  1.000 21.57060 ? 278 ILE A CA  1 
ATOM   14  C C   . ILE A 1 7  ? 8.76183   6.86980   -8.76605  1.000 27.51336 ? 278 ILE A C   1 
ATOM   15  O O   . ILE A 1 7  ? 9.73596   6.82896   -9.53587  1.000 25.82290 ? 278 ILE A O   1 
ATOM   16  C CB  . ILE A 1 7  ? 6.77737   7.71752   -10.06504 1.000 31.12490 ? 278 ILE A CB  1 
ATOM   17  C CG1 . ILE A 1 7  ? 5.67290   8.76534   -10.07511 1.000 29.13164 ? 278 ILE A CG1 1 
ATOM   18  C CG2 . ILE A 1 7  ? 6.21218   6.31747   -9.99739  1.000 27.29046 ? 278 ILE A CG2 1 
ATOM   19  C CD1 . ILE A 1 7  ? 4.83546   8.78438   -11.33495 1.000 34.19488 ? 278 ILE A CD1 1 
ATOM   20  N N   . ARG A 1 8  ? 8.56376   5.96026   -7.81365  1.000 16.76925 ? 279 ARG A N   1 
ATOM   21  C CA  . ARG A 1 8  ? 9.48238   4.83855   -7.62287  1.000 18.29441 ? 279 ARG A CA  1 
ATOM   22  C C   . ARG A 1 8  ? 8.75884   3.51180   -7.82074  1.000 18.80074 ? 279 ARG A C   1 
ATOM   23  O O   . ARG A 1 8  ? 7.57534   3.38396   -7.52019  1.000 17.09750 ? 279 ARG A O   1 
ATOM   24  C CB  . ARG A 1 8  ? 10.11813  4.85247   -6.22231  1.000 21.73418 ? 279 ARG A CB  1 
ATOM   25  C CG  . ARG A 1 8  ? 10.94147  6.10485   -5.92824  1.000 27.94924 ? 279 ARG A CG  1 
ATOM   26  C CD  . ARG A 1 8  ? 10.36916  6.89264   -4.75231  1.000 24.40113 ? 279 ARG A CD  1 
ATOM   27  N NE  . ARG A 1 8  ? 10.15790  6.03021   -3.59177  1.000 22.67326 ? 279 ARG A NE  1 
ATOM   28  C CZ  . ARG A 1 8  ? 9.22665   6.22914   -2.66984  1.000 24.25281 ? 279 ARG A CZ  1 
ATOM   29  N NH1 . ARG A 1 8  ? 8.40978   7.28193   -2.74477  1.000 23.69890 ? 279 ARG A NH1 1 
ATOM   30  N NH2 . ARG A 1 8  ? 9.10096   5.36250   -1.66555  1.000 22.97624 ? 279 ARG A NH2 1 
ATOM   31  N N   . LYS A 1 9  ? 9.48814   2.51129   -8.30980  1.000 15.90343 ? 280 LYS A N   1 
ATOM   32  C CA  . LYS A 1 9  ? 8.98100   1.14773   -8.36175  1.000 14.35056 ? 280 LYS A CA  1 
ATOM   33  C C   . LYS A 1 9  ? 9.75323   0.31360   -7.35303  1.000 15.75985 ? 280 LYS A C   1 
ATOM   34  O O   . LYS A 1 9  ? 10.98922  0.33344   -7.34469  1.000 17.18074 ? 280 LYS A O   1 
ATOM   35  C CB  . LYS A 1 9  ? 9.12961   0.56951   -9.77267  1.000 18.03091 ? 280 LYS A CB  1 
ATOM   36  C CG  . LYS A 1 9  ? 8.07587   1.14165   -10.71034 1.000 30.38919 ? 280 LYS A CG  1 
ATOM   37  C CD  . LYS A 1 9  ? 8.00616   0.43442   -12.03746 1.000 47.49334 ? 280 LYS A CD  1 
ATOM   38  C CE  . LYS A 1 9  ? 6.85266   0.98732   -12.87248 1.000 59.24286 ? 280 LYS A CE  1 
ATOM   39  N NZ  . LYS A 1 9  ? 7.01153   2.43588   -13.18758 1.000 62.06011 ? 280 LYS A NZ  1 
ATOM   40  N N   . VAL A 1 10 ? 9.03111   -0.42374  -6.51124  1.000 14.60756 ? 281 VAL A N   1 
ATOM   41  C CA  . VAL A 1 10 ? 9.64706   -1.18490  -5.42607  1.000 12.91189 ? 281 VAL A CA  1 
ATOM   42  C C   . VAL A 1 10 ? 8.94835   -2.53408  -5.38911  1.000 15.33177 ? 281 VAL A C   1 
ATOM   43  O O   . VAL A 1 10 ? 7.72117   -2.58376  -5.24113  1.000 19.59746 ? 281 VAL A O   1 
ATOM   44  C CB  . VAL A 1 10 ? 9.48692   -0.49553  -4.05613  1.000 16.01202 ? 281 VAL A CB  1 
ATOM   45  C CG1 . VAL A 1 10 ? 10.03018  -1.39075  -2.95242  1.000 20.92031 ? 281 VAL A CG1 1 
ATOM   46  C CG2 . VAL A 1 10 ? 10.18930  0.88329   -4.03047  1.000 18.77294 ? 281 VAL A CG2 1 
ATOM   47  N N   . LEU A 1 11 ? 9.71156   -3.61556  -5.49383  1.000 15.34563 ? 282 LEU A N   1 
ATOM   48  C CA  . LEU A 1 11 ? 9.14702   -4.96308  -5.48685  1.000 12.45310 ? 282 LEU A CA  1 
ATOM   49  C C   . LEU A 1 11 ? 9.53682   -5.65632  -4.19189  1.000 19.39509 ? 282 LEU A C   1 
ATOM   50  O O   . LEU A 1 11 ? 10.71043  -5.63559  -3.80750  1.000 20.15111 ? 282 LEU A O   1 
ATOM   51  C CB  . LEU A 1 11 ? 9.66335   -5.76062  -6.68800  1.000 15.43238 ? 282 LEU A CB  1 
ATOM   52  C CG  . LEU A 1 11 ? 9.15809   -7.19764  -6.76870  1.000 19.60487 ? 282 LEU A CG  1 
ATOM   53  C CD1 . LEU A 1 11 ? 8.90632   -7.55602  -8.22971  1.000 31.77942 ? 282 LEU A CD1 1 
ATOM   54  C CD2 . LEU A 1 11 ? 10.17952  -8.16404  -6.15643  1.000 23.90475 ? 282 LEU A CD2 1 
ATOM   55  N N   . LEU A 1 12 ? 8.57112   -6.28823  -3.53283  1.000 16.65857 ? 283 LEU A N   1 
ATOM   56  C CA  . LEU A 1 12 ? 8.89435   -7.19200  -2.43584  1.000 16.51587 ? 283 LEU A CA  1 
ATOM   57  C C   . LEU A 1 12 ? 8.21372   -8.53536  -2.68066  1.000 17.04311 ? 283 LEU A C   1 
ATOM   58  O O   . LEU A 1 12 ? 7.34110   -8.66432  -3.54168  1.000 18.81267 ? 283 LEU A O   1 
ATOM   59  C CB  . LEU A 1 12 ? 8.47537   -6.61620  -1.08226  1.000 20.67728 ? 283 LEU A CB  1 
ATOM   60  C CG  . LEU A 1 12 ? 7.00728   -6.24777  -0.85696  1.000 18.44296 ? 283 LEU A CG  1 
ATOM   61  C CD1 . LEU A 1 12 ? 6.16955   -7.47300  -0.51358  1.000 20.73262 ? 283 LEU A CD1 1 
ATOM   62  C CD2 . LEU A 1 12 ? 6.92674   -5.23967  0.29795   1.000 19.55003 ? 283 LEU A CD2 1 
ATOM   63  N N   . LEU A 1 13 ? 8.63133   -9.53998  -1.91246  1.000 17.20122 ? 284 LEU A N   1 
ATOM   64  C CA  . LEU A 1 13 ? 8.03933   -10.86806 -1.93846  1.000 18.39308 ? 284 LEU A CA  1 
ATOM   65  C C   . LEU A 1 13 ? 7.21682   -11.07656 -0.67004  1.000 20.41262 ? 284 LEU A C   1 
ATOM   66  O O   . LEU A 1 13 ? 7.63435   -10.67379 0.41204   1.000 19.47942 ? 284 LEU A O   1 
ATOM   67  C CB  . LEU A 1 13 ? 9.11123   -11.94772 -2.01004  1.000 21.34011 ? 284 LEU A CB  1 
ATOM   68  C CG  . LEU A 1 13 ? 10.04456  -11.84480 -3.21639  1.000 24.97978 ? 284 LEU A CG  1 
ATOM   69  C CD1 . LEU A 1 13 ? 11.15346  -12.87784 -3.12321  1.000 29.59207 ? 284 LEU A CD1 1 
ATOM   70  C CD2 . LEU A 1 13 ? 9.23672   -12.02521 -4.48175  1.000 33.02020 ? 284 LEU A CD2 1 
ATOM   71  N N   . LYS A 1 14 ? 6.08132   -11.75376 -0.81199  1.000 19.41841 ? 285 LYS A N   1 
ATOM   72  C CA  . LYS A 1 14 ? 5.18608   -12.06113 0.30347   1.000 20.24610 ? 285 LYS A CA  1 
ATOM   73  C C   . LYS A 1 14 ? 4.85473   -13.54203 0.22970   1.000 25.05832 ? 285 LYS A C   1 
ATOM   74  O O   . LYS A 1 14 ? 4.31973   -13.99976 -0.78702  1.000 32.40567 ? 285 LYS A O   1 
ATOM   75  C CB  . LYS A 1 14 ? 3.90885   -11.21935 0.21907   1.000 21.88669 ? 285 LYS A CB  1 
ATOM   76  C CG  . LYS A 1 14 ? 2.94646   -11.43022 1.37746   1.000 27.46441 ? 285 LYS A CG  1 
ATOM   77  C CD  . LYS A 1 14 ? 1.59685   -10.80940 1.12020   1.000 26.90178 ? 285 LYS A CD  1 
ATOM   78  C CE  . LYS A 1 14 ? 0.67001   -11.77309 0.47219   1.000 29.69930 ? 285 LYS A CE  1 
ATOM   79  N NZ  . LYS A 1 14 ? 0.38764   -12.98503 1.32968   1.000 30.28956 ? 285 LYS A NZ  1 
ATOM   80  N N   . GLU A 1 15 ? 5.19189   -14.29643 1.27753   1.000 25.60291 ? 286 GLU A N   1 
ATOM   81  C CA  . GLU A 1 15 ? 4.71589   -15.66647 1.36745   1.000 28.68507 ? 286 GLU A CA  1 
ATOM   82  C C   . GLU A 1 15 ? 3.20327   -15.67857 1.63183   1.000 29.03046 ? 286 GLU A C   1 
ATOM   83  O O   . GLU A 1 15 ? 2.62389   -14.70696 2.11662   1.000 30.73864 ? 286 GLU A O   1 
ATOM   84  C CB  . GLU A 1 15 ? 5.45760   -16.43048 2.47178   1.000 39.25578 ? 286 GLU A CB  1 
ATOM   85  C CG  . GLU A 1 15 ? 6.98322   -16.34585 2.38166   1.000 61.40485 ? 286 GLU A CG  1 
ATOM   86  C CD  . GLU A 1 15 ? 7.58034   -17.17351 1.23760   1.000 78.48637 ? 286 GLU A CD  1 
ATOM   87  O OE1 . GLU A 1 15 ? 6.82601   -17.91623 0.56524   1.000 83.31485 ? 286 GLU A OE1 1 
ATOM   88  O OE2 . GLU A 1 15 ? 8.80914   -17.07956 1.00579   1.000 82.88504 ? 286 GLU A OE2 1 
ATOM   89  N N   . ASP A 1 16 ? 2.56045   -16.79532 1.29217   1.000 31.89401 ? 287 ASP A N   1 
ATOM   90  C CA  . ASP A 1 16 ? 1.10362   -16.85122 1.38418   1.000 34.91350 ? 287 ASP A CA  1 
ATOM   91  C C   . ASP A 1 16 ? 0.62026   -16.60088 2.80719   1.000 40.16058 ? 287 ASP A C   1 
ATOM   92  O O   . ASP A 1 16 ? -0.40463  -15.94247 3.01167   1.000 51.64237 ? 287 ASP A O   1 
ATOM   93  C CB  . ASP A 1 16 ? 0.59923   -18.19342 0.86479   1.000 38.19670 ? 287 ASP A CB  1 
ATOM   94  C CG  . ASP A 1 16 ? 0.40663   -18.18772 -0.64768  1.000 52.70931 ? 287 ASP A CG  1 
ATOM   95  O OD1 . ASP A 1 16 ? 0.70472   -17.14855 -1.28617  1.000 47.06231 ? 287 ASP A OD1 1 
ATOM   96  O OD2 . ASP A 1 16 ? -0.03514  -19.21502 -1.19856  1.000 55.45186 ? 287 ASP A OD2 1 
ATOM   97  N N   . HIS A 1 17 ? 1.35977   -17.08320 3.80537   1.000 32.96531 ? 288 HIS A N   1 
ATOM   98  C CA  . HIS A 1 17 ? 0.95047   -16.91688 5.19674   1.000 50.92493 ? 288 HIS A CA  1 
ATOM   99  C C   . HIS A 1 17 ? 1.23870   -15.52523 5.76158   1.000 43.05783 ? 288 HIS A C   1 
ATOM   100 O O   . HIS A 1 17 ? 0.84685   -15.25547 6.90285   1.000 39.25284 ? 288 HIS A O   1 
ATOM   101 C CB  . HIS A 1 17 ? 1.65184   -17.95694 6.07540   1.000 58.40320 ? 288 HIS A CB  1 
ATOM   102 C CG  . HIS A 1 17 ? 3.08841   -17.63013 6.35695   1.000 73.36020 ? 288 HIS A CG  1 
ATOM   103 N ND1 . HIS A 1 17 ? 4.08723   -17.78528 5.41725   1.000 80.01818 ? 288 HIS A ND1 1 
ATOM   104 C CD2 . HIS A 1 17 ? 3.68994   -17.13212 7.46394   1.000 77.90345 ? 288 HIS A CD2 1 
ATOM   105 C CE1 . HIS A 1 17 ? 5.24265   -17.40581 5.93680   1.000 77.67980 ? 288 HIS A CE1 1 
ATOM   106 N NE2 . HIS A 1 17 ? 5.02949   -17.00643 7.17814   1.000 79.18187 ? 288 HIS A NE2 1 
ATOM   107 N N   . GLU A 1 18 ? 1.92668   -14.65756 5.02188   1.000 27.23666 ? 289 GLU A N   1 
ATOM   108 C CA  . GLU A 1 18 ? 2.33572   -13.33971 5.50479   1.000 22.85709 ? 289 GLU A CA  1 
ATOM   109 C C   . GLU A 1 18 ? 1.35101   -12.26478 5.07340   1.000 30.22654 ? 289 GLU A C   1 
ATOM   110 O O   . GLU A 1 18 ? 0.67376   -12.37938 4.04938   1.000 28.58261 ? 289 GLU A O   1 
ATOM   111 C CB  . GLU A 1 18 ? 3.72619   -12.94940 4.96046   1.000 22.84521 ? 289 GLU A CB  1 
ATOM   112 C CG  . GLU A 1 18 ? 4.88650   -13.70567 5.54992   1.000 25.92069 ? 289 GLU A CG  1 
ATOM   113 C CD  . GLU A 1 18 ? 6.19805   -13.38682 4.86346   1.000 35.10537 ? 289 GLU A CD  1 
ATOM   114 O OE1 . GLU A 1 18 ? 6.21310   -13.24225 3.61594   1.000 27.50593 ? 289 GLU A OE1 1 
ATOM   115 O OE2 . GLU A 1 18 ? 7.21974   -13.29041 5.56960   1.000 36.03043 ? 289 GLU A OE2 1 
ATOM   116 N N   . GLY A 1 19 ? 1.32606   -11.17371 5.84759   1.000 29.88230 ? 290 GLY A N   1 
ATOM   117 C CA  . GLY A 1 19 ? 0.78562   -9.92671  5.35260   1.000 23.29468 ? 290 GLY A CA  1 
ATOM   118 C C   . GLY A 1 19 ? 1.85379   -9.10984  4.65086   1.000 23.85608 ? 290 GLY A C   1 
ATOM   119 O O   . GLY A 1 19 ? 3.02924   -9.47492  4.61084   1.000 23.06328 ? 290 GLY A O   1 
ATOM   120 N N   . LEU A 1 20 ? 1.42093   -8.01285  4.03628   1.000 19.11705 ? 291 LEU A N   1 
ATOM   121 C CA  . LEU A 1 20 ? 2.37109   -7.09097  3.42434   1.000 20.88297 ? 291 LEU A CA  1 
ATOM   122 C C   . LEU A 1 20 ? 3.19031   -6.35250  4.47459   1.000 22.91670 ? 291 LEU A C   1 
ATOM   123 O O   . LEU A 1 20 ? 4.32241   -5.93393  4.19282   1.000 20.73076 ? 291 LEU A O   1 
ATOM   124 C CB  . LEU A 1 20 ? 1.64609   -6.05208  2.56561   1.000 21.94808 ? 291 LEU A CB  1 
ATOM   125 C CG  . LEU A 1 20 ? 0.94694   -6.44402  1.28318   1.000 24.58746 ? 291 LEU A CG  1 
ATOM   126 C CD1 . LEU A 1 20 ? 0.35854   -5.17532  0.67885   1.000 21.91444 ? 291 LEU A CD1 1 
ATOM   127 C CD2 . LEU A 1 20 ? 1.98287   -7.07856  0.35298   1.000 18.58062 ? 291 LEU A CD2 1 
ATOM   128 N N   . GLY A 1 21 ? 2.61878   -6.14014  5.65657   1.000 19.04489 ? 292 GLY A N   1 
ATOM   129 C CA  . GLY A 1 21 ? 3.27907   -5.37123  6.69984   1.000 21.44868 ? 292 GLY A CA  1 
ATOM   130 C C   . GLY A 1 21 ? 3.14305   -3.86598  6.55906   1.000 20.19316 ? 292 GLY A C   1 
ATOM   131 O O   . GLY A 1 21 ? 4.04803   -3.12627  6.97643   1.000 19.36526 ? 292 GLY A O   1 
ATOM   132 N N   . ILE A 1 22 ? 2.06312   -3.38843  5.93938   1.000 14.97100 ? 293 ILE A N   1 
ATOM   133 C CA  . ILE A 1 22 ? 1.80090   -1.95448  5.85025   1.000 16.64562 ? 293 ILE A CA  1 
ATOM   134 C C   . ILE A 1 22 ? 0.36529   -1.70834  6.28434   1.000 18.29202 ? 293 ILE A C   1 
ATOM   135 O O   . ILE A 1 22 ? -0.48975  -2.59399  6.21896   1.000 22.50478 ? 293 ILE A O   1 
ATOM   136 C CB  . ILE A 1 22 ? 2.03835   -1.36403  4.43565   1.000 17.61396 ? 293 ILE A CB  1 
ATOM   137 C CG1 . ILE A 1 22 ? 1.05102   -1.93446  3.41766   1.000 19.53568 ? 293 ILE A CG1 1 
ATOM   138 C CG2 . ILE A 1 22 ? 3.47733   -1.61648  3.96520   1.000 16.39560 ? 293 ILE A CG2 1 
ATOM   139 C CD1 . ILE A 1 22 ? 1.09541   -1.19426  2.06109   1.000 28.98099 ? 293 ILE A CD1 1 
ATOM   140 N N   . SER A 1 23 ? 0.10503   -0.49003  6.74152   1.000 14.82963 ? 294 SER A N   1 
ATOM   141 C CA  . SER A 1 23 ? -1.26208  -0.00945  6.88865   1.000 13.68180 ? 294 SER A CA  1 
ATOM   142 C C   . SER A 1 23 ? -1.49106  1.12232   5.89532   1.000 14.33905 ? 294 SER A C   1 
ATOM   143 O O   . SER A 1 23 ? -0.58798  1.93434   5.65558   1.000 15.96081 ? 294 SER A O   1 
ATOM   144 C CB  . SER A 1 23 ? -1.55729  0.49609   8.31447   1.000 15.04136 ? 294 SER A CB  1 
ATOM   145 O OG  . SER A 1 23 ? -1.48702  -0.55692  9.27609   1.000 19.00893 ? 294 SER A OG  1 
ATOM   146 N N   . ILE A 1 24 ? -2.70948  1.19095   5.34559   1.000 15.17048 ? 295 ILE A N   1 
ATOM   147 C CA  . ILE A 1 24 ? -3.05752  2.24288   4.39713   1.000 14.32285 ? 295 ILE A CA  1 
ATOM   148 C C   . ILE A 1 24 ? -4.22920  3.05643   4.91823   1.000 13.96651 ? 295 ILE A C   1 
ATOM   149 O O   . ILE A 1 24 ? -5.05238  2.58315   5.70860   1.000 16.74688 ? 295 ILE A O   1 
ATOM   150 C CB  . ILE A 1 24 ? -3.38256  1.67925   2.99774   1.000 15.85040 ? 295 ILE A CB  1 
ATOM   151 C CG1 . ILE A 1 24 ? -4.52635  0.65783   3.08402   1.000 17.73823 ? 295 ILE A CG1 1 
ATOM   152 C CG2 . ILE A 1 24 ? -2.11641  1.07777   2.38883   1.000 13.74345 ? 295 ILE A CG2 1 
ATOM   153 C CD1 . ILE A 1 24 ? -5.20123  0.37516   1.72713   1.000 20.84151 ? 295 ILE A CD1 1 
ATOM   154 N N   . THR A 1 25 ? -4.29856  4.30336   4.46172   1.000 14.06028 ? 296 THR A N   1 
ATOM   155 C CA  . THR A 1 25 ? -5.43123  5.16936   4.73509   1.000 15.12158 ? 296 THR A CA  1 
ATOM   156 C C   . THR A 1 25 ? -5.72419  5.95712   3.46006   1.000 15.74403 ? 296 THR A C   1 
ATOM   157 O O   . THR A 1 25 ? -4.98539  5.87371   2.46564   1.000 19.35781 ? 296 THR A O   1 
ATOM   158 C CB  . THR A 1 25 ? -5.15322  6.08996   5.95311   1.000 18.70945 ? 296 THR A CB  1 
ATOM   159 O OG1 . THR A 1 25 ? -6.35776  6.74444   6.36889   1.000 19.41978 ? 296 THR A OG1 1 
ATOM   160 C CG2 . THR A 1 25 ? -4.10636  7.13194   5.62397   1.000 17.70240 ? 296 THR A CG2 1 
ATOM   161 N N   . GLY A 1 26 ? -6.83619  6.68452   3.46549   1.000 17.60202 ? 297 GLY A N   1 
ATOM   162 C CA  . GLY A 1 26 ? -7.18505  7.48877   2.30045   1.000 18.47335 ? 297 GLY A CA  1 
ATOM   163 C C   . GLY A 1 26 ? -8.07234  6.74794   1.32415   1.000 25.53241 ? 297 GLY A C   1 
ATOM   164 O O   . GLY A 1 26 ? -8.62171  5.68239   1.61627   1.000 24.83495 ? 297 GLY A O   1 
ATOM   165 N N   . GLY A 1 27 ? -8.21384  7.32475   0.13648   1.000 18.51750 ? 298 GLY A N   1 
ATOM   166 C CA  . GLY A 1 27 ? -9.06902  6.74091   -0.87609  1.000 18.92637 ? 298 GLY A CA  1 
ATOM   167 C C   . GLY A 1 27 ? -9.96949  7.76943   -1.52311  1.000 19.30153 ? 298 GLY A C   1 
ATOM   168 O O   . GLY A 1 27 ? -10.13871 8.89128   -1.04288  1.000 21.47301 ? 298 GLY A O   1 
ATOM   169 N N   . LYS A 1 28 ? -10.57567 7.34200   -2.63847  1.000 19.31631 ? 299 LYS A N   1 
ATOM   170 C CA  . LYS A 1 28 ? -11.34748 8.25017   -3.48967  1.000 22.36200 ? 299 LYS A CA  1 
ATOM   171 C C   . LYS A 1 28 ? -12.42966 8.99944   -2.71433  1.000 29.37016 ? 299 LYS A C   1 
ATOM   172 O O   . LYS A 1 28 ? -12.65229 10.20182  -2.93597  1.000 26.27618 ? 299 LYS A O   1 
ATOM   173 C CB  . LYS A 1 28 ? -11.96328 7.44430   -4.64305  1.000 21.34290 ? 299 LYS A CB  1 
ATOM   174 C CG  . LYS A 1 28 ? -12.86879 8.20588   -5.55222  1.000 30.79576 ? 299 LYS A CG  1 
ATOM   175 C CD  . LYS A 1 28 ? -13.46504 7.26499   -6.59568  1.000 39.28040 ? 299 LYS A CD  1 
ATOM   176 C CE  . LYS A 1 28 ? -14.45151 7.98700   -7.49677  1.000 53.41347 ? 299 LYS A CE  1 
ATOM   177 N NZ  . LYS A 1 28 ? -13.81173 9.15593   -8.15997  1.000 57.41294 ? 299 LYS A NZ  1 
ATOM   178 N N   . GLU A 1 29 ? -13.13633 8.30970   -1.81603  1.000 25.08630 ? 300 GLU A N   1 
ATOM   179 C CA  . GLU A 1 29 ? -14.26485 8.95269   -1.16074  1.000 29.35399 ? 300 GLU A CA  1 
ATOM   180 C C   . GLU A 1 29 ? -13.82104 10.04331  -0.19938  1.000 30.38739 ? 300 GLU A C   1 
ATOM   181 O O   . GLU A 1 29 ? -14.64037 10.86577  0.20526   1.000 29.87206 ? 300 GLU A O   1 
ATOM   182 C CB  . GLU A 1 29 ? -15.11629 7.89914   -0.44601  1.000 28.30862 ? 300 GLU A CB  1 
ATOM   183 C CG  . GLU A 1 29 ? -14.49804 7.38034   0.84734   1.000 40.67691 ? 300 GLU A CG  1 
ATOM   184 C CD  . GLU A 1 29 ? -13.66259 6.10045   0.65987   1.000 42.35408 ? 300 GLU A CD  1 
ATOM   185 O OE1 . GLU A 1 29 ? -12.75763 6.07439   -0.20947  1.000 27.63694 ? 300 GLU A OE1 1 
ATOM   186 O OE2 . GLU A 1 29 ? -13.91146 5.12229   1.40782   1.000 37.57437 ? 300 GLU A OE2 1 
ATOM   187 N N   . HIS A 1 30 ? -12.54515 10.08725  0.15185   1.000 28.32286 ? 301 HIS A N   1 
ATOM   188 C CA  . HIS A 1 30 ? -11.98736 11.14834  0.97787   1.000 30.24315 ? 301 HIS A CA  1 
ATOM   189 C C   . HIS A 1 30 ? -11.13807 12.12057  0.17555   1.000 32.02682 ? 301 HIS A C   1 
ATOM   190 O O   . HIS A 1 30 ? -10.51085 13.00429  0.75865   1.000 32.04072 ? 301 HIS A O   1 
ATOM   191 C CB  . HIS A 1 30 ? -11.15745 10.52811  2.10501   1.000 33.13532 ? 301 HIS A CB  1 
ATOM   192 C CG  . HIS A 1 30 ? -11.89672 9.46696   2.86178   1.000 42.70410 ? 301 HIS A CG  1 
ATOM   193 N ND1 . HIS A 1 30 ? -11.53023 8.13734   2.83553   1.000 43.77231 ? 301 HIS A ND1 1 
ATOM   194 C CD2 . HIS A 1 30 ? -13.00595 9.53722   3.63696   1.000 35.47115 ? 301 HIS A CD2 1 
ATOM   195 C CE1 . HIS A 1 30 ? -12.37393 7.43830   3.57559   1.000 41.99886 ? 301 HIS A CE1 1 
ATOM   196 N NE2 . HIS A 1 30 ? -13.27765 8.26561   4.07259   1.000 45.02683 ? 301 HIS A NE2 1 
ATOM   197 N N   . GLY A 1 31 ? -11.08152 11.96606  -1.14103  1.000 27.79358 ? 302 GLY A N   1 
ATOM   198 C CA  . GLY A 1 31 ? -10.37939 12.93116  -1.96256  1.000 36.41843 ? 302 GLY A CA  1 
ATOM   199 C C   . GLY A 1 31 ? -8.87884  12.94041  -1.78918  1.000 32.92148 ? 302 GLY A C   1 
ATOM   200 O O   . GLY A 1 31 ? -8.24583  13.96917  -2.03151  1.000 31.13381 ? 302 GLY A O   1 
ATOM   201 N N   . VAL A 1 32 ? -8.28810  11.82528  -1.37148  1.000 20.54333 ? 303 VAL A N   1 
ATOM   202 C CA  . VAL A 1 32 ? -6.83457  11.73064  -1.23131  1.000 20.41406 ? 303 VAL A CA  1 
ATOM   203 C C   . VAL A 1 32 ? -6.37480  10.38660  -1.77465  1.000 20.77017 ? 303 VAL A C   1 
ATOM   204 O O   . VAL A 1 32 ? -7.17055  9.44777   -1.91095  1.000 23.13153 ? 303 VAL A O   1 
ATOM   205 C CB  . VAL A 1 32 ? -6.38368  11.89850  0.23667   1.000 27.93496 ? 303 VAL A CB  1 
ATOM   206 C CG1 . VAL A 1 32 ? -6.83961  13.27498  0.81158   1.000 28.21477 ? 303 VAL A CG1 1 
ATOM   207 C CG2 . VAL A 1 32 ? -6.89546  10.75680  1.07791   1.000 25.76650 ? 303 VAL A CG2 1 
ATOM   208 N N   . PRO A 1 33 ? -5.08614  10.27578  -2.11679  1.000 22.89834 ? 304 PRO A N   1 
ATOM   209 C CA  . PRO A 1 33 ? -4.55142  8.99362   -2.59981  1.000 21.21425 ? 304 PRO A CA  1 
ATOM   210 C C   . PRO A 1 33 ? -4.66313  7.90769   -1.54277  1.000 17.16689 ? 304 PRO A C   1 
ATOM   211 O O   . PRO A 1 33 ? -4.95152  8.16278   -0.36723  1.000 18.06070 ? 304 PRO A O   1 
ATOM   212 C CB  . PRO A 1 33 ? -3.07595  9.29849   -2.88599  1.000 20.45528 ? 304 PRO A CB  1 
ATOM   213 C CG  . PRO A 1 33 ? -2.99499  10.77655  -3.03046  1.000 22.91396 ? 304 PRO A CG  1 
ATOM   214 C CD  . PRO A 1 33 ? -4.07544  11.34992  -2.15436  1.000 23.01268 ? 304 PRO A CD  1 
ATOM   215 N N   . ILE A 1 34 ? -4.38761  6.67525   -1.96689  1.000 15.32134 ? 305 ILE A N   1 
ATOM   216 C CA  . ILE A 1 34 ? -4.10856  5.60788   -1.00731  1.000 14.86458 ? 305 ILE A CA  1 
ATOM   217 C C   . ILE A 1 34 ? -2.72614  5.86213   -0.42880  1.000 16.66929 ? 305 ILE A C   1 
ATOM   218 O O   . ILE A 1 34 ? -1.72541  5.81774   -1.15133  1.000 18.59696 ? 305 ILE A O   1 
ATOM   219 C CB  . ILE A 1 34 ? -4.16321  4.23127   -1.68361  1.000 15.88226 ? 305 ILE A CB  1 
ATOM   220 C CG1 . ILE A 1 34 ? -5.55871  3.95337   -2.26589  1.000 14.12592 ? 305 ILE A CG1 1 
ATOM   221 C CG2 . ILE A 1 34 ? -3.74089  3.14892   -0.68746  1.000 17.98004 ? 305 ILE A CG2 1 
ATOM   222 C CD1 . ILE A 1 34 ? -6.69664  4.09166   -1.23198  1.000 14.84161 ? 305 ILE A CD1 1 
ATOM   223 N N   . LEU A 1 35 ? -2.65856  6.11912   0.87173   1.000 14.91219 ? 306 LEU A N   1 
ATOM   224 C CA  . LEU A 1 35 ? -1.42496  6.54329   1.51853   1.000 13.64532 ? 306 LEU A CA  1 
ATOM   225 C C   . LEU A 1 35 ? -0.94312  5.46180   2.47031   1.000 19.19322 ? 306 LEU A C   1 
ATOM   226 O O   . LEU A 1 35 ? -1.74542  4.80364   3.12960   1.000 16.96083 ? 306 LEU A O   1 
ATOM   227 C CB  . LEU A 1 35 ? -1.62998  7.83691   2.32734   1.000 14.68757 ? 306 LEU A CB  1 
ATOM   228 C CG  . LEU A 1 35 ? -2.00599  9.05816   1.48879   1.000 18.07837 ? 306 LEU A CG  1 
ATOM   229 C CD1 . LEU A 1 35 ? -2.55585  10.18216  2.38547   1.000 21.55017 ? 306 LEU A CD1 1 
ATOM   230 C CD2 . LEU A 1 35 ? -0.80373  9.51695   0.67055   1.000 20.01115 ? 306 LEU A CD2 1 
ATOM   231 N N   . ILE A 1 36 ? 0.37583   5.30277   2.56913   1.000 16.08570 ? 307 ILE A N   1 
ATOM   232 C CA  . ILE A 1 36 ? 0.93529   4.40375   3.57391   1.000 16.51007 ? 307 ILE A CA  1 
ATOM   233 C C   . ILE A 1 36 ? 0.89339   5.09486   4.92841   1.000 17.95287 ? 307 ILE A C   1 
ATOM   234 O O   . ILE A 1 36 ? 1.50887   6.14934   5.12074   1.000 15.02085 ? 307 ILE A O   1 
ATOM   235 C CB  . ILE A 1 36 ? 2.36604   3.97745   3.21105   1.000 12.81467 ? 307 ILE A CB  1 
ATOM   236 C CG1 . ILE A 1 36 ? 2.32056   3.10670   1.95198   1.000 16.35320 ? 307 ILE A CG1 1 
ATOM   237 C CG2 . ILE A 1 36 ? 2.97417   3.19951   4.39907   1.000 16.79250 ? 307 ILE A CG2 1 
ATOM   238 C CD1 . ILE A 1 36 ? 3.72407   2.60058   1.47782   1.000 14.84773 ? 307 ILE A CD1 1 
ATOM   239 N N   . SER A 1 37 ? 0.15685   4.50555   5.88121   1.000 13.75599 ? 308 SER A N   1 
ATOM   240 C CA  A SER A 1 37 ? 0.03969   5.07122   7.22024   0.500 15.52734 ? 308 SER A CA  1 
ATOM   241 C CA  B SER A 1 37 ? 0.07310   5.10902   7.20253   0.500 15.05108 ? 308 SER A CA  1 
ATOM   242 C C   . SER A 1 37 ? 1.10742   4.56326   8.17437   1.000 15.38134 ? 308 SER A C   1 
ATOM   243 O O   . SER A 1 37 ? 1.51556   5.28287   9.09425   1.000 17.94756 ? 308 SER A O   1 
ATOM   244 C CB  A SER A 1 37 ? -1.32976  4.74305   7.81942   0.500 15.87582 ? 308 SER A CB  1 
ATOM   245 C CB  B SER A 1 37 ? -1.31836  4.89056   7.78920   0.500 18.96607 ? 308 SER A CB  1 
ATOM   246 O OG  A SER A 1 37 ? -1.30994  4.91427   9.22469   0.500 15.83877 ? 308 SER A OG  1 
ATOM   247 O OG  B SER A 1 37 ? -1.64027  3.52667   7.72681   0.500 19.39421 ? 308 SER A OG  1 
ATOM   248 N N   . GLU A 1 38 ? 1.54508   3.32512   7.99410   1.000 13.98614 ? 309 GLU A N   1 
ATOM   249 C CA  . GLU A 1 38 ? 2.50182   2.73104   8.91836   1.000 14.50854 ? 309 GLU A CA  1 
ATOM   250 C C   . GLU A 1 38 ? 3.17509   1.56698   8.21736   1.000 17.84816 ? 309 GLU A C   1 
ATOM   251 O O   . GLU A 1 38 ? 2.57419   0.92448   7.35144   1.000 15.21223 ? 309 GLU A O   1 
ATOM   252 C CB  . GLU A 1 38 ? 1.79491   2.26816   10.20758  1.000 15.47422 ? 309 GLU A CB  1 
ATOM   253 C CG  . GLU A 1 38 ? 2.73466   2.02288   11.36614  1.000 18.10162 ? 309 GLU A CG  1 
ATOM   254 C CD  . GLU A 1 38 ? 1.97349   1.73233   12.64920  1.000 24.15379 ? 309 GLU A CD  1 
ATOM   255 O OE1 . GLU A 1 38 ? 2.62962   1.33859   13.63758  1.000 25.40443 ? 309 GLU A OE1 1 
ATOM   256 O OE2 . GLU A 1 38 ? 0.72943   1.89409   12.64173  1.000 26.50186 ? 309 GLU A OE2 1 
ATOM   257 N N   . ILE A 1 39 ? 4.43921   1.32927   8.57214   1.000 14.94466 ? 310 ILE A N   1 
ATOM   258 C CA  . ILE A 1 39 ? 5.19582   0.17054   8.10236   1.000 17.19715 ? 310 ILE A CA  1 
ATOM   259 C C   . ILE A 1 39 ? 5.56174   -0.63376  9.33544   1.000 20.56876 ? 310 ILE A C   1 
ATOM   260 O O   . ILE A 1 39 ? 6.23086   -0.12242  10.23904  1.000 17.62235 ? 310 ILE A O   1 
ATOM   261 C CB  . ILE A 1 39 ? 6.44711   0.58433   7.31553   1.000 16.63978 ? 310 ILE A CB  1 
ATOM   262 C CG1 . ILE A 1 39 ? 6.02111   1.32814   6.04410   1.000 19.09608 ? 310 ILE A CG1 1 
ATOM   263 C CG2 . ILE A 1 39 ? 7.30106   -0.64907  6.96993   1.000 14.86914 ? 310 ILE A CG2 1 
ATOM   264 C CD1 . ILE A 1 39 ? 7.13422   1.98827   5.34414   1.000 25.84926 ? 310 ILE A CD1 1 
ATOM   265 N N   . HIS A 1 40 ? 5.12339   -1.88246  9.37526   1.000 15.36969 ? 311 HIS A N   1 
ATOM   266 C CA  . HIS A 1 40 ? 5.15257   -2.62366  10.62430  1.000 16.63656 ? 311 HIS A CA  1 
ATOM   267 C C   . HIS A 1 40 ? 6.45037   -3.43859  10.76034  1.000 17.39203 ? 311 HIS A C   1 
ATOM   268 O O   . HIS A 1 40 ? 6.91192   -4.05289  9.78656   1.000 19.87993 ? 311 HIS A O   1 
ATOM   269 C CB  . HIS A 1 40 ? 3.91892   -3.52282  10.70523  1.000 19.60655 ? 311 HIS A CB  1 
ATOM   270 C CG  . HIS A 1 40 ? 2.63926   -2.74191  10.70598  1.000 17.24242 ? 311 HIS A CG  1 
ATOM   271 N ND1 . HIS A 1 40 ? 2.14320   -2.14244  11.84455  1.000 19.49347 ? 311 HIS A ND1 1 
ATOM   272 C CD2 . HIS A 1 40 ? 1.76850   -2.43923  9.71444   1.000 22.26912 ? 311 HIS A CD2 1 
ATOM   273 C CE1 . HIS A 1 40 ? 1.02025   -1.50540  11.55366  1.000 26.80236 ? 311 HIS A CE1 1 
ATOM   274 N NE2 . HIS A 1 40 ? 0.77167   -1.66749  10.26824  1.000 22.74422 ? 311 HIS A NE2 1 
ATOM   275 N N   . PRO A 1 41 ? 7.05397   -3.43284  11.94716  1.000 20.27123 ? 312 PRO A N   1 
ATOM   276 C CA  . PRO A 1 41 ? 8.38764   -4.03191  12.10936  1.000 20.91975 ? 312 PRO A CA  1 
ATOM   277 C C   . PRO A 1 41 ? 8.40590   -5.52576  11.80711  1.000 26.43939 ? 312 PRO A C   1 
ATOM   278 O O   . PRO A 1 41 ? 7.52650   -6.27987  12.22951  1.000 21.41049 ? 312 PRO A O   1 
ATOM   279 C CB  . PRO A 1 41 ? 8.71530   -3.76501  13.58141  1.000 26.07462 ? 312 PRO A CB  1 
ATOM   280 C CG  . PRO A 1 41 ? 7.37751   -3.52146  14.23331  1.000 28.21286 ? 312 PRO A CG  1 
ATOM   281 C CD  . PRO A 1 41 ? 6.56917   -2.82136  13.20024  1.000 24.58779 ? 312 PRO A CD  1 
ATOM   282 N N   . GLY A 1 42 ? 9.43407   -5.95377  11.06613  1.000 20.96505 ? 313 GLY A N   1 
ATOM   283 C CA  . GLY A 1 42 ? 9.69784   -7.36162  10.87214  1.000 24.24229 ? 313 GLY A CA  1 
ATOM   284 C C   . GLY A 1 42 ? 8.89851   -8.02422  9.77317   1.000 21.46852 ? 313 GLY A C   1 
ATOM   285 O O   . GLY A 1 42 ? 9.12418   -9.21404  9.49810   1.000 21.92366 ? 313 GLY A O   1 
ATOM   286 N N   . GLN A 1 43 ? 7.97659   -7.30394  9.13792   1.000 18.94107 ? 314 GLN A N   1 
ATOM   287 C CA  . GLN A 1 43 ? 7.11734   -7.88223  8.11469   1.000 18.37322 ? 314 GLN A CA  1 
ATOM   288 C C   . GLN A 1 43 ? 7.69975   -7.56163  6.73877   1.000 19.78663 ? 314 GLN A C   1 
ATOM   289 O O   . GLN A 1 43 ? 8.72979   -6.88464  6.66987   1.000 18.61752 ? 314 GLN A O   1 
ATOM   290 C CB  . GLN A 1 43 ? 5.69120   -7.35511  8.27365   1.000 17.66209 ? 314 GLN A CB  1 
ATOM   291 C CG  . GLN A 1 43 ? 4.98363   -7.94598  9.51343   1.000 22.11511 ? 314 GLN A CG  1 
ATOM   292 C CD  . GLN A 1 43 ? 3.51543   -7.59644  9.54312   1.000 28.64483 ? 314 GLN A CD  1 
ATOM   293 O OE1 . GLN A 1 43 ? 3.10361   -6.69076  10.26394  1.000 32.67308 ? 314 GLN A OE1 1 
ATOM   294 N NE2 . GLN A 1 43 ? 2.71491   -8.29832  8.74126   1.000 28.71875 ? 314 GLN A NE2 1 
ATOM   295 N N   . PRO A 1 44 ? 7.10194   -8.04041  5.63728   1.000 19.74116 ? 315 PRO A N   1 
ATOM   296 C CA  . PRO A 1 44 ? 7.80349   -7.92759  4.33698   1.000 18.23039 ? 315 PRO A CA  1 
ATOM   297 C C   . PRO A 1 44 ? 8.22467   -6.52564  3.93583   1.000 15.69678 ? 315 PRO A C   1 
ATOM   298 O O   . PRO A 1 44 ? 9.33160   -6.35982  3.40295   1.000 17.10492 ? 315 PRO A O   1 
ATOM   299 C CB  . PRO A 1 44 ? 6.78451   -8.51413  3.35220   1.000 17.32028 ? 315 PRO A CB  1 
ATOM   300 C CG  . PRO A 1 44 ? 6.14217   -9.60717  4.13919   1.000 17.97063 ? 315 PRO A CG  1 
ATOM   301 C CD  . PRO A 1 44 ? 6.00363   -9.03173  5.55758   1.000 17.65837 ? 315 PRO A CD  1 
ATOM   302 N N   . ALA A 1 45 ? 7.36949   -5.52177  4.10579   1.000 14.72432 ? 316 ALA A N   1 
ATOM   303 C CA  . ALA A 1 45 ? 7.74555   -4.18293  3.67059   1.000 20.11881 ? 316 ALA A CA  1 
ATOM   304 C C   . ALA A 1 45 ? 8.94315   -3.66825  4.45759   1.000 20.27786 ? 316 ALA A C   1 
ATOM   305 O O   . ALA A 1 45 ? 9.87585   -3.08932  3.88463   1.000 20.58269 ? 316 ALA A O   1 
ATOM   306 C CB  . ALA A 1 45 ? 6.55729   -3.24502  3.81209   1.000 15.32655 ? 316 ALA A CB  1 
ATOM   307 N N   . ASP A 1 46 ? 8.94197   -3.88395  5.77261   1.000 19.54820 ? 317 ASP A N   1 
ATOM   308 C CA  . ASP A 1 46 ? 10.08033  -3.47363  6.59349   1.000 18.04988 ? 317 ASP A CA  1 
ATOM   309 C C   . ASP A 1 46 ? 11.35410  -4.20288  6.17973   1.000 20.67185 ? 317 ASP A C   1 
ATOM   310 O O   . ASP A 1 46 ? 12.43917  -3.61577  6.16255   1.000 20.21675 ? 317 ASP A O   1 
ATOM   311 C CB  . ASP A 1 46 ? 9.77254   -3.73865  8.06979   1.000 19.63052 ? 317 ASP A CB  1 
ATOM   312 C CG  . ASP A 1 46 ? 10.90445  -3.31336  8.98759   1.000 26.85370 ? 317 ASP A CG  1 
ATOM   313 O OD1 . ASP A 1 46 ? 11.42304  -2.19601  8.80133   1.000 26.48540 ? 317 ASP A OD1 1 
ATOM   314 O OD2 . ASP A 1 46 ? 11.26284  -4.08012  9.90158   1.000 26.71455 ? 317 ASP A OD2 1 
ATOM   315 N N   . ARG A 1 47 ? 11.24641  -5.49407  5.86724   1.000 17.76212 ? 318 ARG A N   1 
ATOM   316 C CA  . ARG A 1 47 ? 12.42741  -6.28125  5.52863   1.000 18.93826 ? 318 ARG A CA  1 
ATOM   317 C C   . ARG A 1 47 ? 12.97063  -5.93900  4.15246   1.000 18.90136 ? 318 ARG A C   1 
ATOM   318 O O   . ARG A 1 47 ? 14.13206  -6.26339  3.84868   1.000 21.47718 ? 318 ARG A O   1 
ATOM   319 C CB  . ARG A 1 47 ? 12.08363  -7.76048  5.59975   1.000 19.70874 ? 318 ARG A CB  1 
ATOM   320 C CG  . ARG A 1 47 ? 12.19196  -8.33456  7.02002   1.000 22.92028 ? 318 ARG A CG  1 
ATOM   321 C CD  . ARG A 1 47 ? 11.94749  -9.82744  6.99639   1.000 24.94953 ? 318 ARG A CD  1 
ATOM   322 N NE  . ARG A 1 47 ? 10.53809  -10.14743 7.23292   1.000 26.40925 ? 318 ARG A NE  1 
ATOM   323 C CZ  . ARG A 1 47 ? 9.71614   -10.71023 6.34837   1.000 31.63060 ? 318 ARG A CZ  1 
ATOM   324 N NH1 . ARG A 1 47 ? 10.12305  -11.01719 5.10995   1.000 24.80820 ? 318 ARG A NH1 1 
ATOM   325 N NH2 . ARG A 1 47 ? 8.46911   -10.96275 6.71004   1.000 25.53446 ? 318 ARG A NH2 1 
ATOM   326 N N   . CYS A 1 48 ? 12.16382  -5.28452  3.32944   1.000 19.19383 ? 319 CYS A N   1 
ATOM   327 C CA  . CYS A 1 48 ? 12.58549  -4.92552  1.98570   1.000 24.79310 ? 319 CYS A CA  1 
ATOM   328 C C   . CYS A 1 48 ? 13.12847  -3.50499  1.92404   1.000 23.18888 ? 319 CYS A C   1 
ATOM   329 O O   . CYS A 1 48 ? 14.14687  -3.25827  1.27268   1.000 24.95536 ? 319 CYS A O   1 
ATOM   330 C CB  . CYS A 1 48 ? 11.41634  -5.07902  1.01496   1.000 27.45213 ? 319 CYS A CB  1 
ATOM   331 S SG  . CYS A 1 48 ? 11.97245  -4.97514  -0.72702  1.000 31.16169 ? 319 CYS A SG  1 
ATOM   332 N N   . GLY A 1 49 ? 12.49179  -2.56810  2.62091   1.000 19.00717 ? 320 GLY A N   1 
ATOM   333 C CA  . GLY A 1 49 ? 12.84959  -1.17158  2.50081   1.000 23.39805 ? 320 GLY A CA  1 
ATOM   334 C C   . GLY A 1 49 ? 12.31963  -0.58245  1.20285   1.000 22.98722 ? 320 GLY A C   1 
ATOM   335 O O   . GLY A 1 49 ? 11.86248  -1.28150  0.29276   1.000 25.11966 ? 320 GLY A O   1 
ATOM   336 N N   . GLY A 1 50 ? 12.37840  0.74141   1.11822   1.000 24.17961 ? 321 GLY A N   1 
ATOM   337 C CA  . GLY A 1 50 ? 11.99273  1.44422   -0.08432  1.000 19.73836 ? 321 GLY A CA  1 
ATOM   338 C C   . GLY A 1 50 ? 10.57422  1.97935   -0.08936  1.000 19.07915 ? 321 GLY A C   1 
ATOM   339 O O   . GLY A 1 50 ? 10.25412  2.81467   -0.94050  1.000 17.97084 ? 321 GLY A O   1 
ATOM   340 N N   . LEU A 1 51 ? 9.71201   1.51680   0.81714   1.000 16.54309 ? 322 LEU A N   1 
ATOM   341 C CA  . LEU A 1 51 ? 8.40876   2.14192   1.02018   1.000 17.46866 ? 322 LEU A CA  1 
ATOM   342 C C   . LEU A 1 51 ? 8.48722   3.05131   2.24235   1.000 25.04651 ? 322 LEU A C   1 
ATOM   343 O O   . LEU A 1 51 ? 9.24411   2.78539   3.17666   1.000 23.24696 ? 322 LEU A O   1 
ATOM   344 C CB  . LEU A 1 51 ? 7.30226   1.10809   1.22161   1.000 19.37041 ? 322 LEU A CB  1 
ATOM   345 C CG  . LEU A 1 51 ? 7.16821   0.10681   0.06037   1.000 23.05339 ? 322 LEU A CG  1 
ATOM   346 C CD1 . LEU A 1 51 ? 6.04445   -0.87193  0.35212   1.000 24.29688 ? 322 LEU A CD1 1 
ATOM   347 C CD2 . LEU A 1 51 ? 6.91706   0.80904   -1.26388  1.000 19.37633 ? 322 LEU A CD2 1 
ATOM   348 N N   . HIS A 1 52 ? 7.71497   4.13367   2.22941   1.000 15.60459 ? 323 HIS A N   1 
ATOM   349 C CA  . HIS A 1 52 ? 7.80348   5.10644   3.31033   1.000 16.48151 ? 323 HIS A CA  1 
ATOM   350 C C   . HIS A 1 52 ? 6.40791   5.54245   3.72432   1.000 17.26147 ? 323 HIS A C   1 
ATOM   351 O O   . HIS A 1 52 ? 5.49991   5.61715   2.89384   1.000 16.36990 ? 323 HIS A O   1 
ATOM   352 C CB  . HIS A 1 52 ? 8.63472   6.31780   2.88482   1.000 22.17519 ? 323 HIS A CB  1 
ATOM   353 C CG  . HIS A 1 52 ? 10.06929  5.98759   2.62204   1.000 25.02756 ? 323 HIS A CG  1 
ATOM   354 N ND1 . HIS A 1 52 ? 11.01078  5.92179   3.62936   1.000 28.06093 ? 323 HIS A ND1 1 
ATOM   355 C CD2 . HIS A 1 52 ? 10.72388  5.69232   1.47169   1.000 25.94820 ? 323 HIS A CD2 1 
ATOM   356 C CE1 . HIS A 1 52 ? 12.18671  5.61136   3.10888   1.000 38.78291 ? 323 HIS A CE1 1 
ATOM   357 N NE2 . HIS A 1 52 ? 12.03967  5.46286   1.80282   1.000 30.67554 ? 323 HIS A NE2 1 
ATOM   358 N N   . VAL A 1 53 ? 6.24087   5.80266   5.02465   1.000 17.18889 ? 324 VAL A N   1 
ATOM   359 C CA  . VAL A 1 53 ? 5.00569   6.42227   5.50345   1.000 14.43107 ? 324 VAL A CA  1 
ATOM   360 C C   . VAL A 1 53 ? 4.77809   7.73620   4.76900   1.000 18.02558 ? 324 VAL A C   1 
ATOM   361 O O   . VAL A 1 53 ? 5.69704   8.55568   4.60532   1.000 16.85205 ? 324 VAL A O   1 
ATOM   362 C CB  . VAL A 1 53 ? 5.06640   6.60652   7.02543   1.000 16.50503 ? 324 VAL A CB  1 
ATOM   363 C CG1 . VAL A 1 53 ? 3.89821   7.49631   7.52958   1.000 15.93317 ? 324 VAL A CG1 1 
ATOM   364 C CG2 . VAL A 1 53 ? 5.05200   5.25856   7.70042   1.000 17.78420 ? 324 VAL A CG2 1 
ATOM   365 N N   . GLY A 1 54 ? 3.54191   7.94031   4.30813   1.000 14.59235 ? 325 GLY A N   1 
ATOM   366 C CA  . GLY A 1 54 ? 3.17341   9.10391   3.52551   1.000 16.45275 ? 325 GLY A CA  1 
ATOM   367 C C   . GLY A 1 54 ? 3.36246   8.95010   2.02722   1.000 16.50105 ? 325 GLY A C   1 
ATOM   368 O O   . GLY A 1 54 ? 3.01496   9.88113   1.26593   1.000 16.16838 ? 325 GLY A O   1 
ATOM   369 N N   . ASP A 1 55 ? 3.95456   7.84058   1.57784   1.000 15.11508 ? 326 ASP A N   1 
ATOM   370 C CA  . ASP A 1 55 ? 3.91964   7.50008   0.16162   1.000 18.04117 ? 326 ASP A CA  1 
ATOM   371 C C   . ASP A 1 55 ? 2.48461   7.30496   -0.28285  1.000 18.56069 ? 326 ASP A C   1 
ATOM   372 O O   . ASP A 1 55 ? 1.68916   6.68344   0.42387   1.000 16.87165 ? 326 ASP A O   1 
ATOM   373 C CB  . ASP A 1 55 ? 4.65509   6.18829   -0.11457  1.000 17.12633 ? 326 ASP A CB  1 
ATOM   374 C CG  . ASP A 1 55 ? 6.14954   6.35943   -0.24698  1.000 18.49339 ? 326 ASP A CG  1 
ATOM   375 O OD1 . ASP A 1 55 ? 6.62022   7.50234   -0.41237  1.000 18.41066 ? 326 ASP A OD1 1 
ATOM   376 O OD2 . ASP A 1 55 ? 6.84994   5.32409   -0.16858  1.000 20.99179 ? 326 ASP A OD2 1 
ATOM   377 N N   . ALA A 1 56 ? 2.16429   7.80835   -1.46868  1.000 15.35496 ? 327 ALA A N   1 
ATOM   378 C CA  . ALA A 1 56 ? 0.94456   7.40720   -2.15679  1.000 14.55226 ? 327 ALA A CA  1 
ATOM   379 C C   . ALA A 1 56 ? 1.23306   6.14906   -2.95839  1.000 15.55054 ? 327 ALA A C   1 
ATOM   380 O O   . ALA A 1 56 ? 2.22480   6.08996   -3.69867  1.000 15.81326 ? 327 ALA A O   1 
ATOM   381 C CB  . ALA A 1 56 ? 0.44697   8.50563   -3.09694  1.000 15.06054 ? 327 ALA A CB  1 
ATOM   382 N N   . ILE A 1 57 ? 0.36096   5.16088   -2.84978  1.000 14.69638 ? 328 ILE A N   1 
ATOM   383 C CA  . ILE A 1 57 ? 0.49198   3.97165   -3.69403  1.000 13.04971 ? 328 ILE A CA  1 
ATOM   384 C C   . ILE A 1 57 ? -0.31825  4.21705   -4.96087  1.000 16.04594 ? 328 ILE A C   1 
ATOM   385 O O   . ILE A 1 57 ? -1.55134  4.25793   -4.92058  1.000 17.18384 ? 328 ILE A O   1 
ATOM   386 C CB  . ILE A 1 57 ? 0.01166   2.70366   -2.98898  1.000 12.63940 ? 328 ILE A CB  1 
ATOM   387 C CG1 . ILE A 1 57 ? 0.69055   2.53827   -1.62302  1.000 14.57284 ? 328 ILE A CG1 1 
ATOM   388 C CG2 . ILE A 1 57 ? 0.29108   1.50117   -3.90661  1.000 14.98691 ? 328 ILE A CG2 1 
ATOM   389 C CD1 . ILE A 1 57 ? 0.20221   1.28324   -0.88115  1.000 19.02164 ? 328 ILE A CD1 1 
ATOM   390 N N   . LEU A 1 58 ? 0.37059   4.37963   -6.08737  1.000 13.66779 ? 329 LEU A N   1 
ATOM   391 C CA  . LEU A 1 58 ? -0.33939  4.66647   -7.32626  1.000 13.96141 ? 329 LEU A CA  1 
ATOM   392 C C   . LEU A 1 58 ? -0.87158  3.40715   -7.99055  1.000 17.03367 ? 329 LEU A C   1 
ATOM   393 O O   . LEU A 1 58 ? -1.89865  3.46044   -8.67707  1.000 15.47074 ? 329 LEU A O   1 
ATOM   394 C CB  . LEU A 1 58 ? 0.58313   5.38762   -8.30545  1.000 14.86476 ? 329 LEU A CB  1 
ATOM   395 C CG  . LEU A 1 58 ? 1.21594   6.66108   -7.76198  1.000 15.56225 ? 329 LEU A CG  1 
ATOM   396 C CD1 . LEU A 1 58 ? 2.17680   7.24030   -8.80409  1.000 20.54999 ? 329 LEU A CD1 1 
ATOM   397 C CD2 . LEU A 1 58 ? 0.14190   7.66570   -7.38378  1.000 20.52549 ? 329 LEU A CD2 1 
ATOM   398 N N   . ALA A 1 59 ? -0.15282  2.29403   -7.85573  1.000 15.20010 ? 330 ALA A N   1 
ATOM   399 C CA  . ALA A 1 59 ? -0.52417  1.03981   -8.49151  1.000 13.97382 ? 330 ALA A CA  1 
ATOM   400 C C   . ALA A 1 59 ? 0.19702   -0.08387  -7.77313  1.000 15.59622 ? 330 ALA A C   1 
ATOM   401 O O   . ALA A 1 59 ? 1.22264   0.12690   -7.12241  1.000 14.77434 ? 330 ALA A O   1 
ATOM   402 C CB  . ALA A 1 59 ? -0.17318  1.02379   -9.99239  1.000 16.45810 ? 330 ALA A CB  1 
ATOM   403 N N   . VAL A 1 60 ? -0.36685  -1.28121  -7.87091  1.000 15.86902 ? 331 VAL A N   1 
ATOM   404 C CA  . VAL A 1 60 ? 0.30567   -2.46208  -7.35277  1.000 14.32312 ? 331 VAL A CA  1 
ATOM   405 C C   . VAL A 1 60 ? 0.13626   -3.57589  -8.37466  1.000 16.08428 ? 331 VAL A C   1 
ATOM   406 O O   . VAL A 1 60 ? -0.98381  -3.86762  -8.80495  1.000 16.31045 ? 331 VAL A O   1 
ATOM   407 C CB  . VAL A 1 60 ? -0.21715  -2.86394  -5.95634  1.000 18.44639 ? 331 VAL A CB  1 
ATOM   408 C CG1 . VAL A 1 60 ? -1.70910  -3.22596  -5.97193  1.000 14.79345 ? 331 VAL A CG1 1 
ATOM   409 C CG2 . VAL A 1 60 ? 0.62974   -3.98917  -5.38776  1.000 18.08884 ? 331 VAL A CG2 1 
ATOM   410 N N   . ASN A 1 61 ? 1.25253   -4.17810  -8.78109  1.000 15.24637 ? 332 ASN A N   1 
ATOM   411 C CA  . ASN A 1 61 ? 1.26231   -5.18724  -9.83812  1.000 20.23299 ? 332 ASN A CA  1 
ATOM   412 C C   . ASN A 1 61 ? 0.46926   -4.72313  -11.05827 1.000 21.69770 ? 332 ASN A C   1 
ATOM   413 O O   . ASN A 1 61 ? -0.25057  -5.48987  -11.69495 1.000 18.54608 ? 332 ASN A O   1 
ATOM   414 C CB  . ASN A 1 61 ? 0.75524   -6.52942  -9.29583  1.000 18.59302 ? 332 ASN A CB  1 
ATOM   415 C CG  . ASN A 1 61 ? 1.80321   -7.21685  -8.45691  1.000 21.30306 ? 332 ASN A CG  1 
ATOM   416 O OD1 . ASN A 1 61 ? 2.99356   -6.93845  -8.61299  1.000 21.03013 ? 332 ASN A OD1 1 
ATOM   417 N ND2 . ASN A 1 61 ? 1.38227   -8.10007  -7.55776  1.000 19.12763 ? 332 ASN A ND2 1 
ATOM   418 N N   . GLY A 1 62 ? 0.61045   -3.44897  -11.39736 1.000 17.24007 ? 333 GLY A N   1 
ATOM   419 C CA  . GLY A 1 62 ? -0.05054  -2.93014  -12.57048 1.000 21.85396 ? 333 GLY A CA  1 
ATOM   420 C C   . GLY A 1 62 ? -1.50685  -2.57710  -12.38517 1.000 29.27064 ? 333 GLY A C   1 
ATOM   421 O O   . GLY A 1 62 ? -2.12269  -2.05562  -13.32424 1.000 25.97126 ? 333 GLY A O   1 
ATOM   422 N N   . VAL A 1 63 ? -2.06943  -2.82579  -11.20455 1.000 19.01152 ? 334 VAL A N   1 
ATOM   423 C CA  . VAL A 1 63 ? -3.46553  -2.51833  -10.91941 1.000 19.88467 ? 334 VAL A CA  1 
ATOM   424 C C   . VAL A 1 63 ? -3.52948  -1.10245  -10.35279 1.000 21.05582 ? 334 VAL A C   1 
ATOM   425 O O   . VAL A 1 63 ? -2.91314  -0.79872  -9.32758  1.000 18.52852 ? 334 VAL A O   1 
ATOM   426 C CB  . VAL A 1 63 ? -4.06601  -3.54282  -9.94580  1.000 19.23479 ? 334 VAL A CB  1 
ATOM   427 C CG1 . VAL A 1 63 ? -5.51518  -3.19523  -9.64159  1.000 18.93564 ? 334 VAL A CG1 1 
ATOM   428 C CG2 . VAL A 1 63 ? -3.96972  -4.96133  -10.53710 1.000 18.55665 ? 334 VAL A CG2 1 
ATOM   429 N N   . ASN A 1 64 ? -4.26047  -0.23797  -11.03697 1.000 19.30367 ? 335 ASN A N   1 
ATOM   430 C CA  . ASN A 1 64 ? -4.30162  1.18114   -10.71606 1.000 18.12620 ? 335 ASN A CA  1 
ATOM   431 C C   . ASN A 1 64 ? -5.05367  1.41339   -9.39707  1.000 20.15297 ? 335 ASN A C   1 
ATOM   432 O O   . ASN A 1 64 ? -6.17626  0.91840   -9.21050  1.000 18.37003 ? 335 ASN A O   1 
ATOM   433 C CB  . ASN A 1 64 ? -4.99655  1.89212   -11.87372 1.000 18.95535 ? 335 ASN A CB  1 
ATOM   434 C CG  . ASN A 1 64 ? -4.96462  3.39073   -11.76369 1.000 25.47574 ? 335 ASN A CG  1 
ATOM   435 O OD1 . ASN A 1 64 ? -4.26036  3.96658   -10.92561 1.000 18.94003 ? 335 ASN A OD1 1 
ATOM   436 N ND2 . ASN A 1 64 ? -5.73241  4.04263   -12.63228 1.000 29.91587 ? 335 ASN A ND2 1 
ATOM   437 N N   . LEU A 1 65 ? -4.44041  2.16724   -8.48161  1.000 17.15600 ? 336 LEU A N   1 
ATOM   438 C CA  . LEU A 1 65 ? -5.08544  2.53148   -7.22478  1.000 14.93290 ? 336 LEU A CA  1 
ATOM   439 C C   . LEU A 1 65 ? -5.43049  4.01095   -7.14178  1.000 19.22832 ? 336 LEU A C   1 
ATOM   440 O O   . LEU A 1 65 ? -5.81642  4.48741   -6.06835  1.000 19.83416 ? 336 LEU A O   1 
ATOM   441 C CB  . LEU A 1 65 ? -4.18518  2.15547   -6.04526  1.000 18.02965 ? 336 LEU A CB  1 
ATOM   442 C CG  . LEU A 1 65 ? -3.94092  0.65905   -5.84995  1.000 20.49789 ? 336 LEU A CG  1 
ATOM   443 C CD1 . LEU A 1 65 ? -3.03470  0.39621   -4.64950  1.000 20.43422 ? 336 LEU A CD1 1 
ATOM   444 C CD2 . LEU A 1 65 ? -5.23869  -0.09154  -5.69282  1.000 21.42245 ? 336 LEU A CD2 1 
ATOM   445 N N   . ARG A 1 66 ? -5.29711  4.75340   -8.24097  1.000 17.43509 ? 337 ARG A N   1 
ATOM   446 C CA  . ARG A 1 66 ? -5.50072  6.19508   -8.19870  1.000 16.83620 ? 337 ARG A CA  1 
ATOM   447 C C   . ARG A 1 66 ? -6.96171  6.59310   -8.05056  1.000 27.84428 ? 337 ARG A C   1 
ATOM   448 O O   . ARG A 1 66 ? -7.23849  7.72883   -7.64650  1.000 29.30529 ? 337 ARG A O   1 
ATOM   449 C CB  . ARG A 1 66 ? -4.95480  6.85598   -9.46733  1.000 20.59560 ? 337 ARG A CB  1 
ATOM   450 C CG  . ARG A 1 66 ? -3.45268  6.79712   -9.60288  1.000 19.94084 ? 337 ARG A CG  1 
ATOM   451 C CD  . ARG A 1 66 ? -3.08556  7.21248   -11.02489 1.000 24.85031 ? 337 ARG A CD  1 
ATOM   452 N NE  . ARG A 1 66 ? -1.65448  7.19747   -11.30216 1.000 26.66232 ? 337 ARG A NE  1 
ATOM   453 C CZ  . ARG A 1 66 ? -0.96629  6.11384   -11.66352 1.000 30.42358 ? 337 ARG A CZ  1 
ATOM   454 N NH1 . ARG A 1 66 ? -1.56933  4.93580   -11.76446 1.000 25.51024 ? 337 ARG A NH1 1 
ATOM   455 N NH2 . ARG A 1 66 ? 0.33511   6.20701   -11.90745 1.000 26.73744 ? 337 ARG A NH2 1 
ATOM   456 N N   . ASP A 1 67 ? -7.90089  5.72146   -8.39455  1.000 21.17067 ? 338 ASP A N   1 
ATOM   457 C CA  . ASP A 1 67 ? -9.30229  6.11296   -8.35683  1.000 23.35634 ? 338 ASP A CA  1 
ATOM   458 C C   . ASP A 1 67 ? -10.13427 5.09204   -7.60541  1.000 24.76813 ? 338 ASP A C   1 
ATOM   459 O O   . ASP A 1 67 ? -11.28651 4.82557   -7.95447  1.000 30.25390 ? 338 ASP A O   1 
ATOM   460 C CB  . ASP A 1 67 ? -9.86183  6.30185   -9.75705  1.000 33.82918 ? 338 ASP A CB  1 
ATOM   461 C CG  . ASP A 1 67 ? -10.96062 7.34396   -9.79299  1.000 64.99795 ? 338 ASP A CG  1 
ATOM   462 O OD1 . ASP A 1 67 ? -12.02095 7.06763   -10.39174 1.000 74.17945 ? 338 ASP A OD1 1 
ATOM   463 O OD2 . ASP A 1 67 ? -10.76998 8.43123   -9.20233  1.000 76.97374 ? 338 ASP A OD2 1 
ATOM   464 N N   . THR A 1 68 ? -9.57082  4.51690   -6.55690  1.000 22.56250 ? 339 THR A N   1 
ATOM   465 C CA  . THR A 1 68 ? -10.22306 3.45721   -5.80945  1.000 20.13975 ? 339 THR A CA  1 
ATOM   466 C C   . THR A 1 68 ? -10.68133 3.98918   -4.45632  1.000 27.24166 ? 339 THR A C   1 
ATOM   467 O O   . THR A 1 68 ? -9.97445  4.77622   -3.81548  1.000 21.77361 ? 339 THR A O   1 
ATOM   468 C CB  . THR A 1 68 ? -9.28580  2.26814   -5.60215  1.000 21.07439 ? 339 THR A CB  1 
ATOM   469 O OG1 . THR A 1 68 ? -8.10925  2.69508   -4.89879  1.000 26.39698 ? 339 THR A OG1 1 
ATOM   470 C CG2 . THR A 1 68 ? -8.86818  1.66361   -6.95874  1.000 23.16409 ? 339 THR A CG2 1 
ATOM   471 N N   . LYS A 1 69 ? -11.86232 3.55730   -4.02517  1.000 20.49905 ? 340 LYS A N   1 
ATOM   472 C CA  . LYS A 1 69 ? -12.26181 3.83027   -2.65008  1.000 20.93832 ? 340 LYS A CA  1 
ATOM   473 C C   . LYS A 1 69 ? -11.39355 3.01806   -1.69991  1.000 19.13918 ? 340 LYS A C   1 
ATOM   474 O O   . LYS A 1 69 ? -10.71383 2.06741   -2.09543  1.000 19.21587 ? 340 LYS A O   1 
ATOM   475 C CB  . LYS A 1 69 ? -13.73856 3.49774   -2.43972  1.000 23.01138 ? 340 LYS A CB  1 
ATOM   476 C CG  . LYS A 1 69 ? -14.70533 4.40391   -3.21975  1.000 29.45409 ? 340 LYS A CG  1 
ATOM   477 C CD  . LYS A 1 69 ? -16.13143 3.96248   -2.97295  1.000 39.66596 ? 340 LYS A CD  1 
ATOM   478 C CE  . LYS A 1 69 ? -17.11580 5.10473   -3.09065  1.000 54.60550 ? 340 LYS A CE  1 
ATOM   479 N NZ  . LYS A 1 69 ? -18.32906 4.81344   -2.26267  1.000 58.53301 ? 340 LYS A NZ  1 
ATOM   480 N N   . HIS A 1 70 ? -11.43131 3.38546   -0.41627  1.000 22.36702 ? 341 HIS A N   1 
ATOM   481 C CA  . HIS A 1 70 ? -10.55795 2.71605   0.54818   1.000 17.70701 ? 341 HIS A CA  1 
ATOM   482 C C   . HIS A 1 70 ? -10.79610 1.20905   0.55615   1.000 17.85087 ? 341 HIS A C   1 
ATOM   483 O O   . HIS A 1 70 ? -9.84920  0.42048   0.50447   1.000 17.02898 ? 341 HIS A O   1 
ATOM   484 C CB  . HIS A 1 70 ? -10.78044 3.30625   1.94781   1.000 19.16960 ? 341 HIS A CB  1 
ATOM   485 C CG  . HIS A 1 70 ? -9.88986  2.71467   2.99388   1.000 21.77714 ? 341 HIS A CG  1 
ATOM   486 N ND1 . HIS A 1 70 ? -8.63919  3.21633   3.28322   1.000 25.79227 ? 341 HIS A ND1 1 
ATOM   487 C CD2 . HIS A 1 70 ? -10.07358 1.65862   3.82548   1.000 25.45364 ? 341 HIS A CD2 1 
ATOM   488 C CE1 . HIS A 1 70 ? -8.08229  2.48462   4.23457   1.000 25.92538 ? 341 HIS A CE1 1 
ATOM   489 N NE2 . HIS A 1 70 ? -8.93469  1.53639   4.58544   1.000 21.76159 ? 341 HIS A NE2 1 
ATOM   490 N N   . LYS A 1 71 ? -12.06652 0.78965   0.58788   1.000 18.55181 ? 342 LYS A N   1 
ATOM   491 C CA  . LYS A 1 71 ? -12.35563 -0.63837  0.68726   1.000 20.29721 ? 342 LYS A CA  1 
ATOM   492 C C   . LYS A 1 71 ? -11.83599 -1.39044  -0.53151  1.000 21.74732 ? 342 LYS A C   1 
ATOM   493 O O   . LYS A 1 71 ? -11.32211 -2.50873  -0.41456  1.000 19.80521 ? 342 LYS A O   1 
ATOM   494 C CB  . LYS A 1 71 ? -13.85133 -0.85589  0.83633   1.000 23.27325 ? 342 LYS A CB  1 
ATOM   495 C CG  . LYS A 1 71 ? -14.26719 -2.31458  0.91260   1.000 27.49817 ? 342 LYS A CG  1 
ATOM   496 C CD  . LYS A 1 71 ? -15.75400 -2.42149  1.24646   1.000 44.13628 ? 342 LYS A CD  1 
ATOM   497 C CE  . LYS A 1 71 ? -16.40998 -3.61634  0.56874   1.000 59.52656 ? 342 LYS A CE  1 
ATOM   498 N NZ  . LYS A 1 71 ? -17.90477 -3.59591  0.73897   1.000 69.36000 ? 342 LYS A NZ  1 
ATOM   499 N N   . GLU A 1 72 ? -12.00363 -0.80223  -1.71313  1.000 17.49816 ? 343 GLU A N   1 
ATOM   500 C CA  . GLU A 1 72 ? -11.52846 -1.43942  -2.93710  1.000 19.81039 ? 343 GLU A CA  1 
ATOM   501 C C   . GLU A 1 72 ? -10.01340 -1.57698  -2.92301  1.000 19.53571 ? 343 GLU A C   1 
ATOM   502 O O   . GLU A 1 72 ? -9.46244  -2.60373  -3.34906  1.000 17.31679 ? 343 GLU A O   1 
ATOM   503 C CB  . GLU A 1 72 ? -12.00908 -0.62362  -4.13382  1.000 23.96713 ? 343 GLU A CB  1 
ATOM   504 C CG  . GLU A 1 72 ? -11.61107 -1.18553  -5.46036  1.000 29.33356 ? 343 GLU A CG  1 
ATOM   505 C CD  . GLU A 1 72 ? -12.07675 -0.33368  -6.63311  1.000 34.90131 ? 343 GLU A CD  1 
ATOM   506 O OE1 . GLU A 1 72 ? -11.89292 -0.81215  -7.76463  1.000 31.07368 ? 343 GLU A OE1 1 
ATOM   507 O OE2 . GLU A 1 72 ? -12.60426 0.79098   -6.42903  1.000 38.45961 ? 343 GLU A OE2 1 
ATOM   508 N N   . ALA A 1 73 ? -9.31291  -0.55756  -2.42762  1.000 15.24425 ? 344 ALA A N   1 
ATOM   509 C CA  . ALA A 1 73 ? -7.85445  -0.66253  -2.36410  1.000 16.85533 ? 344 ALA A CA  1 
ATOM   510 C C   . ALA A 1 73 ? -7.41723  -1.74842  -1.39273  1.000 17.50769 ? 344 ALA A C   1 
ATOM   511 O O   . ALA A 1 73 ? -6.44108  -2.46771  -1.65021  1.000 18.85916 ? 344 ALA A O   1 
ATOM   512 C CB  . ALA A 1 73 ? -7.24837  0.68173   -1.97364  1.000 19.10436 ? 344 ALA A CB  1 
ATOM   513 N N   . VAL A 1 74 ? -8.10078  -1.85925  -0.25152  1.000 18.93192 ? 345 VAL A N   1 
ATOM   514 C CA  . VAL A 1 74 ? -7.81259  -2.95396  0.66839   1.000 16.49657 ? 345 VAL A CA  1 
ATOM   515 C C   . VAL A 1 74 ? -7.96453  -4.28550  -0.05214  1.000 17.71745 ? 345 VAL A C   1 
ATOM   516 O O   . VAL A 1 74 ? -7.12961  -5.18233  0.08318   1.000 18.81554 ? 345 VAL A O   1 
ATOM   517 C CB  . VAL A 1 74 ? -8.73874  -2.88411  1.89446   1.000 16.76406 ? 345 VAL A CB  1 
ATOM   518 C CG1 . VAL A 1 74 ? -8.60395  -4.14541  2.75274   1.000 20.32458 ? 345 VAL A CG1 1 
ATOM   519 C CG2 . VAL A 1 74 ? -8.43602  -1.61666  2.71710   1.000 16.62909 ? 345 VAL A CG2 1 
ATOM   520 N N   . THR A 1 75 ? -9.05292  -4.43875  -0.79652  1.000 15.02254 ? 346 THR A N   1 
ATOM   521 C CA  . THR A 1 75 ? -9.29154  -5.69632  -1.50281  1.000 18.85612 ? 346 THR A CA  1 
ATOM   522 C C   . THR A 1 75 ? -8.16081  -5.97987  -2.47193  1.000 18.24659 ? 346 THR A C   1 
ATOM   523 O O   . THR A 1 75 ? -7.58150  -7.07417  -2.48025  1.000 18.87458 ? 346 THR A O   1 
ATOM   524 C CB  . THR A 1 75 ? -10.63731 -5.62431  -2.22258  1.000 19.79266 ? 346 THR A CB  1 
ATOM   525 O OG1 . THR A 1 75 ? -11.66778 -5.52141  -1.23370  1.000 19.07798 ? 346 THR A OG1 1 
ATOM   526 C CG2 . THR A 1 75 ? -10.88389 -6.87938  -3.08380  1.000 21.62160 ? 346 THR A CG2 1 
ATOM   527 N N   . ILE A 1 76 ? -7.79728  -4.97776  -3.26037  1.000 17.85310 ? 347 ILE A N   1 
ATOM   528 C CA  . ILE A 1 76 ? -6.77627  -5.17314  -4.28547  1.000 17.84952 ? 347 ILE A CA  1 
ATOM   529 C C   . ILE A 1 76 ? -5.43950  -5.50458  -3.63754  1.000 18.51384 ? 347 ILE A C   1 
ATOM   530 O O   . ILE A 1 76 ? -4.75473  -6.45511  -4.03380  1.000 18.73417 ? 347 ILE A O   1 
ATOM   531 C CB  . ILE A 1 76 ? -6.68277  -3.92328  -5.17197  1.000 15.81737 ? 347 ILE A CB  1 
ATOM   532 C CG1 . ILE A 1 76 ? -7.96903  -3.73967  -5.98113  1.000 15.60818 ? 347 ILE A CG1 1 
ATOM   533 C CG2 . ILE A 1 76 ? -5.44042  -4.00150  -6.11232  1.000 14.96513 ? 347 ILE A CG2 1 
ATOM   534 C CD1 . ILE A 1 76 ? -8.07246  -2.36966  -6.62995  1.000 18.93867 ? 347 ILE A CD1 1 
ATOM   535 N N   . LEU A 1 77 ? -5.04064  -4.72416  -2.63837  1.000 15.99341 ? 348 LEU A N   1 
ATOM   536 C CA  . LEU A 1 77 ? -3.72890  -4.96413  -2.04695  1.000 17.35977 ? 348 LEU A CA  1 
ATOM   537 C C   . LEU A 1 77 ? -3.68886  -6.31481  -1.35388  1.000 18.48572 ? 348 LEU A C   1 
ATOM   538 O O   . LEU A 1 77 ? -2.66848  -7.01113  -1.39808  1.000 18.32241 ? 348 LEU A O   1 
ATOM   539 C CB  . LEU A 1 77 ? -3.37078  -3.84391  -1.07035  1.000 17.10107 ? 348 LEU A CB  1 
ATOM   540 C CG  . LEU A 1 77 ? -2.95429  -2.56141  -1.79343  1.000 18.54946 ? 348 LEU A CG  1 
ATOM   541 C CD1 . LEU A 1 77 ? -3.19038  -1.32391  -0.89667  1.000 16.92448 ? 348 LEU A CD1 1 
ATOM   542 C CD2 . LEU A 1 77 ? -1.48933  -2.66154  -2.23684  1.000 17.57278 ? 348 LEU A CD2 1 
ATOM   543 N N   . SER A 1 78 ? -4.78728  -6.69325  -0.69449  1.000 17.37559 ? 349 SER A N   1 
ATOM   544 C CA  . SER A 1 78 ? -4.84144  -7.94019  0.05979   1.000 18.44948 ? 349 SER A CA  1 
ATOM   545 C C   . SER A 1 78 ? -4.78864  -9.17211  -0.83964  1.000 19.67813 ? 349 SER A C   1 
ATOM   546 O O   . SER A 1 78 ? -4.43414  -10.25592 -0.35390  1.000 19.69813 ? 349 SER A O   1 
ATOM   547 C CB  . SER A 1 78 ? -6.13084  -7.99413  0.88611   1.000 22.40333 ? 349 SER A CB  1 
ATOM   548 O OG  . SER A 1 78 ? -6.12169  -6.96985  1.85508   1.000 27.79258 ? 349 SER A OG  1 
ATOM   549 N N   . GLN A 1 79 ? -5.18983  -9.03733  -2.11142  1.000 16.73224 ? 350 GLN A N   1 
ATOM   550 C CA  . GLN A 1 79 ? -5.23855  -10.13533 -3.07126  1.000 19.92146 ? 350 GLN A CA  1 
ATOM   551 C C   . GLN A 1 79 ? -3.90885  -10.38104 -3.76810  1.000 20.21659 ? 350 GLN A C   1 
ATOM   552 O O   . GLN A 1 79 ? -3.78453  -11.37076 -4.48638  1.000 20.25873 ? 350 GLN A O   1 
ATOM   553 C CB  . GLN A 1 79 ? -6.30395  -9.86271  -4.14491  1.000 16.41708 ? 350 GLN A CB  1 
ATOM   554 C CG  . GLN A 1 79 ? -7.69804  -10.09284 -3.63527  1.000 31.30562 ? 350 GLN A CG  1 
ATOM   555 C CD  . GLN A 1 79 ? -8.75603  -9.60999  -4.60000  1.000 30.36113 ? 350 GLN A CD  1 
ATOM   556 O OE1 . GLN A 1 79 ? -8.46940  -8.84218  -5.54411  1.000 23.22353 ? 350 GLN A OE1 1 
ATOM   557 N NE2 . GLN A 1 79 ? -10.00152 -10.04745 -4.36610  1.000 41.89644 ? 350 GLN A NE2 1 
ATOM   558 N N   . GLN A 1 80 ? -2.92594  -9.50937  -3.59064  1.000 17.99235 ? 351 GLN A N   1 
ATOM   559 C CA  . GLN A 1 80 ? -1.63926  -9.71837  -4.24091  1.000 18.56708 ? 351 GLN A CA  1 
ATOM   560 C C   . GLN A 1 80 ? -0.87563  -10.81650 -3.51695  1.000 20.96228 ? 351 GLN A C   1 
ATOM   561 O O   . GLN A 1 80 ? -0.92940  -10.91740 -2.29009  1.000 23.54848 ? 351 GLN A O   1 
ATOM   562 C CB  . GLN A 1 80 ? -0.83001  -8.42398  -4.25313  1.000 15.25117 ? 351 GLN A CB  1 
ATOM   563 C CG  . GLN A 1 80 ? -1.56677  -7.24128  -4.87302  1.000 19.19540 ? 351 GLN A CG  1 
ATOM   564 C CD  . GLN A 1 80 ? -2.09763  -7.54271  -6.25404  1.000 21.23512 ? 351 GLN A CD  1 
ATOM   565 O OE1 . GLN A 1 80 ? -1.36935  -8.02782  -7.12079  1.000 20.93493 ? 351 GLN A OE1 1 
ATOM   566 N NE2 . GLN A 1 80 ? -3.39192  -7.27331  -6.47070  1.000 20.24963 ? 351 GLN A NE2 1 
ATOM   567 N N   . ARG A 1 81 ? -0.20179  -11.66824 -4.28802  1.000 18.94915 ? 352 ARG A N   1 
ATOM   568 C CA  . ARG A 1 81 ? 0.55253   -12.78962 -3.73911  1.000 18.97909 ? 352 ARG A CA  1 
ATOM   569 C C   . ARG A 1 81 ? 1.88779   -12.89600 -4.45452  1.000 27.88545 ? 352 ARG A C   1 
ATOM   570 O O   . ARG A 1 81 ? 1.97610   -12.61021 -5.64476  1.000 26.70853 ? 352 ARG A O   1 
ATOM   571 C CB  . ARG A 1 81 ? -0.19265  -14.11688 -3.91962  1.000 24.32008 ? 352 ARG A CB  1 
ATOM   572 C CG  . ARG A 1 81 ? -1.55921  -14.14850 -3.28461  1.000 36.36144 ? 352 ARG A CG  1 
ATOM   573 C CD  . ARG A 1 81 ? -2.37870  -15.29937 -3.84759  1.000 38.78877 ? 352 ARG A CD  1 
ATOM   574 N NE  . ARG A 1 81 ? -1.92590  -16.58609 -3.33999  1.000 42.34146 ? 352 ARG A NE  1 
ATOM   575 C CZ  . ARG A 1 81 ? -2.12520  -17.74382 -3.96602  1.000 65.13530 ? 352 ARG A CZ  1 
ATOM   576 N NH1 . ARG A 1 81 ? -2.77545  -17.77462 -5.12457  1.000 65.69176 ? 352 ARG A NH1 1 
ATOM   577 N NH2 . ARG A 1 81 ? -1.68315  -18.87538 -3.43260  1.000 70.98612 ? 352 ARG A NH2 1 
ATOM   578 N N   . GLY A 1 82 ? 2.91026   -13.36955 -3.73198  1.000 22.13524 ? 353 GLY A N   1 
ATOM   579 C CA  . GLY A 1 82 ? 4.20686   -13.64497 -4.32748  1.000 22.15658 ? 353 GLY A CA  1 
ATOM   580 C C   . GLY A 1 82 ? 4.97482   -12.36497 -4.58040  1.000 24.21882 ? 353 GLY A C   1 
ATOM   581 O O   . GLY A 1 82 ? 5.25756   -11.61388 -3.63856  1.000 24.09718 ? 353 GLY A O   1 
ATOM   582 N N   . GLU A 1 83 ? 5.29784   -12.09217 -5.84759  1.000 21.79868 ? 354 GLU A N   1 
ATOM   583 C CA  . GLU A 1 83 ? 5.89892   -10.81209 -6.21446  1.000 18.95264 ? 354 GLU A CA  1 
ATOM   584 C C   . GLU A 1 83 ? 4.86358   -9.70205  -6.14295  1.000 20.03932 ? 354 GLU A C   1 
ATOM   585 O O   . GLU A 1 83 ? 3.77020   -9.81268  -6.70396  1.000 23.18711 ? 354 GLU A O   1 
ATOM   586 C CB  . GLU A 1 83 ? 6.49277   -10.88217 -7.63004  1.000 20.43117 ? 354 GLU A CB  1 
ATOM   587 C CG  . GLU A 1 83 ? 7.60867   -11.85970 -7.79144  1.000 23.17417 ? 354 GLU A CG  1 
ATOM   588 C CD  . GLU A 1 83 ? 8.15055   -11.84020 -9.21599  1.000 31.59732 ? 354 GLU A CD  1 
ATOM   589 O OE1 . GLU A 1 83 ? 8.19382   -10.74872 -9.81954  1.000 36.97100 ? 354 GLU A OE1 1 
ATOM   590 O OE2 . GLU A 1 83 ? 8.50917   -12.90499 -9.73143  1.000 37.39654 ? 354 GLU A OE2 1 
ATOM   591 N N   . ILE A 1 84 ? 5.20194   -8.62277  -5.44587  1.000 18.41842 ? 355 ILE A N   1 
ATOM   592 C CA  . ILE A 1 84 ? 4.30064   -7.48787  -5.27901  1.000 17.78428 ? 355 ILE A CA  1 
ATOM   593 C C   . ILE A 1 84 ? 5.07971   -6.22651  -5.64642  1.000 17.55989 ? 355 ILE A C   1 
ATOM   594 O O   . ILE A 1 84 ? 5.95679   -5.79643  -4.89852  1.000 18.09170 ? 355 ILE A O   1 
ATOM   595 C CB  . ILE A 1 84 ? 3.73834   -7.41756  -3.85647  1.000 24.40055 ? 355 ILE A CB  1 
ATOM   596 C CG1 . ILE A 1 84 ? 3.19806   -8.82206  -3.50573  1.000 26.42470 ? 355 ILE A CG1 1 
ATOM   597 C CG2 . ILE A 1 84 ? 2.69944   -6.30432  -3.76666  1.000 21.20526 ? 355 ILE A CG2 1 
ATOM   598 C CD1 . ILE A 1 84 ? 2.33132   -8.92277  -2.37528  1.000 35.98225 ? 355 ILE A CD1 1 
ATOM   599 N N   . GLU A 1 85 ? 4.79485   -5.66129  -6.81028  1.000 19.07102 ? 356 GLU A N   1 
ATOM   600 C CA  . GLU A 1 85 ? 5.52708   -4.49522  -7.30073  1.000 15.49485 ? 356 GLU A CA  1 
ATOM   601 C C   . GLU A 1 85 ? 4.68169   -3.24613  -7.05847  1.000 19.09530 ? 356 GLU A C   1 
ATOM   602 O O   . GLU A 1 85 ? 3.62422   -3.07356  -7.67203  1.000 18.54651 ? 356 GLU A O   1 
ATOM   603 C CB  . GLU A 1 85 ? 5.86924   -4.63986  -8.77933  1.000 20.02900 ? 356 GLU A CB  1 
ATOM   604 C CG  . GLU A 1 85 ? 6.61715   -3.43074  -9.31036  1.000 23.96907 ? 356 GLU A CG  1 
ATOM   605 C CD  . GLU A 1 85 ? 7.13105   -3.61186  -10.73589 1.000 40.49507 ? 356 GLU A CD  1 
ATOM   606 O OE1 . GLU A 1 85 ? 7.67344   -2.62427  -11.28422 1.000 43.38814 ? 356 GLU A OE1 1 
ATOM   607 O OE2 . GLU A 1 85 ? 7.00475   -4.72156  -11.30627 1.000 38.71425 ? 356 GLU A OE2 1 
ATOM   608 N N   . PHE A 1 86 ? 5.16731   -2.37160  -6.18891  1.000 15.10329 ? 357 PHE A N   1 
ATOM   609 C CA  . PHE A 1 86 ? 4.49229   -1.12121  -5.86154  1.000 15.05949 ? 357 PHE A CA  1 
ATOM   610 C C   . PHE A 1 86 ? 5.01747   -0.00334  -6.74798  1.000 18.81799 ? 357 PHE A C   1 
ATOM   611 O O   . PHE A 1 86 ? 6.22252   0.10396   -6.98695  1.000 20.82210 ? 357 PHE A O   1 
ATOM   612 C CB  . PHE A 1 86 ? 4.74395   -0.71737  -4.41303  1.000 15.24358 ? 357 PHE A CB  1 
ATOM   613 C CG  . PHE A 1 86 ? 4.16938   -1.65727  -3.39913  1.000 19.35819 ? 357 PHE A CG  1 
ATOM   614 C CD1 . PHE A 1 86 ? 4.89075   -2.75046  -2.97391  1.000 14.16466 ? 357 PHE A CD1 1 
ATOM   615 C CD2 . PHE A 1 86 ? 2.91751   -1.42003  -2.84422  1.000 21.50275 ? 357 PHE A CD2 1 
ATOM   616 C CE1 . PHE A 1 86 ? 4.35742   -3.64381  -2.00832  1.000 22.06169 ? 357 PHE A CE1 1 
ATOM   617 C CE2 . PHE A 1 86 ? 2.38399   -2.28324  -1.87919  1.000 25.80604 ? 357 PHE A CE2 1 
ATOM   618 C CZ  . PHE A 1 86 ? 3.09971   -3.39252  -1.46131  1.000 23.69624 ? 357 PHE A CZ  1 
ATOM   619 N N   . GLU A 1 87 ? 4.10765   0.82671   -7.23509  1.000 14.66468 ? 358 GLU A N   1 
ATOM   620 C CA  . GLU A 1 87 ? 4.44957   2.10688   -7.83632  1.000 13.60302 ? 358 GLU A CA  1 
ATOM   621 C C   . GLU A 1 87 ? 4.03177   3.17725   -6.83649  1.000 20.14661 ? 358 GLU A C   1 
ATOM   622 O O   . GLU A 1 87 ? 2.83726   3.29469   -6.53962  1.000 17.18924 ? 358 GLU A O   1 
ATOM   623 C CB  . GLU A 1 87 ? 3.72245   2.29502   -9.16099  1.000 19.93148 ? 358 GLU A CB  1 
ATOM   624 C CG  . GLU A 1 87 ? 4.21826   3.48336   -9.93838  1.000 27.05002 ? 358 GLU A CG  1 
ATOM   625 C CD  . GLU A 1 87 ? 3.48243   3.65600   -11.26405 1.000 43.02694 ? 358 GLU A CD  1 
ATOM   626 O OE1 . GLU A 1 87 ? 2.76257   2.71952   -11.67368 1.000 38.02536 ? 358 GLU A OE1 1 
ATOM   627 O OE2 . GLU A 1 87 ? 3.63755   4.72340   -11.89424 1.000 47.00768 ? 358 GLU A OE2 1 
ATOM   628 N N   . VAL A 1 88 ? 5.00588   3.92393   -6.29456  1.000 17.13417 ? 359 VAL A N   1 
ATOM   629 C CA  . VAL A 1 88 ? 4.75933   4.84967   -5.18467  1.000 15.84668 ? 359 VAL A CA  1 
ATOM   630 C C   . VAL A 1 88 ? 5.39288   6.21260   -5.45565  1.000 17.06623 ? 359 VAL A C   1 
ATOM   631 O O   . VAL A 1 88 ? 6.35372   6.35022   -6.22558  1.000 18.03789 ? 359 VAL A O   1 
ATOM   632 C CB  . VAL A 1 88 ? 5.28062   4.29860   -3.82721  1.000 16.81378 ? 359 VAL A CB  1 
ATOM   633 C CG1 . VAL A 1 88 ? 4.41575   3.12631   -3.31065  1.000 16.99234 ? 359 VAL A CG1 1 
ATOM   634 C CG2 . VAL A 1 88 ? 6.77268   3.90131   -3.91843  1.000 16.54186 ? 359 VAL A CG2 1 
ATOM   635 N N   . VAL A 1 89 ? 4.84798   7.24048   -4.79467  1.000 16.59442 ? 360 VAL A N   1 
ATOM   636 C CA  . VAL A 1 89 ? 5.39993   8.59217   -4.88462  1.000 19.00813 ? 360 VAL A CA  1 
ATOM   637 C C   . VAL A 1 89 ? 5.13758   9.29250   -3.56140  1.000 19.72721 ? 360 VAL A C   1 
ATOM   638 O O   . VAL A 1 89 ? 4.07866   9.11706   -2.95492  1.000 19.93148 ? 360 VAL A O   1 
ATOM   639 C CB  . VAL A 1 89 ? 4.81210   9.39213   -6.07266  1.000 20.65164 ? 360 VAL A CB  1 
ATOM   640 C CG1 . VAL A 1 89 ? 3.30759   9.58231   -5.93937  1.000 22.27098 ? 360 VAL A CG1 1 
ATOM   641 C CG2 . VAL A 1 89 ? 5.49965   10.72551  -6.20909  1.000 23.61219 ? 360 VAL A CG2 1 
ATOM   642 N N   . TYR A 1 90 ? 6.11539   10.04407  -3.09122  1.000 21.63639 ? 361 TYR A N   1 
ATOM   643 C CA  . TYR A 1 90 ? 5.94727   10.74395  -1.83020  1.000 22.94974 ? 361 TYR A CA  1 
ATOM   644 C C   . TYR A 1 90 ? 5.24339   12.05862  -2.11090  1.000 30.01636 ? 361 TYR A C   1 
ATOM   645 O O   . TYR A 1 90 ? 5.74154   12.88134  -2.88302  1.000 37.16692 ? 361 TYR A O   1 
ATOM   646 C CB  . TYR A 1 90 ? 7.27046   10.96926  -1.11589  1.000 24.53622 ? 361 TYR A CB  1 
ATOM   647 C CG  . TYR A 1 90 ? 7.06317   11.55810  0.25858   1.000 26.15057 ? 361 TYR A CG  1 
ATOM   648 C CD1 . TYR A 1 90 ? 7.29657   12.90368  0.49287   1.000 32.18990 ? 361 TYR A CD1 1 
ATOM   649 C CD2 . TYR A 1 90 ? 6.62725   10.77183  1.32208   1.000 28.11138 ? 361 TYR A CD2 1 
ATOM   650 C CE1 . TYR A 1 90 ? 7.11279   13.46384  1.74937   1.000 37.18278 ? 361 TYR A CE1 1 
ATOM   651 C CE2 . TYR A 1 90 ? 6.44539   11.33135  2.60790   1.000 26.89071 ? 361 TYR A CE2 1 
ATOM   652 C CZ  . TYR A 1 90 ? 6.68734   12.68140  2.79549   1.000 32.04546 ? 361 TYR A CZ  1 
ATOM   653 O OH  . TYR A 1 90 ? 6.52305   13.27459  4.02771   1.000 38.90368 ? 361 TYR A OH  1 
ATOM   654 N N   . VAL A 1 91 ? 4.08468   12.24118  -1.48592  1.000 42.49523 ? 362 VAL A N   1 
ATOM   655 C CA  . VAL A 1 91 ? 3.20198   13.34886  -1.79843  1.000 55.96903 ? 362 VAL A CA  1 
ATOM   656 C C   . VAL A 1 91 ? 3.45206   14.49444  -0.81915  1.000 59.31928 ? 362 VAL A C   1 
ATOM   657 O O   . VAL A 1 91 ? 3.53018   14.29533  0.39655   1.000 50.44636 ? 362 VAL A O   1 
ATOM   658 C CB  . VAL A 1 91 ? 1.72169   12.89178  -1.78047  1.000 61.46304 ? 362 VAL A CB  1 
ATOM   659 C CG1 . VAL A 1 91 ? 1.39375   12.08439  -3.03324  1.000 54.29477 ? 362 VAL A CG1 1 
ATOM   660 C CG2 . VAL A 1 91 ? 1.43619   12.06588  -0.55086  1.000 61.55481 ? 362 VAL A CG2 1 
ATOM   661 O OXT . VAL A 1 91 ? 3.59602   15.64354  -1.23811  1.000 61.00088 ? 362 VAL A OXT 1 
ATOM   662 N N   . THR B 2 3  ? -16.17419 10.19269  12.03550  1.000 51.57484 ? 208 THR B N   1 
ATOM   663 C CA  . THR B 2 3  ? -15.86577 8.81990   11.66915  1.000 50.90711 ? 208 THR B CA  1 
ATOM   664 C C   . THR B 2 3  ? -16.06960 8.56152   10.17490  1.000 54.43224 ? 208 THR B C   1 
ATOM   665 O O   . THR B 2 3  ? -17.17815 8.72227   9.67284   1.000 71.07892 ? 208 THR B O   1 
ATOM   666 C CB  . THR B 2 3  ? -16.72318 7.82269   12.47431  1.000 58.66985 ? 208 THR B CB  1 
ATOM   667 O OG1 . THR B 2 3  ? -16.20986 7.70207   13.81317  1.000 77.27184 ? 208 THR B OG1 1 
ATOM   668 C CG2 . THR B 2 3  ? -16.73069 6.45191   11.81226  1.000 58.10338 ? 208 THR B CG2 1 
ATOM   669 N N   . GLN B 2 4  ? -14.98679 8.19252   9.47545   1.000 40.80168 ? 209 GLN B N   1 
ATOM   670 C CA  . GLN B 2 4  ? -15.05078 7.56917   8.15062   1.000 42.49992 ? 209 GLN B CA  1 
ATOM   671 C C   . GLN B 2 4  ? -13.63724 7.25127   7.65297   1.000 31.86542 ? 209 GLN B C   1 
ATOM   672 O O   . GLN B 2 4  ? -13.41898 6.13440   7.18357   1.000 37.89119 ? 209 GLN B O   1 
ATOM   673 C CB  . GLN B 2 4  ? -15.83324 8.42004   7.13557   1.000 44.92671 ? 209 GLN B CB  1 
ATOM   674 C CG  . GLN B 2 4  ? -15.95919 7.82078   5.72815   1.000 52.73909 ? 209 GLN B CG  1 
ATOM   675 C CD  . GLN B 2 4  ? -17.01498 6.72283   5.60486   1.000 62.12641 ? 209 GLN B CD  1 
ATOM   676 O OE1 . GLN B 2 4  ? -18.10068 6.94355   5.05967   1.000 65.78819 ? 209 GLN B OE1 1 
ATOM   677 N NE2 . GLN B 2 4  ? -16.68484 5.52542   6.07945   1.000 67.32718 ? 209 GLN B NE2 1 
ATOM   678 N N   . ASN B 2 5  ? -12.66816 8.18633   7.75784   1.000 33.19580 ? 210 ASN B N   1 
ATOM   679 C CA  . ASN B 2 5  ? -11.25933 7.85486   7.47871   1.000 29.42704 ? 210 ASN B CA  1 
ATOM   680 C C   . ASN B 2 5  ? -10.77923 6.80206   8.45988   1.000 25.38778 ? 210 ASN B C   1 
ATOM   681 O O   . ASN B 2 5  ? -10.89218 6.98119   9.67224   1.000 25.77547 ? 210 ASN B O   1 
ATOM   682 C CB  . ASN B 2 5  ? -10.33639 9.07086   7.63700   1.000 37.12942 ? 210 ASN B CB  1 
ATOM   683 C CG  . ASN B 2 5  ? -10.29383 9.96611   6.41778   1.000 42.65778 ? 210 ASN B CG  1 
ATOM   684 O OD1 . ASN B 2 5  ? -10.13941 9.50431   5.29387   1.000 42.77967 ? 210 ASN B OD1 1 
ATOM   685 N ND2 . ASN B 2 5  ? -10.43330 11.27392  6.64484   1.000 34.50207 ? 210 ASN B ND2 1 
ATOM   686 N N   . ILE B 2 6  ? -10.18347 5.72991   7.95175   1.000 22.83726 ? 211 ILE B N   1 
ATOM   687 C CA  . ILE B 2 6  ? -9.60805  4.70899   8.81530   1.000 21.12526 ? 211 ILE B CA  1 
ATOM   688 C C   . ILE B 2 6  ? -8.24631  4.31379   8.25997   1.000 19.04907 ? 211 ILE B C   1 
ATOM   689 O O   . ILE B 2 6  ? -7.89048  4.63945   7.12439   1.000 21.33386 ? 211 ILE B O   1 
ATOM   690 C CB  . ILE B 2 6  ? -10.52756 3.47706   8.93920   1.000 22.93856 ? 211 ILE B CB  1 
ATOM   691 C CG1 . ILE B 2 6  ? -10.71143 2.81837   7.56698   1.000 22.87046 ? 211 ILE B CG1 1 
ATOM   692 C CG2 . ILE B 2 6  ? -11.87485 3.87757   9.49657   1.000 25.44166 ? 211 ILE B CG2 1 
ATOM   693 C CD1 . ILE B 2 6  ? -11.43912 1.49589   7.64324   1.000 32.77490 ? 211 ILE B CD1 1 
ATOM   694 N N   . CYS B 2 7  ? -7.45815  3.64352   9.08590   1.000 18.60851 ? 212 CYS B N   1 
ATOM   695 C CA  . CYS B 2 7  ? -6.24819  2.98168   8.60822   1.000 17.11311 ? 212 CYS B CA  1 
ATOM   696 C C   . CYS B 2 7  ? -6.45296  1.48153   8.70215   1.000 18.09824 ? 212 CYS B C   1 
ATOM   697 O O   . CYS B 2 7  ? -7.01262  0.99366   9.68373   1.000 19.88745 ? 212 CYS B O   1 
ATOM   698 C CB  . CYS B 2 7  ? -4.99806  3.41640   9.38103   1.000 16.47863 ? 212 CYS B CB  1 
ATOM   699 S SG  . CYS B 2 7  ? -4.69862  5.19895   9.36697   1.000 23.97235 ? 212 CYS B SG  1 
ATOM   700 N N   . THR B 2 8  ? -6.07089  0.75859   7.64316   1.000 17.55689 ? 213 THR B N   1 
ATOM   701 C CA  . THR B 2 8  ? -6.30473  -0.67215  7.56906   1.000 19.06779 ? 213 THR B CA  1 
ATOM   702 C C   . THR B 2 8  ? -4.96430  -1.37550  7.42366   1.000 18.37552 ? 213 THR B C   1 
ATOM   703 O O   . THR B 2 8  ? -4.19985  -1.07020  6.51227   1.000 16.61887 ? 213 THR B O   1 
ATOM   704 C CB  . THR B 2 8  ? -7.20707  -1.02615  6.37845   1.000 20.18332 ? 213 THR B CB  1 
ATOM   705 O OG1 . THR B 2 8  ? -8.47236  -0.36622  6.52373   1.000 21.38738 ? 213 THR B OG1 1 
ATOM   706 C CG2 . THR B 2 8  ? -7.45697  -2.51753  6.34089   1.000 22.46711 ? 213 THR B CG2 1 
ATOM   707 N N   . ARG B 2 9  ? -4.71929  -2.35554  8.27239   1.000 19.57561 ? 214 ARG B N   1 
ATOM   708 C CA  A ARG B 2 9  ? -3.49051  -3.12572  8.17861   0.500 21.66489 ? 214 ARG B CA  1 
ATOM   709 C CA  B ARG B 2 9  ? -3.49601  -3.13636  8.19224   0.500 22.13005 ? 214 ARG B CA  1 
ATOM   710 C C   . ARG B 2 9  ? -3.64558  -4.21667  7.12274   1.000 25.24050 ? 214 ARG B C   1 
ATOM   711 O O   . ARG B 2 9  ? -4.66894  -4.90737  7.06526   1.000 22.80403 ? 214 ARG B O   1 
ATOM   712 C CB  A ARG B 2 9  ? -3.13518  -3.73579  9.53331   0.500 26.70249 ? 214 ARG B CB  1 
ATOM   713 C CB  B ARG B 2 9  ? -3.18771  -3.75601  9.55592   0.500 26.44355 ? 214 ARG B CB  1 
ATOM   714 C CG  A ARG B 2 9  ? -1.71625  -4.25536  9.58859   0.500 30.43477 ? 214 ARG B CG  1 
ATOM   715 C CG  B ARG B 2 9  ? -2.14808  -4.84001  9.50845   0.500 33.44549 ? 214 ARG B CG  1 
ATOM   716 C CD  A ARG B 2 9  ? -1.38817  -4.79255  10.96509  0.500 35.61459 ? 214 ARG B CD  1 
ATOM   717 C CD  B ARG B 2 9  ? -1.31141  -4.87790  10.78306  0.500 35.84229 ? 214 ARG B CD  1 
ATOM   718 N NE  A ARG B 2 9  ? -0.05825  -5.38906  11.02857  0.500 25.60520 ? 214 ARG B NE  1 
ATOM   719 N NE  B ARG B 2 9  ? -1.88923  -4.11207  11.88643  0.500 36.29417 ? 214 ARG B NE  1 
ATOM   720 C CZ  A ARG B 2 9  ? 0.64249   -5.48681  12.14989  0.500 30.34111 ? 214 ARG B CZ  1 
ATOM   721 C CZ  B ARG B 2 9  ? -1.21998  -3.82309  12.99626  0.500 35.66853 ? 214 ARG B CZ  1 
ATOM   722 N NH1 A ARG B 2 9  ? 0.13636   -5.02329  13.28611  0.500 28.01984 ? 214 ARG B NH1 1 
ATOM   723 N NH1 B ARG B 2 9  ? 0.03251   -4.24602  13.12468  0.500 29.55694 ? 214 ARG B NH1 1 
ATOM   724 N NH2 A ARG B 2 9  ? 1.84411   -6.04347  12.13912  0.500 24.73010 ? 214 ARG B NH2 1 
ATOM   725 N NH2 B ARG B 2 9  ? -1.79119  -3.12797  13.97447  0.500 35.51656 ? 214 ARG B NH2 1 
ATOM   726 N N   . ILE B 2 10 ? -2.63580  -4.35371  6.26662   1.000 19.78084 ? 215 ILE B N   1 
ATOM   727 C CA  . ILE B 2 10 ? -2.67853  -5.38536  5.23748   1.000 22.88522 ? 215 ILE B CA  1 
ATOM   728 C C   . ILE B 2 10 ? -1.33989  -6.13584  5.19877   1.000 34.15612 ? 215 ILE B C   1 
ATOM   729 O O   . ILE B 2 10 ? -1.23430  -7.19547  4.57756   1.000 33.63713 ? 215 ILE B O   1 
ATOM   730 C CB  . ILE B 2 10 ? -3.02622  -4.79189  3.85368   1.000 29.47854 ? 215 ILE B CB  1 
ATOM   731 C CG1 . ILE B 2 10 ? -2.07167  -3.66683  3.49475   1.000 38.85568 ? 215 ILE B CG1 1 
ATOM   732 C CG2 . ILE B 2 10 ? -4.45649  -4.24944  3.83442   1.000 33.24473 ? 215 ILE B CG2 1 
ATOM   733 C CD1 . ILE B 2 10 ? -2.59033  -2.78153  2.38962   1.000 48.76372 ? 215 ILE B CD1 1 
ATOM   734 O OXT . ILE B 2 10 ? -0.32931  -5.71003  5.78197   1.000 25.57206 ? 215 ILE B OXT 1 
HETATM 735 S S   . SO4 C 3 .  ? 11.11361  7.73066   6.65727   1.000 79.92234 ? 401 SO4 A S   1 
HETATM 736 O O1  . SO4 C 3 .  ? 10.90936  8.22342   5.29628   1.000 88.78380 ? 401 SO4 A O1  1 
HETATM 737 O O2  . SO4 C 3 .  ? 12.19963  6.74259   6.68092   1.000 81.33716 ? 401 SO4 A O2  1 
HETATM 738 O O3  . SO4 C 3 .  ? 11.43666  8.87613   7.50740   1.000 77.67393 ? 401 SO4 A O3  1 
HETATM 739 O O4  . SO4 C 3 .  ? 9.88801   7.07782   7.11837   1.000 61.93049 ? 401 SO4 A O4  1 
HETATM 740 S S   . SO4 D 3 .  ? 3.12550   -3.82416  15.08994  1.000 71.06613 ? 301 SO4 B S   1 
HETATM 741 O O1  . SO4 D 3 .  ? 3.26644   -2.55764  14.36972  1.000 50.28405 ? 301 SO4 B O1  1 
HETATM 742 O O2  . SO4 D 3 .  ? 3.03119   -4.94305  14.15676  1.000 70.81180 ? 301 SO4 B O2  1 
HETATM 743 O O3  . SO4 D 3 .  ? 4.27892   -4.04529  15.96094  1.000 75.05416 ? 301 SO4 B O3  1 
HETATM 744 O O4  . SO4 D 3 .  ? 1.90749   -3.77733  15.90525  1.000 81.06656 ? 301 SO4 B O4  1 
HETATM 745 O O   . HOH E 4 .  ? -9.38643  9.96885   -8.45884  1.000 51.83943 ? 501 HOH A O   1 
HETATM 746 O O   . HOH E 4 .  ? 8.50164   5.41486   6.72871   1.000 22.52691 ? 502 HOH A O   1 
HETATM 747 O O   . HOH E 4 .  ? 5.67460   15.64073  -6.30537  1.000 70.51960 ? 503 HOH A O   1 
HETATM 748 O O   . HOH E 4 .  ? 10.70943  -18.27237 1.80135   1.000 45.26312 ? 504 HOH A O   1 
HETATM 749 O O   . HOH E 4 .  ? 9.12649   -14.87290 -8.46351  1.000 38.48117 ? 505 HOH A O   1 
HETATM 750 O O   . HOH E 4 .  ? 2.85315   0.33677   -12.13574 1.000 31.01296 ? 506 HOH A O   1 
HETATM 751 O O   . HOH E 4 .  ? 8.83456   -9.95711  -12.09117 1.000 29.61094 ? 507 HOH A O   1 
HETATM 752 O O   . HOH E 4 .  ? 7.24438   -7.23634  -11.42903 1.000 40.09650 ? 508 HOH A O   1 
HETATM 753 O O   . HOH E 4 .  ? -15.73651 5.52957   3.16598   1.000 61.34943 ? 509 HOH A O   1 
HETATM 754 O O   . HOH E 4 .  ? 15.98647  -6.21436  5.63756   1.000 44.78801 ? 510 HOH A O   1 
HETATM 755 O O   . HOH E 4 .  ? 3.08517   6.24208   -13.92682 1.000 60.82293 ? 511 HOH A O   1 
HETATM 756 O O   . HOH E 4 .  ? 2.98391   2.21191   16.05840  1.000 22.23296 ? 512 HOH A O   1 
HETATM 757 O O   . HOH E 4 .  ? 12.42305  -3.04469  11.98828  1.000 45.88054 ? 513 HOH A O   1 
HETATM 758 O O   . HOH E 4 .  ? -6.90914  -7.87063  -7.38658  0.50  38.86403 ? 514 HOH A O   1 
HETATM 759 O O   . HOH E 4 .  ? -14.32019 2.56013   1.19365   1.000 20.34745 ? 515 HOH A O   1 
HETATM 760 O O   . HOH E 4 .  ? 8.74039   9.85070   -4.33204  1.000 22.46343 ? 516 HOH A O   1 
HETATM 761 O O   . HOH E 4 .  ? 8.03802   9.28225   5.51815   1.000 38.80807 ? 517 HOH A O   1 
HETATM 762 O O   . HOH E 4 .  ? 8.46713   -12.17949 2.79412   1.000 30.16468 ? 518 HOH A O   1 
HETATM 763 O O   . HOH E 4 .  ? 7.52573   -14.76525 7.73173   1.000 52.60855 ? 519 HOH A O   1 
HETATM 764 O O   . HOH E 4 .  ? -10.39422 -0.86824  -9.93777  1.000 26.72209 ? 520 HOH A O   1 
HETATM 765 O O   . HOH E 4 .  ? 6.48976   -4.36433  7.19107   1.000 15.73676 ? 521 HOH A O   1 
HETATM 766 O O   . HOH E 4 .  ? -3.11152  -12.47538 -0.95192  1.000 31.88705 ? 522 HOH A O   1 
HETATM 767 O O   . HOH E 4 .  ? 2.30886   -11.50583 -8.14067  1.000 24.28390 ? 523 HOH A O   1 
HETATM 768 O O   . HOH E 4 .  ? 12.89298  -0.99728  6.06117   1.000 34.15321 ? 524 HOH A O   1 
HETATM 769 O O   . HOH E 4 .  ? -2.94109  0.25632   11.35667  1.000 25.71019 ? 525 HOH A O   1 
HETATM 770 O O   . HOH E 4 .  ? 13.04062  1.27896   -8.81925  1.000 19.14906 ? 526 HOH A O   1 
HETATM 771 O O   . HOH E 4 .  ? 14.19875  4.25238   0.70940   1.000 30.51093 ? 527 HOH A O   1 
HETATM 772 O O   . HOH E 4 .  ? 1.66538   -14.45999 -1.08428  1.000 28.67253 ? 528 HOH A O   1 
HETATM 773 O O   . HOH E 4 .  ? -13.81923 -4.79509  -2.72665  1.000 31.96765 ? 529 HOH A O   1 
HETATM 774 O O   . HOH E 4 .  ? -5.11539  -13.69890 -4.94413  0.50  41.79725 ? 530 HOH A O   1 
HETATM 775 O O   . HOH E 4 .  ? -7.94740  8.77043   -4.43864  1.000 24.09483 ? 531 HOH A O   1 
HETATM 776 O O   . HOH E 4 .  ? 12.13814  5.75788   -10.28153 1.000 69.82581 ? 532 HOH A O   1 
HETATM 777 O O   . HOH E 4 .  ? -1.05686  -8.92698  -0.29239  1.000 21.99803 ? 533 HOH A O   1 
HETATM 778 O O   . HOH E 4 .  ? 9.12050   8.36005   0.35753   1.000 26.65356 ? 534 HOH A O   1 
HETATM 779 O O   . HOH E 4 .  ? 8.99131   -16.64978 -1.72520  1.000 48.66270 ? 535 HOH A O   1 
HETATM 780 O O   . HOH E 4 .  ? -7.60117  6.04996   -4.53074  1.000 21.27346 ? 536 HOH A O   1 
HETATM 781 O O   . HOH E 4 .  ? 4.76764   -8.42245  -10.16780 1.000 35.52755 ? 537 HOH A O   1 
HETATM 782 O O   . HOH E 4 .  ? -2.02451  -14.20281 0.63365   1.000 44.97154 ? 538 HOH A O   1 
HETATM 783 O O   . HOH E 4 .  ? -7.91275  3.27823   -9.74868  1.000 27.34457 ? 539 HOH A O   1 
HETATM 784 O O   . HOH E 4 .  ? -6.05662  -7.68444  4.56940   1.000 49.93686 ? 540 HOH A O   1 
HETATM 785 O O   . HOH E 4 .  ? 0.44946   3.19899   -13.20126 1.000 40.35961 ? 541 HOH A O   1 
HETATM 786 O O   A HOH E 4 .  ? 8.47892   10.62156  -11.49602 0.500 21.25998 ? 542 HOH A O   1 
HETATM 787 O O   B HOH E 4 .  ? 8.15804   9.72029   -13.22274 0.500 34.19610 ? 542 HOH A O   1 
HETATM 788 O O   . HOH E 4 .  ? -3.65059  6.12594   -4.74952  1.000 19.68130 ? 543 HOH A O   1 
HETATM 789 O O   . HOH E 4 .  ? 5.31870   0.60280   13.20966  1.000 27.11387 ? 544 HOH A O   1 
HETATM 790 O O   . HOH E 4 .  ? -8.75355  -9.00159  -0.78594  1.000 73.27465 ? 545 HOH A O   1 
HETATM 791 O O   . HOH E 4 .  ? 11.04111  -9.12844  -0.48401  1.000 18.49549 ? 546 HOH A O   1 
HETATM 792 O O   . HOH E 4 .  ? 0.96684   -0.47770  15.04302  1.000 30.89910 ? 547 HOH A O   1 
HETATM 793 O O   . HOH E 4 .  ? 9.77509   -0.33220  3.20615   1.000 23.21092 ? 548 HOH A O   1 
HETATM 794 O O   . HOH E 4 .  ? -11.93582 -4.76352  1.51932   1.000 28.99109 ? 549 HOH A O   1 
HETATM 795 O O   . HOH E 4 .  ? -5.64456  9.68855   -6.27351  1.000 33.87813 ? 550 HOH A O   1 
HETATM 796 O O   . HOH E 4 .  ? -12.74931 2.47761   -8.79297  1.000 34.12348 ? 551 HOH A O   1 
HETATM 797 O O   . HOH E 4 .  ? 6.34009   -11.44561 8.60869   1.000 30.74668 ? 552 HOH A O   1 
HETATM 798 O O   . HOH E 4 .  ? -1.10180  9.90992   -10.45853 1.000 45.86746 ? 553 HOH A O   1 
HETATM 799 O O   . HOH E 4 .  ? 4.10550   -18.88839 -0.02016  1.000 42.97247 ? 554 HOH A O   1 
HETATM 800 O O   . HOH E 4 .  ? -4.28015  -15.65921 -6.46730  1.000 47.50938 ? 555 HOH A O   1 
HETATM 801 O O   . HOH E 4 .  ? -1.74841  3.06932   11.57485  1.000 23.07447 ? 556 HOH A O   1 
HETATM 802 O O   . HOH E 4 .  ? 10.57184  3.29628   5.76055   1.000 64.91889 ? 557 HOH A O   1 
HETATM 803 O O   . HOH E 4 .  ? 4.39513   15.67028  2.86476   1.000 63.84519 ? 558 HOH A O   1 
HETATM 804 O O   . HOH E 4 .  ? 2.57076   -1.60991  -10.16179 1.000 25.54262 ? 559 HOH A O   1 
HETATM 805 O O   . HOH E 4 .  ? -1.66789  -3.51235  -15.86221 1.000 27.42901 ? 560 HOH A O   1 
HETATM 806 O O   . HOH E 4 .  ? -11.49346 12.02496  -4.96891  1.000 43.57934 ? 561 HOH A O   1 
HETATM 807 O O   . HOH E 4 .  ? 11.10680  -8.45466  2.25892   1.000 22.68982 ? 562 HOH A O   1 
HETATM 808 O O   . HOH E 4 .  ? -6.45019  6.92798   -12.84748 1.000 43.58714 ? 563 HOH A O   1 
HETATM 809 O O   . HOH E 4 .  ? -12.36617 -8.15245  -0.01710  1.000 47.98800 ? 564 HOH A O   1 
HETATM 810 O O   . HOH E 4 .  ? 8.22111   12.10715  6.19150   1.000 43.70642 ? 565 HOH A O   1 
HETATM 811 O O   . HOH E 4 .  ? -0.65909  -11.57265 -7.23928  1.000 33.24589 ? 566 HOH A O   1 
HETATM 812 O O   . HOH E 4 .  ? 17.02640  -2.74268  1.90515   1.000 29.36723 ? 567 HOH A O   1 
HETATM 813 O O   . HOH E 4 .  ? -5.49873  15.01098  -2.65225  1.000 46.80362 ? 568 HOH A O   1 
HETATM 814 O O   . HOH E 4 .  ? 5.09547   13.02343  -9.20474  1.000 47.23584 ? 569 HOH A O   1 
HETATM 815 O O   . HOH E 4 .  ? 3.43489   -11.18042 8.13960   1.000 33.40805 ? 570 HOH A O   1 
HETATM 816 O O   . HOH E 4 .  ? -2.19268  -13.30974 3.59022   1.000 58.42055 ? 571 HOH A O   1 
HETATM 817 O O   . HOH E 4 .  ? 9.22746   -0.41387  10.88492  1.000 43.77673 ? 572 HOH A O   1 
HETATM 818 O O   . HOH E 4 .  ? 4.42346   -13.93083 -8.16749  1.000 27.76350 ? 573 HOH A O   1 
HETATM 819 O O   . HOH E 4 .  ? 1.09124   9.20987   -12.02371 1.000 45.98110 ? 574 HOH A O   1 
HETATM 820 O O   . HOH E 4 .  ? 16.16224  -3.90376  3.91103   1.000 72.47012 ? 575 HOH A O   1 
HETATM 821 O O   . HOH E 4 .  ? 2.32659   -16.90813 -3.95839  1.000 50.31585 ? 576 HOH A O   1 
HETATM 822 O O   . HOH E 4 .  ? 7.86712   16.12261  4.21020   1.000 64.95037 ? 577 HOH A O   1 
HETATM 823 O O   . HOH E 4 .  ? 6.55919   5.56428   -13.42656 1.000 59.26547 ? 578 HOH A O   1 
HETATM 824 O O   . HOH E 4 .  ? 5.31500   -14.75353 9.44243   1.000 54.10925 ? 579 HOH A O   1 
HETATM 825 O O   . HOH E 4 .  ? 2.94281   -19.78715 3.11870   1.000 51.61425 ? 580 HOH A O   1 
HETATM 826 O O   . HOH E 4 .  ? 9.86535   9.87907   2.72790   1.000 31.57173 ? 581 HOH A O   1 
HETATM 827 O O   . HOH E 4 .  ? 1.13104   -8.31227  -12.52171 1.000 46.38688 ? 582 HOH A O   1 
HETATM 828 O O   . HOH E 4 .  ? -17.67536 -3.03703  -2.48248  1.000 45.04328 ? 583 HOH A O   1 
HETATM 829 O O   . HOH E 4 .  ? -0.60454  -12.69719 8.36628   1.000 50.52598 ? 584 HOH A O   1 
HETATM 830 O O   . HOH E 4 .  ? 12.56278  3.75301   -8.20187  1.000 24.19251 ? 585 HOH A O   1 
HETATM 831 O O   . HOH E 4 .  ? -11.06022 -7.01225  1.69617   1.000 46.75048 ? 586 HOH A O   1 
HETATM 832 O O   . HOH E 4 .  ? -10.52961 -10.67032 -1.05377  1.000 50.66075 ? 587 HOH A O   1 
HETATM 833 O O   . HOH E 4 .  ? 9.16695   4.95700   -12.37195 1.000 53.99288 ? 588 HOH A O   1 
HETATM 834 O O   . HOH E 4 .  ? 3.75312   -4.91778  -12.35840 1.000 43.70300 ? 589 HOH A O   1 
HETATM 835 O O   . HOH E 4 .  ? -1.94371  1.36736   -13.46646 1.000 47.28923 ? 590 HOH A O   1 
HETATM 836 O O   . HOH E 4 .  ? -15.20395 0.15102   -2.52630  1.000 32.27080 ? 591 HOH A O   1 
HETATM 837 O O   . HOH E 4 .  ? 0.72977   -14.73218 -8.09320  1.000 57.99503 ? 592 HOH A O   1 
HETATM 838 O O   . HOH E 4 .  ? -1.06291  -19.41773 4.66940   1.000 59.60830 ? 593 HOH A O   1 
HETATM 839 O O   . HOH E 4 .  ? 13.09237  6.19208   -1.69478  1.000 30.69007 ? 594 HOH A O   1 
HETATM 840 O O   . HOH E 4 .  ? 4.95643   -17.06225 -2.37386  1.000 44.88322 ? 595 HOH A O   1 
HETATM 841 O O   . HOH E 4 .  ? 5.16919   -1.53803  -13.51229 1.000 58.69785 ? 596 HOH A O   1 
HETATM 842 O O   . HOH E 4 .  ? -10.54140 2.12940   -10.13732 1.000 49.98204 ? 597 HOH A O   1 
HETATM 843 O O   . HOH E 4 .  ? -6.16765  12.28740  -4.85982  1.000 38.71297 ? 598 HOH A O   1 
HETATM 844 O O   . HOH E 4 .  ? 11.42697  8.34929   -1.08235  1.000 29.23649 ? 599 HOH A O   1 
HETATM 845 O O   . HOH E 4 .  ? 0.72603   -10.01910 -10.54429 1.000 50.81890 ? 600 HOH A O   1 
HETATM 846 O O   . HOH E 4 .  ? 10.84966  0.57314   5.54557   1.000 30.72171 ? 601 HOH A O   1 
HETATM 847 O O   . HOH E 4 .  ? -14.24024 13.45429  -2.90551  1.000 60.68692 ? 602 HOH A O   1 
HETATM 848 O O   . HOH E 4 .  ? 10.27810  1.27054   8.49012   1.000 49.64680 ? 603 HOH A O   1 
HETATM 849 O O   A HOH E 4 .  ? 14.95941  7.69023   2.06622   0.500 32.37657 ? 604 HOH A O   1 
HETATM 850 O O   B HOH E 4 .  ? 2.14286   -2.53109  18.54216  0.500 33.31330 ? 604 HOH A O   1 
HETATM 851 O O   . HOH E 4 .  ? -7.91983  -11.42651 -0.12739  1.000 46.71188 ? 605 HOH A O   1 
HETATM 852 O O   . HOH E 4 .  ? 12.35510  -6.12929  13.31092  1.000 59.82318 ? 606 HOH A O   1 
HETATM 853 O O   . HOH E 4 .  ? 4.64580   -11.08094 -10.79563 1.000 51.28732 ? 607 HOH A O   1 
HETATM 854 O O   . HOH E 4 .  ? 6.83594   -15.42524 -6.45604  1.000 49.69680 ? 608 HOH A O   1 
HETATM 855 O O   . HOH E 4 .  ? -9.19207  10.38914  -5.88008  1.000 41.05121 ? 609 HOH A O   1 
HETATM 856 O O   . HOH E 4 .  ? -3.16621  -16.92384 5.40904   1.000 59.95804 ? 610 HOH A O   1 
HETATM 857 O O   . HOH E 4 .  ? -16.12633 1.09427   -5.03897  1.000 72.58912 ? 611 HOH A O   1 
HETATM 858 O O   . HOH E 4 .  ? -14.27106 14.59144  -0.57817  1.000 67.90228 ? 612 HOH A O   1 
HETATM 859 O O   . HOH E 4 .  ? -16.22058 8.43958   -4.07943  1.000 40.49262 ? 613 HOH A O   1 
HETATM 860 O O   . HOH E 4 .  ? -3.24978  6.21394   -14.98681 1.000 57.72896 ? 614 HOH A O   1 
HETATM 861 O O   . HOH E 4 .  ? 10.30529  -7.74236  14.53614  1.000 54.45622 ? 615 HOH A O   1 
HETATM 862 O O   . HOH E 4 .  ? 8.38495   3.93412   8.91824   1.000 25.65209 ? 616 HOH A O   1 
HETATM 863 O O   . HOH E 4 .  ? 15.62148  5.36537   3.48497   1.000 66.25668 ? 617 HOH A O   1 
HETATM 864 O O   . HOH E 4 .  ? 10.22726  7.00828   -13.47884 1.000 64.53527 ? 618 HOH A O   1 
HETATM 865 O O   . HOH E 4 .  ? 2.89024   -3.98491  -14.61409 1.000 52.22269 ? 619 HOH A O   1 
HETATM 866 O O   . HOH E 4 .  ? -2.84752  3.11770   -15.30939 1.000 65.50819 ? 620 HOH A O   1 
HETATM 867 O O   . HOH E 4 .  ? -7.20734  9.62041   -11.24297 1.000 56.10460 ? 621 HOH A O   1 
HETATM 868 O O   . HOH E 4 .  ? -15.43604 3.56333   -7.33812  1.000 53.43839 ? 622 HOH A O   1 
HETATM 869 O O   . HOH E 4 .  ? 11.87858  2.99002   8.24958   1.000 42.07370 ? 623 HOH A O   1 
HETATM 870 O O   . HOH E 4 .  ? -13.62432 2.10671   4.17548   1.000 33.97793 ? 624 HOH A O   1 
HETATM 871 O O   . HOH E 4 .  ? -9.02757  16.81310  1.40222   1.000 58.00449 ? 625 HOH A O   1 
HETATM 872 O O   . HOH E 4 .  ? 9.76960   13.55510  -2.09801  1.000 56.17402 ? 626 HOH A O   1 
HETATM 873 O O   . HOH E 4 .  ? -16.98166 1.32648   -0.38185  1.000 45.01865 ? 627 HOH A O   1 
HETATM 874 O O   . HOH E 4 .  ? 16.05365  -1.44814  4.54406   1.000 68.00574 ? 628 HOH A O   1 
HETATM 875 O O   . HOH E 4 .  ? 10.96156  10.62976  -2.97198  1.000 36.48045 ? 629 HOH A O   1 
HETATM 876 O O   . HOH E 4 .  ? 10.60149  12.80338  6.21228   1.000 58.21434 ? 630 HOH A O   1 
HETATM 877 O O   . HOH E 4 .  ? 13.22127  9.42106   0.92661   1.000 65.86459 ? 631 HOH A O   1 
HETATM 878 O O   . HOH E 4 .  ? 0.91511   4.22240   -15.59262 1.000 69.76325 ? 632 HOH A O   1 
HETATM 879 O O   A HOH E 4 .  ? -12.60388 -0.80475  4.47187   0.500 18.69654 ? 633 HOH A O   1 
HETATM 880 O O   B HOH E 4 .  ? -11.81923 -2.28963  3.96973   0.500 24.06422 ? 633 HOH A O   1 
HETATM 881 O O   . HOH E 4 .  ? 7.09603   -15.97797 -3.39114  1.000 45.67328 ? 634 HOH A O   1 
HETATM 882 O O   A HOH E 4 .  ? 16.23386  1.00516   3.01764   0.500 31.08771 ? 635 HOH A O   1 
HETATM 883 O O   B HOH E 4 .  ? 14.17156  2.21887   3.20047   0.500 27.58448 ? 635 HOH A O   1 
HETATM 884 O O   . HOH E 4 .  ? -3.28681  8.62579   -6.17597  1.000 25.53416 ? 636 HOH A O   1 
HETATM 885 O O   . HOH E 4 .  ? -12.20644 16.38320  -1.41206  1.000 57.63929 ? 637 HOH A O   1 
HETATM 886 O O   A HOH E 4 .  ? 11.82300  4.24857   -12.56509 0.500 27.60862 ? 638 HOH A O   1 
HETATM 887 O O   B HOH E 4 .  ? 12.46840  6.85877   -12.52036 0.500 36.46442 ? 638 HOH A O   1 
HETATM 888 O O   A HOH E 4 .  ? 9.60705   -17.24438 -10.75576 0.500 37.09250 ? 639 HOH A O   1 
HETATM 889 O O   B HOH E 4 .  ? -1.74492  13.86328  -4.13500  0.500 37.99388 ? 639 HOH A O   1 
HETATM 890 O O   . HOH E 4 .  ? -1.86754  -14.15292 -7.83185  1.000 52.65245 ? 640 HOH A O   1 
HETATM 891 O O   . HOH E 4 .  ? 10.76827  12.41559  2.08762   1.000 60.71669 ? 641 HOH A O   1 
HETATM 892 O O   . HOH E 4 .  ? 13.66814  8.24264   -5.91165  1.000 40.07388 ? 642 HOH A O   1 
HETATM 893 O O   . HOH E 4 .  ? 16.32280  -7.92027  7.97102   1.000 58.41375 ? 643 HOH A O   1 
HETATM 894 O O   . HOH E 4 .  ? -8.51559  -11.96537 2.54219   1.000 74.06372 ? 644 HOH A O   1 
HETATM 895 O O   . HOH E 4 .  ? 2.14867   10.82477  -9.71863  1.000 44.08512 ? 645 HOH A O   1 
HETATM 896 O O   . HOH E 4 .  ? -1.63526  10.68486  -6.50973  1.000 41.24806 ? 646 HOH A O   1 
HETATM 897 O O   . HOH E 4 .  ? 0.48057   11.58743  -7.91086  1.000 60.72403 ? 647 HOH A O   1 
HETATM 898 O O   . HOH F 4 .  ? -10.59868 -1.53388  5.95792   1.000 70.35896 ? 401 HOH B O   1 
HETATM 899 O O   . HOH F 4 .  ? 4.81971   -6.31034  12.91827  1.000 28.50818 ? 402 HOH B O   1 
HETATM 900 O O   . HOH F 4 .  ? 0.35553   -6.75029  8.08698   1.000 44.28431 ? 403 HOH B O   1 
HETATM 901 O O   . HOH F 4 .  ? -6.77081  -5.50162  8.56519   1.000 66.17937 ? 404 HOH B O   1 
HETATM 902 O O   . HOH F 4 .  ? -8.77297  -0.69916  10.86378  1.000 68.88465 ? 405 HOH B O   1 
HETATM 903 O O   . HOH F 4 .  ? -12.61759 4.76660   4.84801   1.000 35.86893 ? 406 HOH B O   1 
HETATM 904 O O   . HOH F 4 .  ? -13.20204 10.87485  8.45482   1.000 34.93409 ? 407 HOH B O   1 
HETATM 905 O O   . HOH F 4 .  ? 1.80890   -7.19360  15.42079  1.000 66.47287 ? 408 HOH B O   1 
HETATM 906 O O   . HOH F 4 .  ? 5.29238   -1.02144  15.74614  1.000 28.89875 ? 409 HOH B O   1 
HETATM 907 O O   A HOH F 4 .  ? -10.16738 5.46496   5.00547   0.500 20.29328 ? 410 HOH B O   1 
HETATM 908 O O   B HOH F 4 .  ? -9.05383  7.52510   5.08284   0.500 17.49013 ? 410 HOH B O   1 
HETATM 909 O O   . HOH F 4 .  ? -9.85272  -1.58687  8.89297   1.000 61.21567 ? 411 HOH B O   1 
HETATM 910 O O   . HOH F 4 .  ? -1.63897  -0.12073  13.79042  1.000 37.38802 ? 412 HOH B O   1 
HETATM 911 O O   . HOH F 4 .  ? -6.60468  -2.89544  10.57949  1.000 27.30398 ? 413 HOH B O   1 
HETATM 912 O O   . HOH F 4 .  ? -18.92072 9.63277   6.33961   1.000 61.66019 ? 414 HOH B O   1 
HETATM 913 O O   . HOH F 4 .  ? -1.90868  -9.49583  2.23279   1.000 38.65184 ? 415 HOH B O   1 
HETATM 914 O O   . HOH F 4 .  ? 5.10976   -3.29416  19.12799  1.000 61.94428 ? 416 HOH B O   1 
HETATM 915 O O   . HOH F 4 .  ? -15.22160 4.48847   14.72739  1.000 44.07128 ? 417 HOH B O   1 
HETATM 916 O O   . HOH F 4 .  ? -1.84763  -8.57476  8.36364   1.000 57.48602 ? 418 HOH B O   1 
HETATM 917 O O   . HOH F 4 .  ? -6.15558  -4.49663  12.33502  1.000 60.94931 ? 419 HOH B O   1 
HETATM 918 O O   . HOH F 4 .  ? -14.87448 3.89900   11.85018  1.000 56.46698 ? 420 HOH B O   1 
HETATM 919 O O   . HOH F 4 .  ? -10.73793 -4.62805  5.95997   1.000 46.32311 ? 421 HOH B O   1 
HETATM 920 O O   . HOH F 4 .  ? -8.14653  -2.47500  14.28577  1.000 52.93760 ? 422 HOH B O   1 
# 
loop_
_atom_site_anisotrop.id 
_atom_site_anisotrop.type_symbol 
_atom_site_anisotrop.pdbx_label_atom_id 
_atom_site_anisotrop.pdbx_label_alt_id 
_atom_site_anisotrop.pdbx_label_comp_id 
_atom_site_anisotrop.pdbx_label_asym_id 
_atom_site_anisotrop.pdbx_label_seq_id 
_atom_site_anisotrop.pdbx_PDB_ins_code 
_atom_site_anisotrop.U[1][1] 
_atom_site_anisotrop.U[2][2] 
_atom_site_anisotrop.U[3][3] 
_atom_site_anisotrop.U[1][2] 
_atom_site_anisotrop.U[1][3] 
_atom_site_anisotrop.U[2][3] 
_atom_site_anisotrop.pdbx_auth_seq_id 
_atom_site_anisotrop.pdbx_auth_comp_id 
_atom_site_anisotrop.pdbx_auth_asym_id 
_atom_site_anisotrop.pdbx_auth_atom_id 
1   N N   . GLY A 5  ? 0.93214 0.64186 1.10282 -0.00054 0.28295  0.00248  276 GLY A N   
2   C CA  . GLY A 5  ? 0.83741 0.56226 0.94975 -0.02292 0.26028  -0.01706 276 GLY A CA  
3   C C   . GLY A 5  ? 0.64584 0.37783 0.74645 -0.00961 0.21187  0.01378  276 GLY A C   
4   O O   . GLY A 5  ? 0.72038 0.44997 0.85305 0.01756  0.19144  0.05403  276 GLY A O   
5   N N   . PRO A 6  ? 0.60475 0.35287 0.65946 -0.03157 0.19461  -0.00373 277 PRO A N   
6   C CA  . PRO A 6  ? 0.48729 0.24474 0.52606 -0.02757 0.15582  0.02151  277 PRO A CA  
7   C C   . PRO A 6  ? 0.43507 0.23452 0.50022 -0.01539 0.12686  0.02718  277 PRO A C   
8   O O   . PRO A 6  ? 0.44504 0.26752 0.52009 -0.02337 0.13368  0.00019  277 PRO A O   
9   C CB  . PRO A 6  ? 0.60084 0.37126 0.58813 -0.05893 0.15662  -0.00863 277 PRO A CB  
10  C CG  . PRO A 6  ? 0.60050 0.39738 0.58875 -0.07420 0.17757  -0.04799 277 PRO A CG  
11  C CD  . PRO A 6  ? 0.67105 0.44154 0.68923 -0.06276 0.21003  -0.04685 277 PRO A CD  
12  N N   . ILE A 7  ? 0.33545 0.15728 0.40541 0.00061  0.09048  0.06093  278 ILE A N   
13  C CA  . ILE A 7  ? 0.28742 0.16007 0.37209 0.00742  0.05951  0.06132  278 ILE A CA  
14  C C   . ILE A 7  ? 0.36664 0.26696 0.41179 -0.01265 0.04715  0.03197  278 ILE A C   
15  O O   . ILE A 7  ? 0.35948 0.25550 0.36617 -0.02714 0.04367  0.02714  278 ILE A O   
16  C CB  . ILE A 7  ? 0.39712 0.29243 0.49306 0.02138  0.02575  0.10359  278 ILE A CB  
17  C CG1 . ILE A 7  ? 0.35833 0.23657 0.51196 0.04915  0.03660  0.13998  278 ILE A CG1 
18  C CG2 . ILE A 7  ? 0.33059 0.27616 0.43017 0.01886  -0.00242 0.09717  278 ILE A CG2 
19  C CD1 . ILE A 7  ? 0.40922 0.31895 0.57108 0.05993  0.00124  0.18807  278 ILE A CD1 
20  N N   . ARG A 8  ? 0.21716 0.14544 0.27455 -0.01310 0.04243  0.01401  279 ARG A N   
21  C CA  . ARG A 8  ? 0.23598 0.19083 0.26830 -0.02518 0.03153  -0.00664 279 ARG A CA  
22  C C   . ARG A 8  ? 0.23160 0.21221 0.27052 -0.01859 0.00719  0.00011  279 ARG A C   
23  O O   . ARG A 8  ? 0.19830 0.18666 0.26466 -0.00877 0.00185  0.01059  279 ARG A O   
24  C CB  . ARG A 8  ? 0.27571 0.24153 0.30856 -0.03703 0.04872  -0.03204 279 ARG A CB  
25  C CG  . ARG A 8  ? 0.36589 0.31041 0.38563 -0.05412 0.07799  -0.04727 279 ARG A CG  
26  C CD  . ARG A 8  ? 0.32022 0.24837 0.35855 -0.06142 0.10700  -0.05930 279 ARG A CD  
27  N NE  . ARG A 8  ? 0.28530 0.24759 0.32858 -0.06817 0.09977  -0.07038 279 ARG A NE  
28  C CZ  . ARG A 8  ? 0.30060 0.25592 0.36498 -0.07060 0.11632  -0.07687 279 ARG A CZ  
29  N NH1 . ARG A 8  ? 0.29713 0.21440 0.38893 -0.06088 0.14312  -0.07356 279 ARG A NH1 
30  N NH2 . ARG A 8  ? 0.27743 0.26274 0.33282 -0.07716 0.10407  -0.08371 279 ARG A NH2 
31  N N   . LYS A 9  ? 0.19836 0.19118 0.21472 -0.02586 -0.00273 -0.00874 280 LYS A N   
32  C CA  . LYS A 9  ? 0.17288 0.18131 0.19107 -0.02457 -0.01659 -0.00945 280 LYS A CA  
33  C C   . LYS A 9  ? 0.18631 0.20517 0.20732 -0.02341 -0.01114 -0.02454 280 LYS A C   
34  O O   . LYS A 9  ? 0.20495 0.22944 0.21840 -0.02682 -0.00414 -0.03448 280 LYS A O   
35  C CB  . LYS A 9  ? 0.22834 0.23650 0.22027 -0.03623 -0.02582 -0.00745 280 LYS A CB  
36  C CG  . LYS A 9  ? 0.38400 0.39686 0.37379 -0.03958 -0.04056 0.01699  280 LYS A CG  
37  C CD  . LYS A 9  ? 0.60891 0.63049 0.56513 -0.06176 -0.05136 0.01782  280 LYS A CD  
38  C CE  . LYS A 9  ? 0.75025 0.79326 0.70745 -0.06677 -0.07321 0.05040  280 LYS A CE  
39  N NZ  . LYS A 9  ? 0.79036 0.81770 0.74995 -0.05745 -0.07287 0.07548  280 LYS A NZ  
40  N N   . VAL A 10 ? 0.16526 0.19078 0.19898 -0.01922 -0.01492 -0.02336 281 VAL A N   
41  C CA  . VAL A 10 ? 0.13909 0.17589 0.17562 -0.01746 -0.01269 -0.02823 281 VAL A CA  
42  C C   . VAL A 10 ? 0.17166 0.20196 0.20892 -0.01476 -0.01823 -0.02477 281 VAL A C   
43  O O   . VAL A 10 ? 0.22427 0.25288 0.26747 -0.01756 -0.02137 -0.02200 281 VAL A O   
44  C CB  . VAL A 10 ? 0.17281 0.21966 0.21591 -0.02361 -0.00523 -0.03119 281 VAL A CB  
45  C CG1 . VAL A 10 ? 0.22942 0.29549 0.26997 -0.02533 -0.00925 -0.02802 281 VAL A CG1 
46  C CG2 . VAL A 10 ? 0.20920 0.25622 0.24787 -0.03277 0.00817  -0.03976 281 VAL A CG2 
47  N N   . LEU A 11 ? 0.17375 0.19990 0.20942 -0.00953 -0.01573 -0.02530 282 LEU A N   
48  C CA  . LEU A 11 ? 0.14389 0.15183 0.17742 -0.00899 -0.01329 -0.02379 282 LEU A CA  
49  C C   . LEU A 11 ? 0.22789 0.23951 0.26953 -0.00008 -0.01309 -0.01189 282 LEU A C   
50  O O   . LEU A 11 ? 0.22754 0.25746 0.28064 0.00960  -0.01372 -0.00451 282 LEU A O   
51  C CB  . LEU A 11 ? 0.19014 0.17891 0.21731 -0.01098 -0.00231 -0.03311 282 LEU A CB  
52  C CG  . LEU A 11 ? 0.25452 0.21357 0.27681 -0.01481 0.00974  -0.03642 282 LEU A CG  
53  C CD1 . LEU A 11 ? 0.42091 0.36421 0.42235 -0.03593 0.02060  -0.05423 282 LEU A CD1 
54  C CD2 . LEU A 11 ? 0.30667 0.25180 0.34980 0.00541  0.02240  -0.02689 282 LEU A CD2 
55  N N   . LEU A 12 ? 0.19929 0.19853 0.23513 -0.00523 -0.01312 -0.00763 283 LEU A N   
56  C CA  . LEU A 12 ? 0.19871 0.19331 0.23549 0.00149  -0.01275 0.00944  283 LEU A CA  
57  C C   . LEU A 12 ? 0.22168 0.17538 0.25051 -0.00051 -0.00078 0.00921  283 LEU A C   
58  O O   . LEU A 12 ? 0.25188 0.19136 0.27155 -0.01372 0.00501  -0.00739 283 LEU A O   
59  C CB  . LEU A 12 ? 0.24709 0.26349 0.27507 -0.01086 -0.01991 0.01510  283 LEU A CB  
60  C CG  . LEU A 12 ? 0.22280 0.23379 0.24416 -0.02773 -0.01627 0.00194  283 LEU A CG  
61  C CD1 . LEU A 12 ? 0.26501 0.24853 0.27421 -0.03451 -0.01046 0.00586  283 LEU A CD1 
62  C CD2 . LEU A 12 ? 0.22983 0.26610 0.24689 -0.04282 -0.01546 -0.00142 283 LEU A CD2 
63  N N   . LEU A 13 ? 0.22841 0.16515 0.26002 0.01036  0.00347  0.02997  284 LEU A N   
64  C CA  . LEU A 13 ? 0.26337 0.15081 0.28467 0.00719  0.02075  0.03201  284 LEU A CA  
65  C C   . LEU A 13 ? 0.29656 0.18150 0.29752 -0.00635 0.01530  0.04391  284 LEU A C   
66  O O   . LEU A 13 ? 0.27549 0.19001 0.27464 -0.00468 0.00069  0.06354  284 LEU A O   
67  C CB  . LEU A 13 ? 0.30307 0.16110 0.34665 0.03255  0.03590  0.05183  284 LEU A CB  
68  C CG  . LEU A 13 ? 0.34095 0.19971 0.40846 0.04454  0.04822  0.03736  284 LEU A CG  
69  C CD1 . LEU A 13 ? 0.39464 0.22961 0.50011 0.07549  0.06660  0.06048  284 LEU A CD1 
70  C CD2 . LEU A 13 ? 0.46002 0.28923 0.50537 0.01965  0.06625  0.00257  284 LEU A CD2 
71  N N   . LYS A 14 ? 0.30131 0.15293 0.28357 -0.02501 0.02912  0.03054  285 LYS A N   
72  C CA  . LYS A 14 ? 0.32223 0.16536 0.28167 -0.04347 0.02972  0.03669  285 LYS A CA  
73  C C   . LYS A 14 ? 0.40966 0.18951 0.35293 -0.04824 0.05403  0.04083  285 LYS A C   
74  O O   . LYS A 14 ? 0.51233 0.26758 0.45136 -0.06116 0.07194  0.01584  285 LYS A O   
75  C CB  . LYS A 14 ? 0.33378 0.20695 0.29086 -0.06762 0.02591  0.00996  285 LYS A CB  
76  C CG  . LYS A 14 ? 0.41246 0.28211 0.34895 -0.09107 0.03066  0.00972  285 LYS A CG  
77  C CD  . LYS A 14 ? 0.39176 0.29036 0.34002 -0.11188 0.03329  -0.01817 285 LYS A CD  
78  C CE  . LYS A 14 ? 0.43818 0.31351 0.37674 -0.13048 0.04813  -0.03418 285 LYS A CE  
79  N NZ  . LYS A 14 ? 0.47125 0.30253 0.37708 -0.14253 0.06404  -0.02577 285 LYS A NZ  
80  N N   . GLU A 15 ? 0.42947 0.18227 0.36105 -0.04101 0.05631  0.07344  286 GLU A N   
81  C CA  . GLU A 15 ? 0.49872 0.18162 0.40956 -0.04965 0.08397  0.07838  286 GLU A CA  
82  C C   . GLU A 15 ? 0.51247 0.19684 0.39372 -0.08868 0.09040  0.05062  286 GLU A C   
83  O O   . GLU A 15 ? 0.51952 0.25131 0.39710 -0.10525 0.07433  0.03969  286 GLU A O   
84  C CB  . GLU A 15 ? 0.64050 0.30173 0.54931 -0.02984 0.07985  0.12770  286 GLU A CB  
85  C CG  . GLU A 15 ? 0.89937 0.58449 0.84926 0.01063  0.06656  0.15886  286 GLU A CG  
86  C CD  . GLU A 15 ? 1.11470 0.76994 1.09749 0.03208  0.09023  0.14323  286 GLU A CD  
87  O OE1 . GLU A 15 ? 1.19428 0.80840 1.16292 0.01445  0.11750  0.11275  286 GLU A OE1 
88  O OE2 . GLU A 15 ? 1.14869 0.82946 1.17110 0.06274  0.08391  0.15885  286 GLU A OE2 
89  N N   . ASP A 16 ? 0.56263 0.21578 0.43341 -0.09881 0.11196  0.03451  287 ASP A N   
90  C CA  . ASP A 16 ? 0.60147 0.27273 0.45235 -0.13112 0.11757  0.00463  287 ASP A CA  
91  C C   . ASP A 16 ? 0.67103 0.35313 0.50176 -0.14593 0.10845  0.01737  287 ASP A C   
92  O O   . ASP A 16 ? 0.80229 0.52744 0.63244 -0.16635 0.10331  -0.00655 287 ASP A O   
93  C CB  . ASP A 16 ? 0.66204 0.29342 0.49584 -0.14119 0.14646  -0.01162 287 ASP A CB  
94  C CG  . ASP A 16 ? 0.83713 0.48694 0.67864 -0.14850 0.15640  -0.04211 287 ASP A CG  
95  O OD1 . ASP A 16 ? 0.74472 0.43584 0.60759 -0.14246 0.13782  -0.04735 287 ASP A OD1 
96  O OD2 . ASP A 16 ? 0.88685 0.51075 0.70932 -0.16331 0.18401  -0.05993 287 ASP A OD2 
97  N N   . HIS A 17 ? 0.59416 0.24638 0.41200 -0.13445 0.10545  0.05699  288 HIS A N   
98  C CA  . HIS A 17 ? 0.82651 0.49175 0.61666 -0.15395 0.09742  0.06992  288 HIS A CA  
99  C C   . HIS A 17 ? 0.70747 0.42833 0.50020 -0.16032 0.07524  0.07279  288 HIS A C   
100 O O   . HIS A 17 ? 0.66031 0.40178 0.42934 -0.18183 0.07031  0.07414  288 HIS A O   
101 C CB  . HIS A 17 ? 0.93963 0.56418 0.71526 -0.14075 0.09836  0.11829  288 HIS A CB  
102 C CG  . HIS A 17 ? 1.11739 0.75903 0.91093 -0.11101 0.07697  0.16535  288 HIS A CG  
103 N ND1 . HIS A 17 ? 1.19340 0.82313 1.02380 -0.07679 0.07637  0.17604  288 HIS A ND1 
104 C CD2 . HIS A 17 ? 1.16670 0.84728 0.94598 -0.11124 0.05485  0.19972  288 HIS A CD2 
105 C CE1 . HIS A 17 ? 1.14945 0.81074 0.99129 -0.05566 0.05103  0.21870  288 HIS A CE1 
106 N NE2 . HIS A 17 ? 1.16844 0.86305 0.97706 -0.07392 0.04118  0.23385  288 HIS A NE2 
107 N N   . GLU A 18 ? 0.44342 0.19164 0.39980 0.00031  0.02473  0.07231  289 GLU A N   
108 C CA  . GLU A 18 ? 0.37405 0.16500 0.32942 0.00834  0.02549  0.07074  289 GLU A CA  
109 C C   . GLU A 18 ? 0.45139 0.27379 0.42330 -0.00786 0.02838  0.06420  289 GLU A C   
110 O O   . GLU A 18 ? 0.42694 0.24653 0.41255 -0.02128 0.02653  0.05470  289 GLU A O   
111 C CB  . GLU A 18 ? 0.36954 0.17565 0.32283 0.02668  0.01761  0.05613  289 GLU A CB  
112 C CG  . GLU A 18 ? 0.41930 0.20838 0.35718 0.04884  0.01346  0.06160  289 GLU A CG  
113 C CD  . GLU A 18 ? 0.52737 0.33716 0.46931 0.06516  0.00664  0.04573  289 GLU A CD  
114 O OE1 . GLU A 18 ? 0.42572 0.24127 0.37812 0.06014  0.00533  0.03040  289 GLU A OE1 
115 O OE2 . GLU A 18 ? 0.53709 0.36010 0.47181 0.08324  0.00266  0.04876  289 GLU A OE2 
116 N N   . GLY A 19 ? 0.43778 0.29061 0.40700 -0.00431 0.03140  0.06779  290 GLY A N   
117 C CA  . GLY A 19 ? 0.33971 0.22360 0.32178 -0.01198 0.03121  0.05804  290 GLY A CA  
118 C C   . GLY A 19 ? 0.34119 0.24133 0.32391 -0.00259 0.02380  0.04362  290 GLY A C   
119 O O   . GLY A 19 ? 0.33565 0.22949 0.31117 0.01029  0.01939  0.04058  290 GLY A O   
120 N N   . LEU A 20 ? 0.27063 0.19245 0.26329 -0.00930 0.02267  0.03523  291 LEU A N   
121 C CA  . LEU A 20 ? 0.28717 0.22552 0.28077 -0.00342 0.01731  0.02436  291 LEU A CA  
122 C C   . LEU A 20 ? 0.31076 0.26356 0.29641 0.00670  0.01576  0.02641  291 LEU A C   
123 O O   . LEU A 20 ? 0.27912 0.24293 0.26563 0.01294  0.01103  0.01947  291 LEU A O   
124 C CB  . LEU A 20 ? 0.29237 0.24594 0.29561 -0.01273 0.01624  0.01753  291 LEU A CB  
125 C CG  . LEU A 20 ? 0.32513 0.27280 0.33628 -0.02200 0.01435  0.01121  291 LEU A CG  
126 C CD1 . LEU A 20 ? 0.28326 0.24923 0.30015 -0.02671 0.01228  0.00691  291 LEU A CD1 
127 C CD2 . LEU A 20 ? 0.25368 0.19194 0.26035 -0.01605 0.01094  0.00285  291 LEU A CD2 
128 N N   . GLY A 21 ? 0.26301 0.21900 0.24161 0.00779  0.01959  0.03491  292 GLY A N   
129 C CA  . GLY A 21 ? 0.29207 0.26209 0.26079 0.01736  0.01653  0.03454  292 GLY A CA  
130 C C   . GLY A 21 ? 0.26882 0.25605 0.24238 0.01381  0.01362  0.02551  292 GLY A C   
131 O O   . GLY A 21 ? 0.25591 0.25395 0.22593 0.01936  0.00738  0.01955  292 GLY A O   
132 N N   . ILE A 22 ? 0.19908 0.18826 0.18149 0.00473  0.01671  0.02377  293 ILE A N   
133 C CA  . ILE A 22 ? 0.21597 0.21575 0.20074 0.00326  0.01385  0.01653  293 ILE A CA  
134 C C   . ILE A 22 ? 0.23469 0.23972 0.22060 0.00191  0.02016  0.02038  293 ILE A C   
135 O O   . ILE A 22 ? 0.28689 0.28985 0.27833 -0.00319 0.02657  0.02777  293 ILE A O   
136 C CB  . ILE A 22 ? 0.22473 0.22489 0.21963 -0.00380 0.00973  0.00951  293 ILE A CB  
137 C CG1 . ILE A 22 ? 0.24752 0.24357 0.25118 -0.01126 0.01264  0.01115  293 ILE A CG1 
138 C CG2 . ILE A 22 ? 0.20838 0.20991 0.20467 -0.00246 0.00570  0.00588  293 ILE A CG2 
139 C CD1 . ILE A 22 ? 0.36484 0.36274 0.37356 -0.01641 0.00861  0.00544  293 ILE A CD1 
140 N N   . SER A 23 ? 0.18972 0.20221 0.17152 0.00651  0.01823  0.01472  294 SER A N   
141 C CA  . SER A 23 ? 0.17047 0.19245 0.15692 0.00719  0.02338  0.01534  294 SER A CA  
142 C C   . SER A 23 ? 0.17667 0.19741 0.17073 0.00520  0.01720  0.00737  294 SER A C   
143 O O   . SER A 23 ? 0.20133 0.21411 0.19099 0.00566  0.00981  0.00085  294 SER A O   
144 C CB  . SER A 23 ? 0.18960 0.22033 0.16158 0.01850  0.02705  0.01482  294 SER A CB  
145 O OG  . SER A 23 ? 0.24278 0.27507 0.20440 0.02117  0.03414  0.02538  294 SER A OG  
146 N N   . ILE A 24 ? 0.18039 0.20975 0.18627 0.00283  0.01995  0.00869  295 ILE A N   
147 C CA  . ILE A 24 ? 0.16866 0.19600 0.17954 0.00343  0.01363  0.00313  295 ILE A CA  
148 C C   . ILE A 24 ? 0.15931 0.19903 0.17233 0.01352  0.01596  0.00057  295 ILE A C   
149 O O   . ILE A 24 ? 0.18745 0.24434 0.20451 0.01652  0.02457  0.00452  295 ILE A O   
150 C CB  . ILE A 24 ? 0.18384 0.21184 0.20656 -0.00591 0.01131  0.00495  295 ILE A CB  
151 C CG1 . ILE A 24 ? 0.19798 0.24122 0.23477 -0.01102 0.01757  0.00995  295 ILE A CG1 
152 C CG2 . ILE A 24 ? 0.16279 0.17839 0.18102 -0.01239 0.00871  0.00490  295 ILE A CG2 
153 C CD1 . ILE A 24 ? 0.23114 0.27977 0.28098 -0.01835 0.01251  0.00825  295 ILE A CD1 
154 N N   . THR A 25 ? 0.16449 0.19525 0.17449 0.01944  0.00877  -0.00546 296 THR A N   
155 C CA  . THR A 25 ? 0.17369 0.21444 0.18642 0.03217  0.00918  -0.00936 296 THR A CA  
156 C C   . THR A 25 ? 0.18333 0.21480 0.20006 0.03309  0.00041  -0.01045 296 THR A C   
157 O O   . THR A 25 ? 0.23447 0.25190 0.24915 0.02336  -0.00472 -0.00794 296 THR A O   
158 C CB  . THR A 25 ? 0.22742 0.25993 0.22352 0.04525  0.00859  -0.01758 296 THR A CB  
159 O OG1 . THR A 25 ? 0.23066 0.27767 0.22952 0.06083  0.01148  -0.02199 296 THR A OG1 
160 C CG2 . THR A 25 ? 0.22846 0.23120 0.21296 0.04392  -0.00224 -0.02389 296 THR A CG2 
161 N N   . GLY A 26 ? 0.20172 0.24343 0.22365 0.04624  -0.00084 -0.01343 297 GLY A N   
162 C CA  . GLY A 26 ? 0.21577 0.24751 0.23862 0.05049  -0.01024 -0.01315 297 GLY A CA  
163 C C   . GLY A 26 ? 0.29122 0.34696 0.33194 0.04527  -0.01114 -0.00858 297 GLY A C   
164 O O   . GLY A 26 ? 0.26856 0.35027 0.32478 0.03853  -0.00403 -0.00645 297 GLY A O   
165 N N   . GLY A 27 ? 0.20666 0.25253 0.24439 0.04775  -0.02070 -0.00678 298 GLY A N   
166 C CA  . GLY A 27 ? 0.19922 0.26811 0.25180 0.04443  -0.02491 -0.00452 298 GLY A CA  
167 C C   . GLY A 27 ? 0.20275 0.27481 0.25582 0.06122  -0.03466 -0.00489 298 GLY A C   
168 O O   . GLY A 27 ? 0.23754 0.29611 0.28223 0.07759  -0.03670 -0.00745 298 GLY A O   
169 N N   . LYS A 28 ? 0.19393 0.28375 0.25625 0.05820  -0.04195 -0.00318 299 LYS A N   
170 C CA  . LYS A 28 ? 0.23256 0.32471 0.29239 0.07463  -0.05396 -0.00188 299 LYS A CA  
171 C C   . LYS A 28 ? 0.31083 0.42206 0.38304 0.09621  -0.05368 -0.00639 299 LYS A C   
172 O O   . LYS A 28 ? 0.28203 0.37459 0.34175 0.11555  -0.06163 -0.00558 299 LYS A O   
173 C CB  . LYS A 28 ? 0.20684 0.32547 0.27863 0.06745  -0.06210 -0.00194 299 LYS A CB  
174 C CG  . LYS A 28 ? 0.32327 0.45240 0.39443 0.08513  -0.07613 -0.00061 299 LYS A CG  
175 C CD  . LYS A 28 ? 0.41612 0.57586 0.50049 0.07597  -0.08516 -0.00351 299 LYS A CD  
176 C CE  . LYS A 28 ? 0.58939 0.76589 0.67419 0.09568  -0.10127 -0.00258 299 LYS A CE  
177 N NZ  . LYS A 28 ? 0.66633 0.79968 0.71543 0.10849  -0.10768 0.00707  299 LYS A NZ  
178 N N   . GLU A 29 ? 0.23613 0.38458 0.33246 0.09427  -0.04417 -0.01063 300 GLU A N   
179 C CA  . GLU A 29 ? 0.27606 0.45219 0.38707 0.11635  -0.04279 -0.01554 300 GLU A CA  
180 C C   . GLU A 29 ? 0.30644 0.45135 0.39679 0.13288  -0.03919 -0.01960 300 GLU A C   
181 O O   . GLU A 29 ? 0.29446 0.45131 0.38924 0.15701  -0.04058 -0.02498 300 GLU A O   
182 C CB  . GLU A 29 ? 0.23507 0.46249 0.37803 0.10763  -0.03121 -0.01728 300 GLU A CB  
183 C CG  . GLU A 29 ? 0.39574 0.61677 0.53303 0.09786  -0.01519 -0.01678 300 GLU A CG  
184 C CD  . GLU A 29 ? 0.42138 0.63078 0.55710 0.07015  -0.01102 -0.01159 300 GLU A CD  
185 O OE1 . GLU A 29 ? 0.25150 0.42852 0.37005 0.06155  -0.01913 -0.00974 300 GLU A OE1 
186 O OE2 . GLU A 29 ? 0.34812 0.58053 0.49901 0.05796  0.00117  -0.00879 300 GLU A OE2 
187 N N   . HIS A 30 ? 0.30064 0.40653 0.36898 0.12147  -0.03580 -0.01852 301 HIS A N   
188 C CA  . HIS A 30 ? 0.34397 0.41445 0.39069 0.13419  -0.03542 -0.02415 301 HIS A CA  
189 C C   . HIS A 30 ? 0.39184 0.41082 0.41422 0.13421  -0.04674 -0.02019 301 HIS A C   
190 O O   . HIS A 30 ? 0.41043 0.39270 0.41428 0.14007  -0.04833 -0.02497 301 HIS A O   
191 C CB  . HIS A 30 ? 0.38361 0.45081 0.42456 0.12119  -0.02397 -0.02664 301 HIS A CB  
192 C CG  . HIS A 30 ? 0.48199 0.59627 0.54431 0.11734  -0.01103 -0.02650 301 HIS A CG  
193 N ND1 . HIS A 30 ? 0.48816 0.61536 0.55962 0.09475  -0.00407 -0.02008 301 HIS A ND1 
194 C CD2 . HIS A 30 ? 0.37302 0.52480 0.44991 0.13305  -0.00314 -0.03093 301 HIS A CD2 
195 C CE1 . HIS A 30 ? 0.44605 0.61343 0.53628 0.09460  0.00757  -0.01909 301 HIS A CE1 
196 N NE2 . HIS A 30 ? 0.47664 0.66285 0.57134 0.11726  0.00916  -0.02541 301 HIS A NE2 
197 N N   . GLY A 31 ? 0.33994 0.35504 0.36105 0.12665  -0.05451 -0.01146 302 GLY A N   
198 C CA  . GLY A 31 ? 0.47267 0.44100 0.47007 0.12717  -0.06390 -0.00456 302 GLY A CA  
199 C C   . GLY A 31 ? 0.44499 0.37909 0.42679 0.10731  -0.06012 -0.00216 302 GLY A C   
200 O O   . GLY A 31 ? 0.44312 0.33389 0.40595 0.10819  -0.06579 0.00154  302 GLY A O   
201 N N   . VAL A 32 ? 0.27926 0.23165 0.26964 0.08932  -0.05100 -0.00377 303 VAL A N   
202 C CA  . VAL A 32 ? 0.28941 0.21738 0.26884 0.07092  -0.04775 -0.00194 303 VAL A CA  
203 C C   . VAL A 32 ? 0.28387 0.23377 0.27153 0.05264  -0.04232 0.00239  303 VAL A C   
204 O O   . VAL A 32 ? 0.29785 0.28032 0.30074 0.05258  -0.03992 0.00146  303 VAL A O   
205 C CB  . VAL A 32 ? 0.38761 0.30897 0.36482 0.07243  -0.04298 -0.01206 303 VAL A CB  
206 C CG1 . VAL A 32 ? 0.40345 0.29875 0.36984 0.09282  -0.04933 -0.01971 303 VAL A CG1 
207 C CG2 . VAL A 32 ? 0.34206 0.30245 0.33450 0.07228  -0.03346 -0.01634 303 VAL A CG2 
208 N N   . PRO A 33 ? 0.31954 0.25218 0.29832 0.03684  -0.04059 0.00661  304 PRO A N   
209 C CA  . PRO A 33 ? 0.29015 0.24105 0.27485 0.02209  -0.03535 0.00889  304 PRO A CA  
210 C C   . PRO A 33 ? 0.22697 0.20041 0.22488 0.01939  -0.02790 0.00275  304 PRO A C   
211 O O   . PRO A 33 ? 0.23677 0.21249 0.23696 0.02723  -0.02540 -0.00274 304 PRO A O   
212 C CB  . PRO A 33 ? 0.29120 0.22075 0.26526 0.00875  -0.03383 0.01316  304 PRO A CB  
213 C CG  . PRO A 33 ? 0.33731 0.23467 0.29863 0.01377  -0.04003 0.01696  304 PRO A CG  
214 C CD  . PRO A 33 ? 0.33813 0.23405 0.30220 0.03169  -0.04370 0.00950  304 PRO A CD  
215 N N   . ILE A 34 ? 0.19676 0.18461 0.20076 0.00874  -0.02416 0.00395  305 ILE A N   
216 C CA  . ILE A 34 ? 0.18440 0.18416 0.19624 0.00350  -0.01674 0.00107  305 ILE A CA  
217 C C   . ILE A 34 ? 0.21537 0.19959 0.21840 -0.00141 -0.01497 0.00012  305 ILE A C   
218 O O   . ILE A 34 ? 0.24408 0.22044 0.24208 -0.00976 -0.01554 0.00271  305 ILE A O   
219 C CB  . ILE A 34 ? 0.19042 0.20320 0.20984 -0.00579 -0.01474 0.00189  305 ILE A CB  
220 C CG1 . ILE A 34 ? 0.15777 0.18964 0.18931 -0.00317 -0.01852 0.00116  305 ILE A CG1 
221 C CG2 . ILE A 34 ? 0.21383 0.23130 0.23802 -0.01064 -0.00734 0.00119  305 ILE A CG2 
222 C CD1 . ILE A 34 ? 0.15609 0.20654 0.20129 0.00472  -0.01505 -0.00023 305 ILE A CD1 
223 N N   . LEU A 35 ? 0.19397 0.17722 0.19540 0.00407  -0.01288 -0.00413 306 LEU A N   
224 C CA  . LEU A 35 ? 0.18478 0.15504 0.17864 0.00061  -0.01416 -0.00728 306 LEU A CA  
225 C C   . LEU A 35 ? 0.25034 0.23288 0.24603 -0.00090 -0.00887 -0.00828 306 LEU A C   
226 O O   . LEU A 35 ? 0.21654 0.21237 0.21553 0.00421  -0.00362 -0.00744 306 LEU A O   
227 C CB  . LEU A 35 ? 0.20577 0.16085 0.19143 0.01014  -0.01882 -0.01381 306 LEU A CB  
228 C CG  . LEU A 35 ? 0.25729 0.19174 0.23786 0.01359  -0.02541 -0.01205 306 LEU A CG  
229 C CD1 . LEU A 35 ? 0.30887 0.22845 0.28150 0.02810  -0.02978 -0.02064 306 LEU A CD1 
230 C CD2 . LEU A 35 ? 0.28908 0.20557 0.26569 -0.00028 -0.02855 -0.00724 306 LEU A CD2 
231 N N   . ILE A 36 ? 0.21275 0.19195 0.20649 -0.00759 -0.01014 -0.00917 307 ILE A N   
232 C CA  . ILE A 36 ? 0.21544 0.20397 0.20791 -0.00590 -0.00721 -0.00997 307 ILE A CA  
233 C C   . ILE A 36 ? 0.23772 0.22376 0.22065 0.00270  -0.00982 -0.01664 307 ILE A C   
234 O O   . ILE A 36 ? 0.20584 0.18039 0.18449 0.00137  -0.01686 -0.02326 307 ILE A O   
235 C CB  . ILE A 36 ? 0.16671 0.15785 0.16233 -0.01332 -0.00861 -0.00963 307 ILE A CB  
236 C CG1 . ILE A 36 ? 0.20831 0.20317 0.20988 -0.01850 -0.00487 -0.00476 307 ILE A CG1 
237 C CG2 . ILE A 36 ? 0.21556 0.21507 0.20741 -0.00791 -0.00803 -0.01072 307 ILE A CG2 
238 C CD1 . ILE A 36 ? 0.18557 0.18744 0.19113 -0.02319 -0.00453 -0.00496 307 ILE A CD1 
239 N N   . SER A 37 ? 0.18252 0.17894 0.16120 0.01109  -0.00403 -0.01511 308 SER A N   
240 C CA  A SER A 37 ? 0.20916 0.20621 0.17460 0.02197  -0.00534 -0.02206 308 SER A CA  
241 C CA  B SER A 37 ? 0.20332 0.19980 0.16877 0.02177  -0.00571 -0.02232 308 SER A CA  
242 C C   . SER A 37 ? 0.20886 0.21047 0.16510 0.02365  -0.00774 -0.02353 308 SER A C   
243 O O   . SER A 37 ? 0.24648 0.24493 0.19052 0.03001  -0.01414 -0.03316 308 SER A O   
244 C CB  A SER A 37 ? 0.20946 0.22031 0.17344 0.03137  0.00397  -0.01850 308 SER A CB  
245 C CB  B SER A 37 ? 0.24919 0.25856 0.21288 0.03166  0.00307  -0.01955 308 SER A CB  
246 O OG  A SER A 37 ? 0.21277 0.22896 0.16007 0.04289  0.00531  -0.02332 308 SER A OG  
247 O OG  B SER A 37 ? 0.24830 0.26978 0.21882 0.02694  0.01173  -0.00855 308 SER A OG  
248 N N   . GLU A 38 ? 0.18752 0.19575 0.14814 0.01965  -0.00388 -0.01505 309 GLU A N   
249 C CA  . GLU A 38 ? 0.19542 0.20940 0.14644 0.02443  -0.00660 -0.01474 309 GLU A CA  
250 C C   . GLU A 38 ? 0.23409 0.24949 0.19457 0.01886  -0.00486 -0.00718 309 GLU A C   
251 O O   . GLU A 38 ? 0.19867 0.21099 0.16833 0.01336  0.00129  -0.00068 309 GLU A O   
252 C CB  . GLU A 38 ? 0.21076 0.23199 0.14520 0.03602  0.00022  -0.01005 309 GLU A CB  
253 C CG  . GLU A 38 ? 0.24788 0.27444 0.16546 0.04500  -0.00555 -0.01209 309 GLU A CG  
254 C CD  . GLU A 38 ? 0.32911 0.36315 0.22547 0.05751  0.00222  -0.00687 309 GLU A CD  
255 O OE1 . GLU A 38 ? 0.34929 0.38827 0.22769 0.06679  -0.00145 -0.00540 309 GLU A OE1 
256 O OE2 . GLU A 38 ? 0.35712 0.39474 0.25509 0.05859  0.01212  -0.00379 309 GLU A OE2 
257 N N   . ILE A 39 ? 0.19601 0.21707 0.15475 0.02122  -0.01150 -0.00977 310 ILE A N   
258 C CA  . ILE A 39 ? 0.22152 0.24510 0.18680 0.02108  -0.01048 -0.00392 310 ILE A CA  
259 C C   . ILE A 39 ? 0.26810 0.29533 0.21808 0.03361  -0.01162 0.00121  310 ILE A C   
260 O O   . ILE A 39 ? 0.23062 0.26705 0.17190 0.04004  -0.02003 -0.00541 310 ILE A O   
261 C CB  . ILE A 39 ? 0.20679 0.23906 0.18638 0.01446  -0.01715 -0.01073 310 ILE A CB  
262 C CG1 . ILE A 39 ? 0.23640 0.26241 0.22675 0.00251  -0.01467 -0.01239 310 ILE A CG1 
263 C CG2 . ILE A 39 ? 0.18060 0.21880 0.16556 0.01930  -0.01627 -0.00648 310 ILE A CG2 
264 C CD1 . ILE A 39 ? 0.31463 0.34974 0.31778 -0.00638 -0.01934 -0.01751 310 ILE A CD1 
265 N N   . HIS A 40 ? 0.20666 0.22510 0.15223 0.03689  -0.00408 0.01301  311 HIS A N   
266 C CA  . HIS A 40 ? 0.22970 0.24676 0.15565 0.04909  -0.00276 0.02211  311 HIS A CA  
267 C C   . HIS A 40 ? 0.23901 0.25846 0.16335 0.05887  -0.00992 0.02389  311 HIS A C   
268 O O   . HIS A 40 ? 0.26755 0.28243 0.20538 0.05629  -0.00976 0.02388  311 HIS A O   
269 C CB  . HIS A 40 ? 0.27318 0.27707 0.19471 0.04619  0.00989  0.03626  311 HIS A CB  
270 C CG  . HIS A 40 ? 0.24056 0.24949 0.16509 0.03975  0.01679  0.03446  311 HIS A CG  
271 N ND1 . HIS A 40 ? 0.27133 0.28987 0.17946 0.04756  0.01943  0.03411  311 HIS A ND1 
272 C CD2 . HIS A 40 ? 0.29890 0.30696 0.24027 0.02864  0.02084  0.03192  311 HIS A CD2 
273 C CE1 . HIS A 40 ? 0.35932 0.38319 0.27587 0.04222  0.02550  0.03132  311 HIS A CE1 
274 N NE2 . HIS A 40 ? 0.30299 0.32098 0.24021 0.03060  0.02580  0.03039  311 HIS A NE2 
275 N N   . PRO A 41 ? 0.27819 0.30664 0.18540 0.07199  -0.01693 0.02429  312 PRO A N   
276 C CA  . PRO A 41 ? 0.28326 0.32043 0.19115 0.08374  -0.02661 0.02371  312 PRO A CA  
277 C C   . PRO A 41 ? 0.36067 0.37813 0.26579 0.09047  -0.02109 0.03730  312 PRO A C   
278 O O   . PRO A 41 ? 0.30884 0.30580 0.19886 0.09173  -0.01198 0.05184  312 PRO A O   
279 C CB  . PRO A 41 ? 0.35263 0.40128 0.23681 0.09767  -0.03484 0.02326  312 PRO A CB  
280 C CG  . PRO A 41 ? 0.38922 0.42794 0.25480 0.09569  -0.02430 0.03000  312 PRO A CG  
281 C CD  . PRO A 41 ? 0.33818 0.37240 0.22364 0.07861  -0.01737 0.02362  312 PRO A CD  
282 N N   . GLY A 42 ? 0.28421 0.30781 0.20456 0.09478  -0.02644 0.03231  313 GLY A N   
283 C CA  . GLY A 42 ? 0.33392 0.33758 0.24959 0.10613  -0.02454 0.04232  313 GLY A CA  
284 C C   . GLY A 42 ? 0.30462 0.28238 0.22870 0.09506  -0.01439 0.04565  313 GLY A C   
285 O O   . GLY A 42 ? 0.31881 0.27467 0.23951 0.10400  -0.01353 0.05172  313 GLY A O   
286 N N   . GLN A 43 ? 0.26904 0.24742 0.20320 0.07711  -0.00805 0.04100  314 GLN A N   
287 C CA  . GLN A 43 ? 0.26649 0.22314 0.20848 0.06561  -0.00018 0.04277  314 GLN A CA  
288 C C   . GLN A 43 ? 0.27423 0.24264 0.23493 0.06087  -0.00239 0.02908  314 GLN A C   
289 O O   . GLN A 43 ? 0.24812 0.24219 0.21709 0.06495  -0.00846 0.02048  314 GLN A O   
290 C CB  . GLN A 43 ? 0.25868 0.21235 0.20005 0.05100  0.00769  0.04696  314 GLN A CB  
291 C CG  . GLN A 43 ? 0.32585 0.26610 0.24832 0.05463  0.01389  0.06353  314 GLN A CG  
292 C CD  . GLN A 43 ? 0.40691 0.34794 0.33351 0.04015  0.02363  0.06792  314 GLN A CD  
293 O OE1 . GLN A 43 ? 0.45419 0.41254 0.37470 0.04079  0.02557  0.06703  314 GLN A OE1 
294 N NE2 . GLN A 43 ? 0.40968 0.33378 0.34772 0.02765  0.02906  0.07101  314 GLN A NE2 
295 N N   . PRO A 44 ? 0.27681 0.22903 0.24423 0.05211  0.00223  0.02672  315 PRO A N   
296 C CA  . PRO A 44 ? 0.24976 0.21316 0.22976 0.05183  0.00076  0.01458  315 PRO A CA  
297 C C   . PRO A 44 ? 0.20377 0.19738 0.19526 0.04406  -0.00096 0.00637  315 PRO A C   
298 O O   . PRO A 44 ? 0.21173 0.22558 0.21261 0.04897  -0.00314 -0.00086 315 PRO A O   
299 C CB  . PRO A 44 ? 0.24541 0.18585 0.22683 0.04142  0.00519  0.01319  315 PRO A CB  
300 C CG  . PRO A 44 ? 0.26741 0.17746 0.23793 0.04344  0.00736  0.02505  315 PRO A CG  
301 C CD  . PRO A 44 ? 0.26255 0.18361 0.22477 0.04561  0.00794  0.03519  315 PRO A CD  
302 N N   . ALA A 45 ? 0.19022 0.18706 0.18217 0.03197  0.00051  0.00737  316 ALA A N   
303 C CA  . ALA A 45 ? 0.24832 0.26624 0.24985 0.02365  -0.00151 0.00055  316 ALA A CA  
304 C C   . ALA A 45 ? 0.24176 0.28171 0.24699 0.02985  -0.00821 -0.00269 316 ALA A C   
305 O O   . ALA A 45 ? 0.23428 0.29532 0.25245 0.02620  -0.01006 -0.00886 316 ALA A O   
306 C CB  . ALA A 45 ? 0.19014 0.20282 0.18937 0.01308  0.00019  0.00215  316 ALA A CB  
307 N N   . ASP A 46 ? 0.23702 0.27457 0.23116 0.03876  -0.01198 0.00164  317 ASP A N   
308 C CA  . ASP A 46 ? 0.20960 0.26984 0.20637 0.04596  -0.02099 -0.00286 317 ASP A CA  
309 C C   . ASP A 46 ? 0.23351 0.31060 0.24132 0.05672  -0.02375 -0.00585 317 ASP A C   
310 O O   . ASP A 46 ? 0.21295 0.31946 0.23573 0.05584  -0.02973 -0.01314 317 ASP A O   
311 C CB  . ASP A 46 ? 0.23853 0.29164 0.21570 0.05663  -0.02447 0.00333  317 ASP A CB  
312 C CG  . ASP A 46 ? 0.32160 0.39946 0.29925 0.06514  -0.03644 -0.00289 317 ASP A CG  
313 O OD1 . ASP A 46 ? 0.30605 0.40274 0.29754 0.05503  -0.04206 -0.01322 317 ASP A OD1 
314 O OD2 . ASP A 46 ? 0.32446 0.40221 0.28836 0.08137  -0.04102 0.00280  317 ASP A OD2 
315 N N   . ARG A 47 ? 0.20466 0.26390 0.20633 0.06731  -0.01978 -0.00085 318 ARG A N   
316 C CA  . ARG A 47 ? 0.21191 0.28555 0.22210 0.08242  -0.02244 -0.00440 318 ARG A CA  
317 C C   . ARG A 47 ? 0.19854 0.29233 0.22730 0.07512  -0.01769 -0.01307 318 ARG A C   
318 O O   . ARG A 47 ? 0.21828 0.33784 0.25991 0.08637  -0.01948 -0.01847 318 ARG A O   
319 C CB  . ARG A 47 ? 0.23759 0.27834 0.23291 0.09656  -0.02002 0.00302  318 ARG A CB  
320 C CG  . ARG A 47 ? 0.28753 0.31807 0.26526 0.11207  -0.02622 0.01305  318 ARG A CG  
321 C CD  . ARG A 47 ? 0.33048 0.32349 0.29401 0.12551  -0.02379 0.02167  318 ARG A CD  
322 N NE  . ARG A 47 ? 0.36565 0.32291 0.31488 0.11346  -0.01650 0.03266  318 ARG A NE  
323 C CZ  . ARG A 47 ? 0.44056 0.37016 0.39109 0.10343  -0.00980 0.03243  318 ARG A CZ  
324 N NH1 . ARG A 47 ? 0.35032 0.28054 0.31174 0.10513  -0.00916 0.02088  318 ARG A NH1 
325 N NH2 . ARG A 47 ? 0.37509 0.27893 0.31617 0.09148  -0.00375 0.04321  318 ARG A NH2 
326 N N   . CYS A 48 ? 0.20474 0.28998 0.23456 0.05791  -0.01146 -0.01394 319 CYS A N   
327 C CA  . CYS A 48 ? 0.26560 0.36830 0.30814 0.05051  -0.00565 -0.01991 319 CYS A CA  
328 C C   . CYS A 48 ? 0.23070 0.36181 0.28857 0.03548  -0.00714 -0.02250 319 CYS A C   
329 O O   . CYS A 48 ? 0.23718 0.39933 0.31168 0.03390  -0.00453 -0.02665 319 CYS A O   
330 C CB  . CYS A 48 ? 0.31126 0.38773 0.34406 0.04161  0.00092  -0.01889 319 CYS A CB  
331 S SG  . CYS A 48 ? 0.34925 0.44504 0.38971 0.03850  0.00891  -0.02583 319 CYS A SG  
332 N N   . GLY A 49 ? 0.18264 0.30386 0.23569 0.02453  -0.01114 -0.02028 320 GLY A N   
333 C CA  . GLY A 49 ? 0.22867 0.36631 0.29404 0.00801  -0.01312 -0.02281 320 GLY A CA  
334 C C   . GLY A 49 ? 0.22627 0.35574 0.29140 -0.00577 -0.00495 -0.02040 320 GLY A C   
335 O O   . GLY A 49 ? 0.25928 0.37812 0.31704 -0.00183 0.00176  -0.01900 320 GLY A O   
336 N N   . GLY A 50 ? 0.23825 0.37061 0.30986 -0.02192 -0.00661 -0.02011 321 GLY A N   
337 C CA  . GLY A 50 ? 0.18492 0.31008 0.25497 -0.03487 0.00029  -0.01570 321 GLY A CA  
338 C C   . GLY A 50 ? 0.19273 0.28536 0.24683 -0.03882 -0.00073 -0.01226 321 GLY A C   
339 O O   . GLY A 50 ? 0.18226 0.26673 0.23382 -0.04963 0.00241  -0.00780 321 GLY A O   
340 N N   . LEU A 51 ? 0.16990 0.24551 0.21315 -0.02960 -0.00446 -0.01319 322 LEU A N   
341 C CA  . LEU A 51 ? 0.19337 0.24502 0.22534 -0.03214 -0.00597 -0.01115 322 LEU A CA  
342 C C   . LEU A 51 ? 0.29084 0.33876 0.32205 -0.03366 -0.01389 -0.01546 322 LEU A C   
343 O O   . LEU A 51 ? 0.26254 0.32348 0.29726 -0.02857 -0.01895 -0.01976 322 LEU A O   
344 C CB  . LEU A 51 ? 0.22526 0.26356 0.24717 -0.02268 -0.00348 -0.00911 322 LEU A CB  
345 C CG  . LEU A 51 ? 0.27233 0.31036 0.29324 -0.02056 0.00214  -0.00795 322 LEU A CG  
346 C CD1 . LEU A 51 ? 0.29549 0.31825 0.30944 -0.01493 0.00333  -0.00620 322 LEU A CD1 
347 C CD2 . LEU A 51 ? 0.22667 0.26347 0.24607 -0.02916 0.00482  -0.00599 322 LEU A CD2 
348 N N   . HIS A 52 ? 0.17930 0.20905 0.20456 -0.03897 -0.01607 -0.01534 323 HIS A N   
349 C CA  . HIS A 52 ? 0.19367 0.21630 0.21624 -0.04008 -0.02449 -0.02214 323 HIS A CA  
350 C C   . HIS A 52 ? 0.21500 0.21694 0.22391 -0.03317 -0.02485 -0.02268 323 HIS A C   
351 O O   . HIS A 52 ? 0.20808 0.19988 0.21402 -0.03338 -0.02040 -0.01728 323 HIS A O   
352 C CB  . HIS A 52 ? 0.26290 0.28399 0.29567 -0.05583 -0.02861 -0.02379 323 HIS A CB  
353 C CG  . HIS A 52 ? 0.28366 0.33307 0.33420 -0.06316 -0.02813 -0.02427 323 HIS A CG  
354 N ND1 . HIS A 52 ? 0.31291 0.38109 0.37219 -0.06201 -0.03645 -0.03259 323 HIS A ND1 
355 C CD2 . HIS A 52 ? 0.28601 0.35233 0.34758 -0.07020 -0.02028 -0.01804 323 HIS A CD2 
356 C CE1 . HIS A 52 ? 0.43264 0.53001 0.51091 -0.06835 -0.03389 -0.03137 323 HIS A CE1 
357 N NE2 . HIS A 52 ? 0.32968 0.42661 0.40923 -0.07319 -0.02311 -0.02253 323 HIS A NE2 
358 N N   . VAL A 53 ? 0.21789 0.21707 0.21814 -0.02542 -0.03038 -0.02985 324 VAL A N   
359 C CA  . VAL A 53 ? 0.19251 0.17529 0.18051 -0.01753 -0.03074 -0.03253 324 VAL A CA  
360 C C   . VAL A 53 ? 0.24480 0.20637 0.23372 -0.02527 -0.03421 -0.03340 324 VAL A C   
361 O O   . VAL A 53 ? 0.23021 0.18511 0.22498 -0.03684 -0.04042 -0.03688 324 VAL A O   
362 C CB  . VAL A 53 ? 0.22218 0.20691 0.19803 -0.00749 -0.03660 -0.04202 324 VAL A CB  
363 C CG1 . VAL A 53 ? 0.22471 0.19304 0.18763 0.00201  -0.03744 -0.04786 324 VAL A CG1 
364 C CG2 . VAL A 53 ? 0.23454 0.23599 0.20519 0.00210  -0.03152 -0.03690 324 VAL A CG2 
365 N N   . GLY A 54 ? 0.20648 0.15748 0.19048 -0.01922 -0.03052 -0.02941 325 GLY A N   
366 C CA  . GLY A 54 ? 0.23838 0.16643 0.22032 -0.02305 -0.03373 -0.02761 325 GLY A CA  
367 C C   . GLY A 54 ? 0.23676 0.16552 0.22468 -0.03306 -0.02951 -0.01644 325 GLY A C   
368 O O   . GLY A 54 ? 0.24084 0.14920 0.22429 -0.03547 -0.03180 -0.01184 325 GLY A O   
369 N N   . ASP A 55 ? 0.20962 0.15956 0.20512 -0.03776 -0.02381 -0.01208 326 ASP A N   
370 C CA  . ASP A 55 ? 0.24481 0.19877 0.24191 -0.04306 -0.01871 -0.00299 326 ASP A CA  
371 C C   . ASP A 55 ? 0.25440 0.20485 0.24598 -0.03362 -0.01758 -0.00006 326 ASP A C   
372 O O   . ASP A 55 ? 0.23007 0.18846 0.22251 -0.02455 -0.01624 -0.00345 326 ASP A O   
373 C CB  . ASP A 55 ? 0.22313 0.20013 0.22745 -0.04492 -0.01301 -0.00200 326 ASP A CB  
374 C CG  . ASP A 55 ? 0.23350 0.22201 0.24715 -0.05569 -0.01258 -0.00215 326 ASP A CG  
375 O OD1 . ASP A 55 ? 0.23542 0.21324 0.25086 -0.06616 -0.01560 -0.00054 326 ASP A OD1 
376 O OD2 . ASP A 55 ? 0.25616 0.26485 0.27658 -0.05351 -0.00934 -0.00381 326 ASP A OD2 
377 N N   . ALA A 56 ? 0.21860 0.15983 0.20498 -0.03611 -0.01800 0.00709  327 ALA A N   
378 C CA  . ALA A 56 ? 0.20778 0.15365 0.19148 -0.02841 -0.01785 0.00987  327 ALA A CA  
379 C C   . ALA A 56 ? 0.21362 0.17723 0.20000 -0.03227 -0.01294 0.01127  327 ALA A C   
380 O O   . ALA A 56 ? 0.21660 0.18336 0.20087 -0.04013 -0.00974 0.01487  327 ALA A O   
381 C CB  . ALA A 56 ? 0.22372 0.15135 0.19717 -0.02659 -0.02231 0.01708  327 ALA A CB  
382 N N   . ILE A 57 ? 0.19734 0.17255 0.18851 -0.02703 -0.01211 0.00814  328 ILE A N   
383 C CA  . ILE A 57 ? 0.17251 0.15898 0.16433 -0.02976 -0.00940 0.00735  328 ILE A CA  
384 C C   . ILE A 57 ? 0.21294 0.19934 0.19739 -0.02785 -0.01359 0.01026  328 ILE A C   
385 O O   . ILE A 57 ? 0.22476 0.21493 0.21323 -0.02232 -0.01796 0.00905  328 ILE A O   
386 C CB  . ILE A 57 ? 0.16142 0.15656 0.16226 -0.02773 -0.00718 0.00281  328 ILE A CB  
387 C CG1 . ILE A 57 ? 0.18485 0.17971 0.18914 -0.02660 -0.00419 0.00136  328 ILE A CG1 
388 C CG2 . ILE A 57 ? 0.18990 0.19000 0.18954 -0.03049 -0.00570 -0.00005 328 ILE A CG2 
389 C CD1 . ILE A 57 ? 0.23757 0.23734 0.24783 -0.02473 -0.00091 0.00037  328 ILE A CD1 
390 N N   . LEU A 58 ? 0.18673 0.17225 0.16033 -0.03168 -0.01221 0.01430  329 LEU A N   
391 C CA  . LEU A 58 ? 0.19447 0.17985 0.15616 -0.02834 -0.01712 0.01796  329 LEU A CA  
392 C C   . LEU A 58 ? 0.22878 0.22739 0.19102 -0.02696 -0.01937 0.01034  329 LEU A C   
393 O O   . LEU A 58 ? 0.20878 0.21194 0.16710 -0.02244 -0.02683 0.00960  329 LEU A O   
394 C CB  . LEU A 58 ? 0.21316 0.19246 0.15917 -0.03293 -0.01369 0.02720  329 LEU A CB  
395 C CG  . LEU A 58 ? 0.22761 0.19002 0.17367 -0.03811 -0.01213 0.03494  329 LEU A CG  
396 C CD1 . LEU A 58 ? 0.29635 0.25569 0.22876 -0.04609 -0.00645 0.04625  329 LEU A CD1 
397 C CD2 . LEU A 58 ? 0.29681 0.24207 0.24100 -0.03019 -0.02017 0.03749  329 LEU A CD2 
398 N N   . ALA A 59 ? 0.20243 0.20639 0.16871 -0.03017 -0.01424 0.00400  330 ALA A N   
399 C CA  . ALA A 59 ? 0.18502 0.19548 0.15044 -0.02964 -0.01690 -0.00522 330 ALA A CA  
400 C C   . ALA A 59 ? 0.20311 0.21218 0.17729 -0.03126 -0.01133 -0.01115 330 ALA A C   
401 O O   . ALA A 59 ? 0.19203 0.20029 0.16903 -0.03181 -0.00524 -0.00798 330 ALA A O   
402 C CB  . ALA A 59 ? 0.22183 0.23649 0.16702 -0.02766 -0.01770 -0.00587 330 ALA A CB  
403 N N   . VAL A 60 ? 0.20534 0.21321 0.18440 -0.03204 -0.01461 -0.01978 331 VAL A N   
404 C CA  . VAL A 60 ? 0.18653 0.18759 0.17011 -0.03163 -0.01037 -0.02511 331 VAL A CA  
405 C C   . VAL A 60 ? 0.21279 0.20958 0.18876 -0.03078 -0.01475 -0.03690 331 VAL A C   
406 O O   . VAL A 60 ? 0.21449 0.21176 0.19348 -0.03467 -0.02269 -0.04208 331 VAL A O   
407 C CB  . VAL A 60 ? 0.23540 0.23098 0.23450 -0.03444 -0.00904 -0.02209 331 VAL A CB  
408 C CG1 . VAL A 60 ? 0.18476 0.18255 0.19477 -0.04017 -0.01484 -0.02439 331 VAL A CG1 
409 C CG2 . VAL A 60 ? 0.23410 0.21907 0.23412 -0.03173 -0.00480 -0.02472 331 VAL A CG2 
410 N N   . ASN A 61 ? 0.20608 0.20054 0.17267 -0.02498 -0.01029 -0.04254 332 ASN A N   
411 C CA  . ASN A 61 ? 0.27517 0.26384 0.22976 -0.02119 -0.01433 -0.05639 332 ASN A CA  
412 C C   . ASN A 61 ? 0.29502 0.29249 0.23689 -0.02226 -0.02205 -0.06000 332 ASN A C   
413 O O   . ASN A 61 ? 0.25825 0.25001 0.19641 -0.02368 -0.03110 -0.07228 332 ASN A O   
414 C CB  . ASN A 61 ? 0.25783 0.22616 0.22246 -0.02439 -0.01857 -0.06426 332 ASN A CB  
415 C CG  . ASN A 61 ? 0.29479 0.25197 0.26265 -0.01772 -0.01176 -0.06307 332 ASN A CG  
416 O OD1 . ASN A 61 ? 0.28994 0.25786 0.25126 -0.00889 -0.00516 -0.06206 332 ASN A OD1 
417 N ND2 . ASN A 61 ? 0.27026 0.20779 0.24871 -0.02176 -0.01313 -0.06200 332 ASN A ND2 
418 N N   . GLY A 62 ? 0.23691 0.24709 0.17105 -0.02153 -0.01950 -0.04920 333 GLY A N   
419 C CA  . GLY A 62 ? 0.29802 0.31641 0.21592 -0.01987 -0.02687 -0.05004 333 GLY A CA  
420 C C   . GLY A 62 ? 0.38727 0.40821 0.31668 -0.02442 -0.03772 -0.04840 333 GLY A C   
421 O O   . GLY A 62 ? 0.34707 0.37651 0.26321 -0.02128 -0.04573 -0.04798 333 GLY A O   
422 N N   . VAL A 63 ? 0.25085 0.26751 0.20399 -0.03048 -0.03787 -0.04673 334 VAL A N   
423 C CA  . VAL A 63 ? 0.25374 0.27906 0.22272 -0.03435 -0.04639 -0.04523 334 VAL A CA  
424 C C   . VAL A 63 ? 0.26645 0.29574 0.23783 -0.03085 -0.04281 -0.03087 334 VAL A C   
425 O O   . VAL A 63 ? 0.23440 0.25718 0.21242 -0.03159 -0.03402 -0.02403 334 VAL A O   
426 C CB  . VAL A 63 ? 0.23907 0.25974 0.23203 -0.04326 -0.04648 -0.04984 334 VAL A CB  
427 C CG1 . VAL A 63 ? 0.22292 0.26044 0.23611 -0.04747 -0.05355 -0.04788 334 VAL A CG1 
428 C CG2 . VAL A 63 ? 0.23571 0.24451 0.22485 -0.04716 -0.05132 -0.06506 334 VAL A CG2 
429 N N   . ASN A 64 ? 0.24362 0.28193 0.20790 -0.02582 -0.05089 -0.02718 335 ASN A N   
430 C CA  . ASN A 64 ? 0.23049 0.26646 0.19175 -0.02024 -0.04921 -0.01419 335 ASN A CA  
431 C C   . ASN A 64 ? 0.24676 0.28686 0.23210 -0.02089 -0.04794 -0.01204 335 ASN A C   
432 O O   . ASN A 64 ? 0.21319 0.26816 0.21663 -0.02283 -0.05385 -0.01779 335 ASN A O   
433 C CB  . ASN A 64 ? 0.24384 0.28701 0.18936 -0.01224 -0.06009 -0.01123 335 ASN A CB  
434 C CG  . ASN A 64 ? 0.33273 0.36608 0.26916 -0.00493 -0.05944 0.00310  335 ASN A CG  
435 O OD1 . ASN A 64 ? 0.25346 0.27322 0.19296 -0.00724 -0.05056 0.01000  335 ASN A OD1 
436 N ND2 . ASN A 64 ? 0.39141 0.42988 0.31538 0.00455  -0.07028 0.00726  335 ASN A ND2 
437 N N   . LEU A 65 ? 0.21226 0.24141 0.19818 -0.01958 -0.04018 -0.00443 336 LEU A N   
438 C CA  . LEU A 65 ? 0.17704 0.21002 0.18032 -0.01721 -0.03813 -0.00269 336 LEU A CA  
439 C C   . LEU A 65 ? 0.23551 0.26235 0.23273 -0.00706 -0.04158 0.00446  336 LEU A C   
440 O O   . LEU A 65 ? 0.23956 0.26703 0.24702 -0.00237 -0.03911 0.00507  336 LEU A O   
441 C CB  . LEU A 65 ? 0.21758 0.24179 0.22567 -0.02190 -0.02808 -0.00229 336 LEU A CB  
442 C CG  . LEU A 65 ? 0.24581 0.27161 0.26141 -0.02967 -0.02446 -0.00824 336 LEU A CG  
443 C CD1 . LEU A 65 ? 0.24720 0.26448 0.26473 -0.03099 -0.01584 -0.00604 336 LEU A CD1 
444 C CD2 . LEU A 65 ? 0.24656 0.28688 0.28052 -0.03367 -0.02797 -0.01246 336 LEU A CD2 
445 N N   . ARG A 66 ? 0.22167 0.24058 0.20021 -0.00240 -0.04711 0.01012  337 ARG A N   
446 C CA  . ARG A 66 ? 0.22205 0.22628 0.19137 0.00756  -0.05067 0.01846  337 ARG A CA  
447 C C   . ARG A 66 ? 0.35250 0.37167 0.33380 0.02037  -0.05934 0.01644  337 ARG A C   
448 O O   . ARG A 66 ? 0.37647 0.38251 0.35449 0.03141  -0.06161 0.02082  337 ARG A O   
449 C CB  . ARG A 66 ? 0.28319 0.27277 0.22658 0.00873  -0.05350 0.02820  337 ARG A CB  
450 C CG  . ARG A 66 ? 0.28282 0.25958 0.21525 -0.00262 -0.04355 0.03264  337 ARG A CG  
451 C CD  . ARG A 66 ? 0.35576 0.32630 0.26214 -0.00184 -0.04503 0.04270  337 ARG A CD  
452 N NE  . ARG A 66 ? 0.38389 0.34846 0.28069 -0.01280 -0.03410 0.04829  337 ARG A NE  
453 C CZ  . ARG A 66 ? 0.42647 0.40652 0.32298 -0.01847 -0.02782 0.04139  337 ARG A CZ  
454 N NH1 . ARG A 66 ? 0.35628 0.35263 0.26037 -0.01585 -0.03218 0.02828  337 ARG A NH1 
455 N NH2 . ARG A 66 ? 0.38216 0.36151 0.27223 -0.02690 -0.01720 0.04710  337 ARG A NH2 
456 N N   . ASP A 67 ? 0.26388 0.29351 0.24699 0.05773  -0.10070 0.09575  338 ASP A N   
457 C CA  . ASP A 67 ? 0.27369 0.32615 0.28759 0.07405  -0.11141 0.09835  338 ASP A CA  
458 C C   . ASP A 67 ? 0.27305 0.36040 0.30762 0.06999  -0.11261 0.08020  338 ASP A C   
459 O O   . ASP A 67 ? 0.32628 0.44525 0.37798 0.07321  -0.12318 0.07793  338 ASP A O   
460 C CB  . ASP A 67 ? 0.40732 0.47217 0.40586 0.07680  -0.12512 0.11186  338 ASP A CB  
461 C CG  . ASP A 67 ? 0.78839 0.86031 0.82091 0.09955  -0.13532 0.12404  338 ASP A CG  
462 O OD1 . ASP A 67 ? 0.89094 0.99593 0.93161 0.10320  -0.15070 0.12491  338 ASP A OD1 
463 O OD2 . ASP A 67 ? 0.94211 0.98578 0.99676 0.11363  -0.12757 0.13092  338 ASP A OD2 
464 N N   . THR A 68 ? 0.24603 0.32954 0.28170 0.06160  -0.10219 0.06827  339 THR A N   
465 C CA  . THR A 68 ? 0.20157 0.31357 0.25006 0.05350  -0.09573 0.04988  339 THR A CA  
466 C C   . THR A 68 ? 0.28146 0.39323 0.36036 0.06584  -0.08194 0.03680  339 THR A C   
467 O O   . THR A 68 ? 0.22385 0.30383 0.29963 0.07176  -0.07241 0.03210  339 THR A O   
468 C CB  . THR A 68 ? 0.22761 0.32768 0.24544 0.03313  -0.08550 0.03870  339 THR A CB  
469 O OG1 . THR A 68 ? 0.31100 0.37655 0.31542 0.03341  -0.07369 0.03532  339 THR A OG1 
470 C CG2 . THR A 68 ? 0.26459 0.36320 0.25235 0.02046  -0.09334 0.04298  339 THR A CG2 
471 N N   . LYS A 69 ? 0.17332 0.32326 0.28229 0.06793  -0.07971 0.02846  340 LYS A N   
472 C CA  . LYS A 69 ? 0.16982 0.32504 0.30070 0.07569  -0.06123 0.01195  340 LYS A CA  
473 C C   . LYS A 69 ? 0.16289 0.30255 0.26176 0.05918  -0.04554 0.00052  340 LYS A C   
474 O O   . LYS A 69 ? 0.17606 0.30688 0.24718 0.04268  -0.04839 0.00482  340 LYS A O   
475 C CB  . LYS A 69 ? 0.16493 0.37082 0.33858 0.07990  -0.05973 0.00687  340 LYS A CB  
476 C CG  . LYS A 69 ? 0.22463 0.45387 0.44062 0.10174  -0.07646 0.01914  340 LYS A CG  
477 C CD  . LYS A 69 ? 0.31974 0.60477 0.58261 0.10239  -0.07383 0.01243  340 LYS A CD  
478 C CE  . LYS A 69 ? 0.48946 0.78459 0.80070 0.12580  -0.07646 0.02062  340 LYS A CE  
479 N NZ  . LYS A 69 ? 0.50992 0.84909 0.86498 0.12661  -0.05942 0.00725  340 LYS A NZ  
480 N N   . HIS A 70 ? 0.20271 0.34114 0.30599 0.06465  -0.02858 -0.01454 341 HIS A N   
481 C CA  . HIS A 70 ? 0.15878 0.28544 0.22855 0.05114  -0.01656 -0.02159 341 HIS A CA  
482 C C   . HIS A 70 ? 0.15699 0.30229 0.21897 0.03349  -0.01317 -0.01531 341 HIS A C   
483 O O   . HIS A 70 ? 0.16192 0.28892 0.19619 0.02126  -0.01419 -0.00945 341 HIS A O   
484 C CB  . HIS A 70 ? 0.17394 0.30739 0.24704 0.05882  0.00121  -0.04066 341 HIS A CB  
485 C CG  . HIS A 70 ? 0.22177 0.34895 0.25671 0.04640  0.01041  -0.04539 341 HIS A CG  
486 N ND1 . HIS A 70 ? 0.29025 0.38968 0.30007 0.04469  0.00633  -0.05129 341 HIS A ND1 
487 C CD2 . HIS A 70 ? 0.26670 0.41446 0.28597 0.03495  0.02241  -0.04232 341 HIS A CD2 
488 C CE1 . HIS A 70 ? 0.29955 0.40650 0.27900 0.03430  0.01262  -0.05150 341 HIS A CE1 
489 N NE2 . HIS A 70 ? 0.23682 0.37051 0.21950 0.02889  0.02306  -0.04412 341 HIS A NE2 
490 N N   . LYS A 71 ? 0.14364 0.32529 0.23596 0.03192  -0.00863 -0.01644 342 LYS A N   
491 C CA  . LYS A 71 ? 0.16140 0.35746 0.25234 0.01245  -0.00232 -0.01160 342 LYS A CA  
492 C C   . LYS A 71 ? 0.18939 0.36924 0.26767 0.00029  -0.01741 -0.00415 342 LYS A C   
493 O O   . LYS A 71 ? 0.17493 0.34063 0.23694 -0.01477 -0.01197 -0.00039 342 LYS A O   
494 C CB  . LYS A 71 ? 0.16944 0.41148 0.30336 0.01095  0.00486  -0.01554 342 LYS A CB  
495 C CG  . LYS A 71 ? 0.21590 0.47206 0.35684 -0.01244 0.01302  -0.01088 342 LYS A CG  
496 C CD  . LYS A 71 ? 0.39334 0.70103 0.58262 -0.01510 0.02413  -0.01608 342 LYS A CD  
497 C CE  . LYS A 71 ? 0.57308 0.90063 0.78803 -0.03860 0.01951  -0.01439 342 LYS A CE  
498 N NZ  . LYS A 71 ? 0.65881 1.04530 0.93125 -0.04114 0.02704  -0.02049 342 LYS A NZ  
499 N N   . GLU A 72 ? 0.13187 0.31480 0.21818 0.00724  -0.03554 -0.00170 343 GLU A N   
500 C CA  . GLU A 72 ? 0.17059 0.34255 0.23956 -0.00453 -0.04881 0.00174  343 GLU A CA  
501 C C   . GLU A 72 ? 0.19286 0.32429 0.22510 -0.00715 -0.04549 0.00459  343 GLU A C   
502 O O   . GLU A 72 ? 0.17397 0.29227 0.19172 -0.02076 -0.04430 0.00320  343 GLU A O   
503 C CB  . GLU A 72 ? 0.21461 0.40260 0.29344 0.00543  -0.06937 0.00754  343 GLU A CB  
504 C CG  . GLU A 72 ? 0.29165 0.47587 0.34702 -0.00697 -0.08311 0.00879  343 GLU A CG  
505 C CD  . GLU A 72 ? 0.35889 0.55222 0.41496 0.00375  -0.10194 0.01846  343 GLU A CD  
506 O OE1 . GLU A 72 ? 0.32062 0.50684 0.35320 -0.00616 -0.10895 0.01580  343 GLU A OE1 
507 O OE2 . GLU A 72 ? 0.39340 0.59525 0.47264 0.02299  -0.10695 0.02760  343 GLU A OE2 
508 N N   . ALA A 73 ? 0.14849 0.26059 0.17012 0.00546  -0.04318 0.00644  344 ALA A N   
509 C CA  . ALA A 73 ? 0.18858 0.26951 0.18234 0.00224  -0.04061 0.00860  344 ALA A CA  
510 C C   . ALA A 73 ? 0.20140 0.27732 0.18648 -0.00665 -0.02843 0.00802  344 ALA A C   
511 O O   . ALA A 73 ? 0.22924 0.28721 0.20012 -0.01321 -0.02742 0.01092  344 ALA A O   
512 C CB  . ALA A 73 ? 0.22396 0.28794 0.21398 0.01445  -0.04102 0.00795  344 ALA A CB  
513 N N   . VAL A 74 ? 0.21092 0.30338 0.20501 -0.00571 -0.01795 0.00605  345 VAL A N   
514 C CA  . VAL A 74 ? 0.18413 0.27387 0.16880 -0.01441 -0.00647 0.01220  345 VAL A CA  
515 C C   . VAL A 74 ? 0.19883 0.28253 0.19182 -0.02839 -0.00573 0.01598  345 VAL A C   
516 O O   . VAL A 74 ? 0.22274 0.28606 0.20611 -0.03337 -0.00179 0.02306  345 VAL A O   
517 C CB  . VAL A 74 ? 0.17674 0.29156 0.16867 -0.01347 0.00725  0.01087  345 VAL A CB  
518 C CG1 . VAL A 74 ? 0.22558 0.33881 0.20786 -0.02445 0.01982  0.02440  345 VAL A CG1 
519 C CG2 . VAL A 74 ? 0.17832 0.29526 0.15825 -0.00059 0.00876  0.00092  345 VAL A CG2 
520 N N   . THR A 75 ? 0.15106 0.25381 0.16592 -0.03472 -0.00970 0.00994  346 THR A N   
521 C CA  . THR A 75 ? 0.19767 0.29561 0.22318 -0.05141 -0.00892 0.00706  346 THR A CA  
522 C C   . THR A 75 ? 0.20527 0.27587 0.21214 -0.05251 -0.01536 0.00358  346 THR A C   
523 O O   . THR A 75 ? 0.22114 0.26883 0.22718 -0.06051 -0.00764 0.00441  346 THR A O   
524 C CB  . THR A 75 ? 0.18923 0.32079 0.24203 -0.05836 -0.01691 -0.00221 346 THR A CB  
525 O OG1 . THR A 75 ? 0.16289 0.32259 0.23940 -0.05847 -0.00582 0.00047  346 THR A OG1 
526 C CG2 . THR A 75 ? 0.21002 0.33762 0.27388 -0.07915 -0.01830 -0.01223 346 THR A CG2 
527 N N   . ILE A 76 ? 0.20438 0.27599 0.19798 -0.04348 -0.02732 0.00100  347 ILE A N   
528 C CA  . ILE A 76 ? 0.21704 0.26915 0.19201 -0.04558 -0.03088 -0.00325 347 ILE A CA  
529 C C   . ILE A 76 ? 0.23724 0.26351 0.20269 -0.04090 -0.02159 0.00311  347 ILE A C   
530 O O   . ILE A 76 ? 0.24632 0.25445 0.21104 -0.04632 -0.01544 -0.00119 347 ILE A O   
531 C CB  . ILE A 76 ? 0.19322 0.25295 0.15482 -0.03707 -0.04373 -0.00117 347 ILE A CB  
532 C CG1 . ILE A 76 ? 0.17686 0.26709 0.14908 -0.04082 -0.05692 -0.00506 347 ILE A CG1 
533 C CG2 . ILE A 76 ? 0.19642 0.23742 0.13478 -0.03902 -0.04267 -0.00333 347 ILE A CG2 
534 C CD1 . ILE A 76 ? 0.21879 0.31772 0.18307 -0.02809 -0.07046 0.00539  347 ILE A CD1 
535 N N   . LEU A 77 ? 0.20682 0.23330 0.16754 -0.03029 -0.02091 0.01158  348 LEU A N   
536 C CA  . LEU A 77 ? 0.23190 0.24226 0.18543 -0.02549 -0.01651 0.01816  348 LEU A CA  
537 C C   . LEU A 77 ? 0.24627 0.24720 0.20891 -0.02991 -0.00689 0.02610  348 LEU A C   
538 O O   . LEU A 77 ? 0.24887 0.23310 0.21420 -0.02763 -0.00321 0.03029  348 LEU A O   
539 C CB  . LEU A 77 ? 0.22896 0.24603 0.17478 -0.01612 -0.01975 0.02166  348 LEU A CB  
540 C CG  . LEU A 77 ? 0.25008 0.26403 0.19069 -0.01174 -0.02720 0.01706  348 LEU A CG  
541 C CD1 . LEU A 77 ? 0.22738 0.24788 0.16779 -0.00443 -0.02953 0.01369  348 LEU A CD1 
542 C CD2 . LEU A 77 ? 0.24312 0.24479 0.17977 -0.01216 -0.02664 0.01843  348 LEU A CD2 
543 N N   . SER A 78 ? 0.22572 0.23751 0.19697 -0.03560 -0.00140 0.03027  349 SER A N   
544 C CA  . SER A 78 ? 0.24000 0.24053 0.22046 -0.04096 0.00963  0.04371  349 SER A CA  
545 C C   . SER A 78 ? 0.25758 0.23468 0.25543 -0.05117 0.01530  0.03698  349 SER A C   
546 O O   . SER A 78 ? 0.26130 0.21696 0.27018 -0.05239 0.02466  0.05016  349 SER A O   
547 C CB  . SER A 78 ? 0.28086 0.30206 0.26830 -0.04780 0.01744  0.04923  349 SER A CB  
548 O OG  . SER A 78 ? 0.34827 0.38917 0.31856 -0.03805 0.01591  0.05240  349 SER A OG  
549 N N   . GLN A 79 ? 0.21799 0.19916 0.21861 -0.05876 0.00996  0.01684  350 GLN A N   
550 C CA  . GLN A 79 ? 0.26006 0.22228 0.27458 -0.07131 0.01527  0.00148  350 GLN A CA  
551 C C   . GLN A 79 ? 0.27314 0.21362 0.28138 -0.06406 0.01764  -0.00603 350 GLN A C   
552 O O   . GLN A 79 ? 0.27639 0.19645 0.29691 -0.07266 0.02556  -0.02176 350 GLN A O   
553 C CB  . GLN A 79 ? 0.20751 0.19291 0.22334 -0.08413 0.00614  -0.01901 350 GLN A CB  
554 C CG  . GLN A 79 ? 0.38176 0.38808 0.41962 -0.09626 0.00798  -0.01690 350 GLN A CG  
555 C CD  . GLN A 79 ? 0.35677 0.39780 0.39902 -0.10515 -0.00620 -0.03378 350 GLN A CD  
556 O OE1 . GLN A 79 ? 0.26993 0.32135 0.29109 -0.09878 -0.01932 -0.04127 350 GLN A OE1 
557 N NE2 . GLN A 79 ? 0.48588 0.54872 0.55728 -0.12026 -0.00399 -0.03741 350 GLN A NE2 
558 N N   . GLN A 80 ? 0.24834 0.19399 0.24130 -0.04972 0.01256  0.00189  351 GLN A N   
559 C CA  . GLN A 80 ? 0.26048 0.19190 0.25309 -0.04297 0.01720  -0.00515 351 GLN A CA  
560 C C   . GLN A 80 ? 0.29125 0.19831 0.30692 -0.03509 0.02736  0.00772  351 GLN A C   
561 O O   . GLN A 80 ? 0.32228 0.23045 0.34200 -0.02931 0.02601  0.03055  351 GLN A O   
562 C CB  . GLN A 80 ? 0.21886 0.16598 0.19464 -0.03274 0.00924  0.00019  351 GLN A CB  
563 C CG  . GLN A 80 ? 0.26877 0.23572 0.22485 -0.03709 -0.00125 -0.00541 351 GLN A CG  
564 C CD  . GLN A 80 ? 0.29661 0.26671 0.24352 -0.04870 -0.00144 -0.02411 351 GLN A CD  
565 O OE1 . GLN A 80 ? 0.29719 0.25813 0.24011 -0.05112 0.00676  -0.03717 351 GLN A OE1 
566 N NE2 . GLN A 80 ? 0.27911 0.26679 0.22349 -0.05611 -0.01084 -0.02724 351 GLN A NE2 
567 N N   . ARG A 81 ? 0.26777 0.15354 0.29867 -0.03434 0.03825  -0.00671 352 ARG A N   
568 C CA  . ARG A 81 ? 0.26715 0.12563 0.32833 -0.02377 0.04876  0.00569  352 ARG A CA  
569 C C   . ARG A 81 ? 0.37743 0.23189 0.45019 -0.01208 0.05632  -0.00656 352 ARG A C   
570 O O   . ARG A 81 ? 0.36489 0.22596 0.42395 -0.01918 0.06047  -0.03271 352 ARG A O   
571 C CB  . ARG A 81 ? 0.33773 0.16364 0.42268 -0.03624 0.06133  -0.00326 352 ARG A CB  
572 C CG  . ARG A 81 ? 0.48935 0.32151 0.57070 -0.05094 0.05791  0.00725  352 ARG A CG  
573 C CD  . ARG A 81 ? 0.52092 0.32812 0.62475 -0.06974 0.06880  -0.01261 352 ARG A CD  
574 N NE  . ARG A 81 ? 0.56677 0.34571 0.69630 -0.06005 0.07770  0.00189  352 ARG A NE  
575 C CZ  . ARG A 81 ? 0.85612 0.61308 1.00564 -0.06766 0.08676  -0.01788 352 ARG A CZ  
576 N NH1 . ARG A 81 ? 0.86262 0.62762 1.00575 -0.08493 0.08620  -0.05330 352 ARG A NH1 
577 N NH2 . ARG A 81 ? 0.93092 0.66028 1.10596 -0.05801 0.09533  -0.00184 352 ARG A NH2 
578 N N   . GLY A 82 ? 0.29835 0.14475 0.39794 0.00604  0.05883  0.01336  353 GLY A N   
579 C CA  . GLY A 82 ? 0.29141 0.13554 0.41491 0.01952  0.06905  0.00247  353 GLY A CA  
580 C C   . GLY A 82 ? 0.31119 0.19177 0.41725 0.02275  0.06108  0.00048  353 GLY A C   
581 O O   . GLY A 82 ? 0.30421 0.20743 0.40394 0.02884  0.04615  0.02241  353 GLY A O   
582 N N   . GLU A 83 ? 0.28154 0.16861 0.37810 0.01662  0.07174  -0.02649 354 GLU A N   
583 C CA  . GLU A 83 ? 0.24114 0.15987 0.31910 0.01490  0.06672  -0.02739 354 GLU A CA  
584 C C   . GLU A 83 ? 0.26412 0.19495 0.30234 0.00151  0.05143  -0.02256 354 GLU A C   
585 O O   . GLU A 83 ? 0.31378 0.23689 0.33032 -0.01126 0.05090  -0.03475 354 GLU A O   
586 C CB  . GLU A 83 ? 0.25942 0.18246 0.33440 0.01084  0.08579  -0.05504 354 GLU A CB  
587 C CG  . GLU A 83 ? 0.28177 0.19702 0.40172 0.02641  0.10435  -0.06398 354 GLU A CG  
588 C CD  . GLU A 83 ? 0.38823 0.31312 0.49920 0.02057  0.12662  -0.09470 354 GLU A CD  
589 O OE1 . GLU A 83 ? 0.45952 0.40881 0.53640 0.00916  0.12468  -0.09574 354 GLU A OE1 
590 O OE2 . GLU A 83 ? 0.45898 0.36600 0.59592 0.02702  0.14733  -0.11753 354 GLU A OE2 
591 N N   . ILE A 84 ? 0.23862 0.18996 0.27123 0.00458  0.03847  -0.00630 355 ILE A N   
592 C CA  . ILE A 84 ? 0.23755 0.19815 0.24002 -0.00444 0.02517  -0.00145 355 ILE A CA  
593 C C   . ILE A 84 ? 0.23092 0.20955 0.22672 -0.00658 0.02336  -0.00055 355 ILE A C   
594 O O   . ILE A 84 ? 0.22745 0.21964 0.24032 -0.00066 0.01790  0.00881  355 ILE A O   
595 C CB  . ILE A 84 ? 0.32066 0.28301 0.32344 -0.00048 0.01252  0.01596  355 ILE A CB  
596 C CG1 . ILE A 84 ? 0.34849 0.29015 0.36538 0.00109  0.01879  0.01957  355 ILE A CG1 
597 C CG2 . ILE A 84 ? 0.28605 0.25638 0.26327 -0.00814 0.00241  0.01605  355 ILE A CG2 
598 C CD1 . ILE A 84 ? 0.47147 0.41344 0.48226 0.00024  0.01176  0.03509  355 ILE A CD1 
599 N N   . GLU A 85 ? 0.25738 0.23769 0.22956 -0.01621 0.02779  -0.00936 356 GLU A N   
600 C CA  . GLU A 85 ? 0.20978 0.20273 0.17622 -0.02068 0.02987  -0.00555 356 GLU A CA  
601 C C   . GLU A 85 ? 0.26237 0.25416 0.20900 -0.02519 0.01575  0.00447  356 GLU A C   
602 O O   . GLU A 85 ? 0.26469 0.25253 0.18747 -0.02982 0.01155  0.00352  356 GLU A O   
603 C CB  . GLU A 85 ? 0.27121 0.26782 0.22198 -0.02790 0.04643  -0.01746 356 GLU A CB  
604 C CG  . GLU A 85 ? 0.31904 0.32780 0.26388 -0.03477 0.05155  -0.00877 356 GLU A CG  
605 C CD  . GLU A 85 ? 0.53109 0.54916 0.45838 -0.04231 0.07223  -0.01899 356 GLU A CD  
606 O OE1 . GLU A 85 ? 0.56747 0.59496 0.48613 -0.05044 0.07916  -0.00846 356 GLU A OE1 
607 O OE2 . GLU A 85 ? 0.51115 0.52671 0.43311 -0.04138 0.08325  -0.03820 356 GLU A OE2 
608 N N   . PHE A 86 ? 0.20571 0.20266 0.16549 -0.02356 0.00819  0.01240  357 PHE A N   
609 C CA  . PHE A 86 ? 0.21049 0.20226 0.15945 -0.02606 -0.00272 0.01889  357 PHE A CA  
610 C C   . PHE A 86 ? 0.26042 0.25013 0.20445 -0.03430 0.00294  0.02514  357 PHE A C   
611 O O   . PHE A 86 ? 0.27753 0.27617 0.23744 -0.03883 0.01254  0.02481  357 PHE A O   
612 C CB  . PHE A 86 ? 0.20587 0.20293 0.17039 -0.02226 -0.01288 0.01940  357 PHE A CB  
613 C CG  . PHE A 86 ? 0.25693 0.25683 0.22177 -0.01489 -0.01836 0.01932  357 PHE A CG  
614 C CD1 . PHE A 86 ? 0.18327 0.19073 0.16420 -0.00907 -0.01594 0.02154  357 PHE A CD1 
615 C CD2 . PHE A 86 ? 0.28959 0.28561 0.24181 -0.01312 -0.02470 0.01934  357 PHE A CD2 
616 C CE1 . PHE A 86 ? 0.28355 0.29091 0.26378 -0.00276 -0.01991 0.02757  357 PHE A CE1 
617 C CE2 . PHE A 86 ? 0.34294 0.34322 0.29435 -0.00855 -0.02670 0.02215  357 PHE A CE2 
618 C CZ  . PHE A 86 ? 0.31100 0.31518 0.27418 -0.00409 -0.02446 0.02812  357 PHE A CZ  
619 N N   . GLU A 87 ? 0.21746 0.19681 0.14292 -0.03591 -0.00247 0.03318  358 GLU A N   
620 C CA  . GLU A 87 ? 0.20781 0.17820 0.13084 -0.04277 0.00066  0.04572  358 GLU A CA  
621 C C   . GLU A 87 ? 0.29047 0.24714 0.22788 -0.03942 -0.01013 0.04679  358 GLU A C   
622 O O   . GLU A 87 ? 0.25694 0.20847 0.18770 -0.03132 -0.01964 0.04697  358 GLU A O   
623 C CB  . GLU A 87 ? 0.29905 0.26722 0.19103 -0.04481 0.00137  0.05782  358 GLU A CB  
624 C CG  . GLU A 87 ? 0.39431 0.35247 0.28100 -0.05281 0.00822  0.07717  358 GLU A CG  
625 C CD  . GLU A 87 ? 0.60607 0.56805 0.46070 -0.05118 0.00659  0.09093  358 GLU A CD  
626 O OE1 . GLU A 87 ? 0.54313 0.51991 0.38175 -0.04663 0.00177  0.07951  358 GLU A OE1 
627 O OE2 . GLU A 87 ? 0.66072 0.61205 0.51331 -0.05205 0.01039  0.10929  358 GLU A OE2 
628 N N   . VAL A 88 ? 0.24573 0.19915 0.20614 -0.04625 -0.00785 0.04409  359 VAL A N   
629 C CA  . VAL A 88 ? 0.22809 0.16960 0.20440 -0.04481 -0.01667 0.03610  359 VAL A CA  
630 C C   . VAL A 88 ? 0.24421 0.16591 0.23831 -0.05614 -0.01143 0.04241  359 VAL A C   
631 O O   . VAL A 88 ? 0.25333 0.17835 0.25368 -0.06765 -0.00022 0.05156  359 VAL A O   
632 C CB  . VAL A 88 ? 0.22932 0.19037 0.21915 -0.04361 -0.02320 0.01889  359 VAL A CB  
633 C CG1 . VAL A 88 ? 0.23292 0.20543 0.20728 -0.03218 -0.02836 0.01568  359 VAL A CG1 
634 C CG2 . VAL A 88 ? 0.21229 0.19413 0.22209 -0.05205 -0.01755 0.01708  359 VAL A CG2 
635 N N   . VAL A 89 ? 0.24171 0.14156 0.24726 -0.05360 -0.01733 0.03627  360 VAL A N   
636 C CA  . VAL A 89 ? 0.27316 0.14641 0.30265 -0.06544 -0.01209 0.03912  360 VAL A CA  
637 C C   . VAL A 89 ? 0.27998 0.14193 0.32764 -0.06407 -0.01950 0.01394  360 VAL A C   
638 O O   . VAL A 89 ? 0.28572 0.14845 0.32313 -0.04970 -0.02606 0.00463  360 VAL A O   
639 C CB  . VAL A 89 ? 0.30652 0.14995 0.32820 -0.06266 -0.00686 0.06782  360 VAL A CB  
640 C CG1 . VAL A 89 ? 0.33393 0.16513 0.34713 -0.04314 -0.01644 0.07098  360 VAL A CG1 
641 C CG2 . VAL A 89 ? 0.34519 0.15637 0.39561 -0.07731 0.00168  0.07459  360 VAL A CG2 
642 N N   . TYR A 90 ? 0.29704 0.15275 0.37230 -0.08056 -0.01748 -0.00011 361 TYR A N   
643 C CA  . TYR A 90 ? 0.31171 0.15821 0.40208 -0.08228 -0.02388 -0.03046 361 TYR A CA  
644 C C   . TYR A 90 ? 0.41227 0.20871 0.51951 -0.07856 -0.01797 -0.02601 361 TYR A C   
645 O O   . TYR A 90 ? 0.50661 0.27981 0.62575 -0.08806 -0.00835 -0.00888 361 TYR A O   
646 C CB  . TYR A 90 ? 0.31714 0.18299 0.43213 -0.10320 -0.02726 -0.05296 361 TYR A CB  
647 C CG  . TYR A 90 ? 0.33702 0.20323 0.45335 -0.10389 -0.03485 -0.08756 361 TYR A CG  
648 C CD1 . TYR A 90 ? 0.41756 0.25583 0.54969 -0.11255 -0.02955 -0.09873 361 TYR A CD1 
649 C CD2 . TYR A 90 ? 0.35896 0.25618 0.45297 -0.09438 -0.04584 -0.10601 361 TYR A CD2 
650 C CE1 . TYR A 90 ? 0.48133 0.32197 0.60947 -0.11241 -0.03467 -0.13025 361 TYR A CE1 
651 C CE2 . TYR A 90 ? 0.34497 0.24772 0.42904 -0.09402 -0.04979 -0.13408 361 TYR A CE2 
652 C CZ  . TYR A 90 ? 0.41374 0.28754 0.51630 -0.10324 -0.04413 -0.14754 361 TYR A CZ  
653 O OH  . TYR A 90 ? 0.50196 0.37979 0.59641 -0.10399 -0.04688 -0.17723 361 TYR A OH  
654 N N   . VAL A 91 ? 0.57528 0.36225 0.67710 -0.06146 -0.02156 -0.03934 362 VAL A N   
655 C CA  . VAL A 91 ? 0.75496 0.50132 0.87027 -0.04906 -0.01571 -0.03099 362 VAL A CA  
656 C C   . VAL A 91 ? 0.79716 0.52742 0.92928 -0.05568 -0.01172 -0.06188 362 VAL A C   
657 O O   . VAL A 91 ? 0.67937 0.43144 0.80592 -0.05858 -0.01616 -0.09549 362 VAL A O   
658 C CB  . VAL A 91 ? 0.82644 0.57796 0.93091 -0.02402 -0.02045 -0.02575 362 VAL A CB  
659 C CG1 . VAL A 91 ? 0.73829 0.50611 0.81856 -0.01694 -0.02348 0.01170  362 VAL A CG1 
660 C CG2 . VAL A 91 ? 0.82107 0.61066 0.90707 -0.02022 -0.02524 -0.05553 362 VAL A CG2 
661 O OXT . VAL A 91 ? 0.82428 0.52064 0.97284 -0.05882 -0.00453 -0.05263 362 VAL A OXT 
662 N N   . THR B 3  ? 0.45490 0.91158 0.59314 0.13902  0.00359  -0.15441 208 THR B N   
663 C CA  . THR B 3  ? 0.45344 0.89674 0.58406 0.10041  0.02532  -0.12809 208 THR B CA  
664 C C   . THR B 3  ? 0.49468 0.92991 0.64359 0.09479  0.01174  -0.12509 208 THR B C   
665 O O   . THR B 3  ? 0.67651 1.16591 0.85826 0.10534  0.00544  -0.14930 208 THR B O   
666 C CB  . THR B 3  ? 0.52550 1.03281 0.67088 0.07595  0.06150  -0.13087 208 THR B CB  
667 O OG1 . THR B 3  ? 0.77353 1.27847 0.88397 0.07732  0.07949  -0.11922 208 THR B OG1 
668 C CG2 . THR B 3  ? 0.51620 1.01397 0.67749 0.03690  0.07928  -0.11251 208 THR B CG2 
669 N N   . GLN B 4  ? 0.34931 0.72457 0.47641 0.08261  0.00561  -0.09935 209 GLN B N   
670 C CA  . GLN B 4  ? 0.36638 0.74299 0.50544 0.07246  -0.00130 -0.09537 209 GLN B CA  
671 C C   . GLN B 4  ? 0.26387 0.57481 0.37206 0.06139  -0.00598 -0.06698 209 GLN B C   
672 O O   . GLN B 4  ? 0.33857 0.64875 0.45236 0.03778  0.00176  -0.06174 209 GLN B O   
673 C CB  . GLN B 4  ? 0.38208 0.78764 0.53729 0.10508  -0.02620 -0.11269 209 GLN B CB  
674 C CG  . GLN B 4  ? 0.47230 0.89476 0.63678 0.10377  -0.03668 -0.11459 209 GLN B CG  
675 C CD  . GLN B 4  ? 0.55586 1.04071 0.76395 0.08108  -0.02362 -0.14330 209 GLN B CD  
676 O OE1 . GLN B 4  ? 0.58923 1.10318 0.80726 0.09478  -0.03417 -0.16755 209 GLN B OE1 
677 N NE2 . GLN B 4  ? 0.61732 1.09935 0.84146 0.04280  0.00012  -0.13702 209 GLN B NE2 
678 N N   . ASN B 5  ? 0.30644 0.56517 0.38968 0.07700  -0.01830 -0.05245 210 ASN B N   
679 C CA  . ASN B 5  ? 0.28521 0.48928 0.34359 0.06356  -0.01868 -0.02911 210 ASN B CA  
680 C C   . ASN B 5  ? 0.24145 0.43597 0.28720 0.03923  0.00045  -0.02426 210 ASN B C   
681 O O   . ASN B 5  ? 0.24633 0.44802 0.28501 0.04327  0.00976  -0.03017 210 ASN B O   
682 C CB  . ASN B 5  ? 0.40292 0.55742 0.45041 0.08059  -0.03115 -0.01961 210 ASN B CB  
683 C CG  . ASN B 5  ? 0.47795 0.61516 0.52769 0.10021  -0.04717 -0.00579 210 ASN B CG  
684 O OD1 . ASN B 5  ? 0.48048 0.62345 0.52150 0.09643  -0.04893 0.00757  210 ASN B OD1 
685 N ND2 . ASN B 5  ? 0.37766 0.49403 0.43923 0.12450  -0.05931 -0.00870 210 ASN B ND2 
686 N N   . ILE B 6  ? 0.21665 0.39466 0.25640 0.01850  0.00481  -0.01329 211 ILE B N   
687 C CA  . ILE B 6  ? 0.20743 0.36439 0.23084 -0.00055 0.02050  -0.00344 211 ILE B CA  
688 C C   . ILE B 6  ? 0.20169 0.31551 0.20657 -0.00688 0.01140  0.00835  211 ILE B C   
689 O O   . ILE B 6  ? 0.23063 0.34092 0.23903 -0.00168 -0.00212 0.00975  211 ILE B O   
690 C CB  . ILE B 6  ? 0.21208 0.39887 0.26062 -0.02401 0.03995  -0.00622 211 ILE B CB  
691 C CG1 . ILE B 6  ? 0.19732 0.39722 0.27444 -0.03437 0.03017  -0.01583 211 ILE B CG1 
692 C CG2 . ILE B 6  ? 0.21806 0.45860 0.29000 -0.01913 0.05185  -0.02073 211 ILE B CG2 
693 C CD1 . ILE B 6  ? 0.30315 0.52297 0.41918 -0.06228 0.04808  -0.02246 211 ILE B CD1 
694 N N   . CYS B 7  ? 0.21336 0.29828 0.19540 -0.01449 0.01905  0.01727  212 CYS B N   
695 C CA  . CYS B 7  ? 0.20990 0.26138 0.17894 -0.02207 0.01136  0.02354  212 CYS B CA  
696 C C   . CYS B 7  ? 0.22235 0.26732 0.19798 -0.04185 0.02261  0.02878  212 CYS B C   
697 O O   . CYS B 7  ? 0.24570 0.29245 0.21748 -0.04816 0.04096  0.03764  212 CYS B O   
698 C CB  . CYS B 7  ? 0.22169 0.24153 0.16289 -0.01027 0.00533  0.02492  212 CYS B CB  
699 S SG  . CYS B 7  ? 0.31392 0.33234 0.26458 0.00943  -0.00717 0.01540  212 CYS B SG  
700 N N   . THR B 8  ? 0.21210 0.25284 0.20214 -0.05106 0.01272  0.02310  213 THR B N   
701 C CA  . THR B 8  ? 0.22741 0.25857 0.23851 -0.07031 0.01970  0.02249  213 THR B CA  
702 C C   . THR B 8  ? 0.23794 0.23027 0.22997 -0.06900 0.00778  0.02409  213 THR B C   
703 O O   . THR B 8  ? 0.21430 0.21394 0.20320 -0.06105 -0.00896 0.01367  213 THR B O   
704 C CB  . THR B 8  ? 0.21155 0.28458 0.27073 -0.07916 0.01400  0.00099  213 THR B CB  
705 O OG1 . THR B 8  ? 0.20622 0.32097 0.28543 -0.07730 0.02313  -0.00506 213 THR B OG1 
706 C CG2 . THR B 8  ? 0.23271 0.29206 0.32888 -0.10157 0.02060  -0.00506 213 THR B CG2 
707 N N   . ARG B 9  ? 0.26961 0.22392 0.25025 -0.07561 0.01727  0.03792  214 ARG B N   
708 C CA  A ARG B 9  ? 0.31406 0.23067 0.27843 -0.07074 0.00337  0.03638  214 ARG B CA  
709 C CA  B ARG B 9  ? 0.32012 0.23632 0.28441 -0.07084 0.00360  0.03665  214 ARG B CA  
710 C C   . ARG B 9  ? 0.34347 0.26290 0.35266 -0.08469 -0.00646 0.01774  214 ARG B C   
711 O O   . ARG B 9  ? 0.29706 0.22127 0.34812 -0.10338 0.00540  0.01617  214 ARG B O   
712 C CB  A ARG B 9  ? 0.40522 0.27605 0.33330 -0.06478 0.01493  0.06109  214 ARG B CB  
713 C CB  B ARG B 9  ? 0.40169 0.27251 0.33054 -0.06548 0.01598  0.06185  214 ARG B CB  
714 C CG  A ARG B 9  ? 0.47351 0.30837 0.37450 -0.04948 -0.00402 0.05655  214 ARG B CG  
715 C CG  B ARG B 9  ? 0.50875 0.33460 0.42742 -0.06012 0.00198  0.06114  214 ARG B CG  
716 C CD  A ARG B 9  ? 0.56846 0.36064 0.42409 -0.03500 0.00576  0.08347  214 ARG B CD  
717 C CD  B ARG B 9  ? 0.56994 0.36129 0.43061 -0.03630 0.00272  0.08000  214 ARG B CD  
718 N NE  A ARG B 9  ? 0.46140 0.21929 0.29219 -0.01603 -0.01548 0.07602  214 ARG B NE  
719 N NE  B ARG B 9  ? 0.57988 0.38825 0.41089 -0.02742 0.02205  0.09813  214 ARG B NE  
720 C CZ  A ARG B 9  ? 0.54731 0.28002 0.32550 0.01096  -0.01758 0.08950  214 ARG B CZ  
721 C CZ  B ARG B 9  ? 0.59261 0.39169 0.37094 0.00062  0.02018  0.10639  214 ARG B CZ  
722 N NH1 A ARG B 9  ? 0.52662 0.26796 0.27003 0.02209  0.00138  0.11171  214 ARG B NH1 
723 N NH1 B ARG B 9  ? 0.53361 0.30428 0.28514 0.02104  -0.00011 0.09869  214 ARG B NH1 
724 N NH2 A ARG B 9  ? 0.49134 0.19754 0.25075 0.03100  -0.04015 0.07736  214 ARG B NH2 
725 N NH2 B ARG B 9  ? 0.59024 0.41524 0.34398 0.01200  0.03632  0.11722  214 ARG B NH2 
726 N N   . ILE B 10 ? 0.27369 0.19711 0.28080 -0.07537 -0.02826 -0.00114 215 ILE B N   
727 C CA  . ILE B 10 ? 0.29503 0.22880 0.34570 -0.08260 -0.04261 -0.02741 215 ILE B CA  
728 C C   . ILE B 10 ? 0.45394 0.35464 0.48919 -0.07152 -0.06086 -0.03647 215 ILE B C   
729 O O   . ILE B 10 ? 0.43679 0.33301 0.50826 -0.07478 -0.07510 -0.05976 215 ILE B O   
730 C CB  . ILE B 10 ? 0.34894 0.34938 0.42173 -0.07712 -0.05421 -0.05233 215 ILE B CB  
731 C CG1 . ILE B 10 ? 0.47465 0.49384 0.50785 -0.05994 -0.06081 -0.04703 215 ILE B CG1 
732 C CG2 . ILE B 10 ? 0.37723 0.41219 0.47374 -0.08493 -0.04055 -0.05052 215 ILE B CG2 
733 C CD1 . ILE B 10 ? 0.57819 0.65646 0.61815 -0.05097 -0.06394 -0.05390 215 ILE B CD1 
734 O OXT . ILE B 10 ? 0.36625 0.24766 0.35772 -0.05702 -0.06414 -0.02631 215 ILE B OXT 
# 
